data_8C4U
#
_entry.id   8C4U
#
_cell.length_a   1.00
_cell.length_b   1.00
_cell.length_c   1.00
_cell.angle_alpha   90.00
_cell.angle_beta   90.00
_cell.angle_gamma   90.00
#
_symmetry.space_group_name_H-M   'P 1'
#
loop_
_entity.id
_entity.type
_entity.pdbx_description
1 polymer 'RNA-directed RNA polymerase L'
2 polymer "RNA (5'-R(P*UP*AP*GP*GP*AP*GP*UP*AP*UP*CP*CP*AP*CP*CP*GP*CP*AP*AP*GP*A)-3')"
3 polymer "RNA (5'-R(P*UP*UP*UP*UP*GP*CP*GP*GP*AP*GP*UP*AP*CP*UP*AP*CP*UP*A)-3')"
4 non-polymer 'MAGNESIUM ION'
#
loop_
_entity_poly.entity_id
_entity_poly.type
_entity_poly.pdbx_seq_one_letter_code
_entity_poly.pdbx_strand_id
1 'polypeptide(L)'
;MGHHHHHHDYDIPTTENLYFQGMDKYREIHNKLKEFSPGTLTAVECIDYLDRLYAVRHDIVDQMIKHDWSDNKDSEEAIG
KVLLFAGVPSNIITALEKKIIPNHPTGKSLKAFFKMTPANYKISGTTIEFVEVTVTADVDKGIREKKLKYEAGLTYIEQE
LHKFFLKGEIPQPYKITFNVVAVRTDGSNITTQWPSRRNDGVVQYMRLVQAEISYVREHLIKTEERAALEAMFNLKFNIS
THKSQPYYIPDYKGMEPIGANIEDLVDYSKDWLSRARNFSFFEVKGTAVFECFNSNEANHCQRYPMSRKPRNFLLIQCSL
ITSYKPATTLSDQIDSRRACSYILNLIPDTPASYLIHDMAYRYINLTREDMINYYAPRIQFKQTQNVREPGTFKLTSSML
RAESKAMLDLLNNHKSGEKHGAQIESLNIASHIVQSESVSLITKILSDLELNITEPSTQEYSTTKHTYVDTVLDKFFQNE
TQKYLIDVLKKTTAWHIGHLIRDITESLIAHSGLKRSKYWSLHSYNNGNVILFILPSKSLEVAGSFIRFITVFRIGPGLV
DKDNLDTILIDGDSQWGVSKVMSIDLNRLLALNIAFEKALIATATWFQYYTEDQGQFPLQYAIRSVFANHFLLAICQKMK
LCAIFDNLRYLIPAVTSLYSGFPSLIEKLFERPFKSSLEVYIYYNIKSLLVALAQNNKARFYSKVKLLGLTVDQSTVGAS
GVYPSFMSRIVYKHYRSLISEVTTCFFLFEKGLHGNMNEEAKIHLETVEWALKFREKEEKYGESLVENGYMMWELRANAE
LAEQQLYCQDAIELAAIELNKVLATKSSVVANSILSKNWEEPYFSQTRNISLKGMSGQVQEDGHLSSSVTIIEAIRYLSN
SRHNPSLLKLYEETREQKAMARIVRKYQRTEADRGFFITTLPTRCRLEIIEDYYDAIAKNISEEYISYGGEKKILAIQGA
LEKALRWASGESFIELSNHKFIRMKRKLMYVSADATKWSPGDNSAKFRRFTSMLHNGLPNNKLKNCVIDALKQVYKTDFF
MSRKLRNYIDSMESLDPHIKQFLDFFPDGHHGEVKGNWLQGNLNKCSSLFGVAMSLLFKQVWTNLFPELDCFFEFAHHSD
DALFIYGYLEPVDDGTDWFLFVSQQIQAGHLHWFSVNTEMWKSMFNLHEHILLLGSIKISPKKTTVSPTNAEFLSTFFEG
CAVSIPFVKILLGSLSDLPGLGYFDDLAAAQSRCVKALDLGASPQVAQLAVALCTSKVERLYGTAPGMVNHPAAYLQVKH
TDTPIPLGGNGAMSIMELATAGIGMSDKNLLKRALLGYSHKRQKSMLYILGLFKFLMKLSDETFQHERLGQFSFIGKVQW
KIFTPKSEFEFADMYTSKFLELWSSQHVTYDYIIPKGRDNLLIYLVRKLNDPSIVTAMTMQSPLQLRFRMQAKQHMKVCR
LDGEWVTFREVLAAANSFAENYSATSQDMDLFQTLTSCTFSKEYAWKDFLNGIHCDVIPTKQVQRAKVARTFTVREKDQI
IQNSIPAVIGYKFAVTVEEMSDVLDTAKFPDSLSVDLKTMKDGVYRELGLDISLPDVMKRIAPMLYKSSKSRVVIVQGNV
EGTAEAICRYWLKSMSLVKTIRVKPHKEVLQAVSIFNRKEDIGQQKDLAALKLCIEVWRWCKANSAPYRDWFQALWFEDK
TFSEWLDRFCRVGVPPIDPEIQCAALMIADIKGDYSVLQLQANRRAYSGKQYDAYCVQTYNEVTKLYEGDLRVTFNFGLD
CARLEIFWDKKAYILETSITQKHVLKIMMDEVSKELIKCGMRFNTEQVQGVRHMVLFKTESGFEWGKPNIPCIVYKNCVL
RTSLRTTQAINHKFMITIKDDGLRAIAQHDEDSPRFLLAHAFHTIRDIRYQAVDAVSNVWFIHKGVKLYLNPIISSGLLE
NFMKNLPAAIPPAAYSLIMNRAKISVDLFMFNDLLKLINPRNTLDLSGLETTGDEFSTVSSMSSRLWSEEMSLVDDDEEL
DDEFTIDLQDVDFENIDIEADIEHFLQDESSYTGDLLISTEETESKKMRGIVKILEPVRLIKSWVSRGLSIEKVYSPVNI
ILMSRYISKTFNLSTKQVSLLDPYDLTELESIVRGWGECVIDQFESLDREAQNMVVNKGICPEDVIPDSLFSFRHTMVLL
RRLFPQDSISSFY
;
A
2 'polyribonucleotide' UAGGAGUAUCCACCGCAAGA H
3 'polyribonucleotide' CUUUCUUUUGCGGAGUCUACUACUA T
#
loop_
_chem_comp.id
_chem_comp.type
_chem_comp.name
_chem_comp.formula
A RNA linking ADENOSINE-5'-MONOPHOSPHATE 'C10 H14 N5 O7 P'
C RNA linking CYTIDINE-5'-MONOPHOSPHATE 'C9 H14 N3 O8 P'
G RNA linking GUANOSINE-5'-MONOPHOSPHATE 'C10 H14 N5 O8 P'
MG non-polymer 'MAGNESIUM ION' 'Mg 2'
U RNA linking URIDINE-5'-MONOPHOSPHATE 'C9 H13 N2 O9 P'
#
# COMPACT_ATOMS: atom_id res chain seq x y z
N TYR A 248 5.72 -36.52 21.27
CA TYR A 248 4.59 -36.78 20.39
C TYR A 248 3.27 -36.43 21.07
N ILE A 249 2.88 -35.16 20.96
CA ILE A 249 1.65 -34.63 21.54
C ILE A 249 1.62 -34.97 23.03
N PRO A 250 2.41 -34.30 23.86
CA PRO A 250 2.44 -34.63 25.29
C PRO A 250 1.07 -34.39 25.94
N ASP A 251 0.78 -35.17 26.96
CA ASP A 251 -0.47 -35.02 27.69
C ASP A 251 -0.52 -33.66 28.37
N TYR A 252 -1.64 -32.95 28.20
CA TYR A 252 -1.83 -31.64 28.78
C TYR A 252 -3.13 -31.62 29.56
N LYS A 253 -3.18 -30.74 30.57
CA LYS A 253 -4.33 -30.70 31.46
C LYS A 253 -5.57 -30.15 30.75
N GLY A 254 -5.40 -29.29 29.75
CA GLY A 254 -6.54 -28.72 29.07
C GLY A 254 -7.35 -27.80 29.98
N MET A 255 -8.65 -27.78 29.73
CA MET A 255 -9.57 -26.97 30.52
C MET A 255 -10.91 -27.70 30.62
N GLU A 256 -11.67 -27.35 31.66
CA GLU A 256 -12.97 -27.94 31.92
C GLU A 256 -14.08 -26.93 31.69
N PRO A 257 -15.15 -27.30 31.01
CA PRO A 257 -16.24 -26.36 30.75
C PRO A 257 -16.87 -25.86 32.04
N ILE A 258 -17.26 -24.58 32.03
CA ILE A 258 -17.98 -24.02 33.17
C ILE A 258 -19.45 -24.40 33.10
N GLY A 259 -19.98 -24.60 31.90
CA GLY A 259 -21.36 -25.01 31.73
C GLY A 259 -22.39 -23.96 32.09
N ALA A 260 -22.14 -22.70 31.75
CA ALA A 260 -23.13 -21.66 31.96
C ALA A 260 -24.22 -21.76 30.91
N ASN A 261 -25.41 -21.30 31.28
CA ASN A 261 -26.59 -21.40 30.43
C ASN A 261 -26.76 -20.17 29.57
N ILE A 262 -27.32 -20.37 28.37
CA ILE A 262 -27.66 -19.25 27.51
C ILE A 262 -28.77 -18.42 28.13
N GLU A 263 -29.66 -19.05 28.90
CA GLU A 263 -30.75 -18.32 29.53
C GLU A 263 -30.24 -17.28 30.52
N ASP A 264 -29.09 -17.51 31.13
CA ASP A 264 -28.49 -16.49 31.99
C ASP A 264 -28.15 -15.24 31.21
N LEU A 265 -27.53 -15.41 30.03
CA LEU A 265 -27.22 -14.26 29.18
C LEU A 265 -28.50 -13.61 28.66
N VAL A 266 -29.53 -14.40 28.38
CA VAL A 266 -30.80 -13.82 27.93
C VAL A 266 -31.41 -12.97 29.03
N ASP A 267 -31.37 -13.45 30.27
CA ASP A 267 -31.88 -12.68 31.40
C ASP A 267 -31.08 -11.40 31.57
N TYR A 268 -29.75 -11.50 31.47
CA TYR A 268 -28.92 -10.30 31.59
C TYR A 268 -29.25 -9.29 30.50
N SER A 269 -29.45 -9.77 29.27
CA SER A 269 -29.78 -8.86 28.17
C SER A 269 -31.16 -8.24 28.37
N LYS A 270 -32.10 -9.00 28.93
CA LYS A 270 -33.41 -8.44 29.24
C LYS A 270 -33.27 -7.31 30.26
N ASP A 271 -32.48 -7.53 31.30
CA ASP A 271 -32.26 -6.48 32.30
C ASP A 271 -31.57 -5.27 31.68
N TRP A 272 -30.59 -5.52 30.80
CA TRP A 272 -29.86 -4.42 30.16
C TRP A 272 -30.78 -3.60 29.27
N LEU A 273 -31.62 -4.26 28.47
CA LEU A 273 -32.51 -3.58 27.55
C LEU A 273 -33.73 -2.99 28.23
N SER A 274 -34.02 -3.36 29.48
CA SER A 274 -35.11 -2.76 30.23
C SER A 274 -34.76 -1.39 30.80
N ARG A 275 -33.68 -0.77 30.32
CA ARG A 275 -33.23 0.52 30.82
C ARG A 275 -32.88 1.40 29.63
N ALA A 276 -32.91 2.72 29.87
CA ALA A 276 -32.59 3.67 28.81
C ALA A 276 -31.10 3.64 28.52
N ARG A 277 -30.74 3.29 27.29
CA ARG A 277 -29.35 3.18 26.87
C ARG A 277 -29.02 4.32 25.92
N ASN A 278 -27.92 5.02 26.20
CA ASN A 278 -27.49 6.10 25.33
C ASN A 278 -26.80 5.53 24.09
N PHE A 279 -26.97 6.22 22.96
CA PHE A 279 -26.35 5.77 21.72
C PHE A 279 -24.92 6.26 21.64
N SER A 280 -24.04 5.44 21.07
CA SER A 280 -22.63 5.78 20.94
C SER A 280 -22.34 6.62 19.70
N PHE A 281 -23.34 6.90 18.88
CA PHE A 281 -23.16 7.67 17.66
C PHE A 281 -24.04 8.92 17.70
N PHE A 282 -23.71 9.88 16.85
CA PHE A 282 -24.46 11.12 16.73
C PHE A 282 -25.01 11.24 15.32
N GLU A 283 -26.28 11.60 15.21
CA GLU A 283 -26.90 11.79 13.90
C GLU A 283 -26.30 13.00 13.21
N VAL A 284 -26.05 12.88 11.91
CA VAL A 284 -25.39 13.93 11.15
C VAL A 284 -26.41 15.00 10.77
N LYS A 285 -26.08 16.26 11.07
CA LYS A 285 -26.87 17.40 10.65
C LYS A 285 -25.92 18.54 10.28
N GLY A 286 -26.40 19.41 9.39
CA GLY A 286 -25.60 20.58 9.04
C GLY A 286 -25.32 21.46 10.23
N THR A 287 -26.33 21.65 11.09
CA THR A 287 -26.14 22.44 12.30
C THR A 287 -25.13 21.79 13.23
N ALA A 288 -25.19 20.46 13.37
CA ALA A 288 -24.27 19.77 14.26
C ALA A 288 -22.83 19.88 13.77
N VAL A 289 -22.61 19.66 12.48
CA VAL A 289 -21.26 19.77 11.92
C VAL A 289 -20.76 21.19 12.03
N PHE A 290 -21.63 22.17 11.74
CA PHE A 290 -21.23 23.57 11.87
C PHE A 290 -20.85 23.91 13.31
N GLU A 291 -21.62 23.42 14.28
CA GLU A 291 -21.31 23.68 15.68
C GLU A 291 -19.98 23.04 16.08
N CYS A 292 -19.75 21.80 15.64
CA CYS A 292 -18.48 21.14 15.96
C CYS A 292 -17.31 21.92 15.37
N PHE A 293 -17.44 22.34 14.11
CA PHE A 293 -16.37 23.09 13.46
C PHE A 293 -16.12 24.41 14.19
N ASN A 294 -17.18 25.12 14.55
CA ASN A 294 -17.03 26.41 15.21
C ASN A 294 -16.37 26.26 16.58
N SER A 295 -16.82 25.27 17.37
CA SER A 295 -16.26 25.08 18.69
C SER A 295 -14.79 24.68 18.62
N ASN A 296 -14.45 23.76 17.72
CA ASN A 296 -13.06 23.35 17.59
C ASN A 296 -12.19 24.50 17.08
N GLU A 297 -12.71 25.29 16.13
CA GLU A 297 -11.96 26.45 15.64
C GLU A 297 -11.70 27.45 16.76
N ALA A 298 -12.71 27.70 17.60
CA ALA A 298 -12.54 28.63 18.71
C ALA A 298 -11.53 28.11 19.72
N ASN A 299 -11.57 26.81 20.02
CA ASN A 299 -10.68 26.25 21.03
C ASN A 299 -9.27 25.97 20.51
N HIS A 300 -9.06 26.00 19.19
CA HIS A 300 -7.74 25.66 18.65
C HIS A 300 -6.66 26.65 19.09
N CYS A 301 -7.00 27.94 19.14
CA CYS A 301 -5.97 28.95 19.40
C CYS A 301 -5.30 28.79 20.75
N GLN A 302 -5.93 28.11 21.70
CA GLN A 302 -5.35 27.93 23.03
C GLN A 302 -4.40 26.75 23.11
N ARG A 303 -4.23 25.99 22.03
CA ARG A 303 -3.41 24.78 22.09
C ARG A 303 -2.02 24.98 21.50
N TYR A 304 -1.89 25.78 20.44
CA TYR A 304 -0.61 26.01 19.82
C TYR A 304 -0.26 27.49 19.83
N PRO A 305 1.02 27.84 20.02
CA PRO A 305 1.40 29.25 19.98
C PRO A 305 1.07 29.88 18.62
N MET A 306 0.60 31.11 18.66
CA MET A 306 0.22 31.80 17.43
C MET A 306 1.45 32.17 16.63
N SER A 307 1.33 32.07 15.30
CA SER A 307 2.43 32.34 14.39
C SER A 307 1.97 33.33 13.32
N ARG A 308 2.84 34.30 13.02
CA ARG A 308 2.52 35.34 12.05
C ARG A 308 3.11 35.10 10.68
N LYS A 309 4.01 34.14 10.54
CA LYS A 309 4.70 33.89 9.26
C LYS A 309 4.34 32.50 8.75
N PRO A 310 3.46 32.38 7.77
CA PRO A 310 3.19 31.07 7.16
C PRO A 310 4.46 30.50 6.55
N ARG A 311 4.65 29.19 6.70
CA ARG A 311 5.90 28.54 6.33
C ARG A 311 5.80 27.93 4.94
N ASN A 312 6.94 27.45 4.46
CA ASN A 312 7.05 26.97 3.09
C ASN A 312 6.23 25.71 2.88
N PHE A 313 5.68 25.57 1.67
CA PHE A 313 4.98 24.35 1.29
C PHE A 313 5.33 23.85 -0.10
N LEU A 314 6.22 24.53 -0.82
CA LEU A 314 6.64 24.12 -2.15
C LEU A 314 8.06 23.59 -2.08
N LEU A 315 8.25 22.34 -2.51
CA LEU A 315 9.59 21.76 -2.50
C LEU A 315 10.45 22.31 -3.63
N ILE A 316 9.85 22.58 -4.79
CA ILE A 316 10.55 23.17 -5.92
C ILE A 316 9.67 24.30 -6.46
N GLN A 317 10.23 25.51 -6.52
CA GLN A 317 9.54 26.67 -7.07
C GLN A 317 10.15 27.00 -8.43
N CYS A 318 9.33 27.00 -9.46
CA CYS A 318 9.79 27.35 -10.80
C CYS A 318 8.64 27.96 -11.57
N SER A 319 8.96 28.96 -12.39
CA SER A 319 7.97 29.68 -13.18
C SER A 319 8.28 29.51 -14.66
N LEU A 320 7.24 29.31 -15.46
CA LEU A 320 7.38 29.10 -16.89
C LEU A 320 6.46 30.06 -17.63
N ILE A 321 6.97 30.65 -18.70
CA ILE A 321 6.20 31.56 -19.52
C ILE A 321 6.07 31.11 -20.98
N THR A 322 6.97 30.26 -21.43
CA THR A 322 6.97 29.79 -22.83
C THR A 322 6.96 28.27 -22.84
N SER A 323 6.85 27.66 -24.00
CA SER A 323 6.87 26.21 -24.12
C SER A 323 8.22 25.68 -23.66
N TYR A 324 8.20 24.51 -23.01
CA TYR A 324 9.40 23.88 -22.51
C TYR A 324 9.74 22.67 -23.38
N LYS A 325 10.97 22.61 -23.83
CA LYS A 325 11.52 21.49 -24.57
C LYS A 325 12.42 20.65 -23.68
N PRO A 326 12.50 19.34 -23.93
CA PRO A 326 13.36 18.49 -23.09
C PRO A 326 14.81 18.94 -23.16
N ALA A 327 15.50 18.83 -22.03
CA ALA A 327 16.87 19.31 -21.94
C ALA A 327 17.82 18.44 -22.75
N THR A 328 18.72 18.99 -23.54
CA THR A 328 19.72 18.13 -24.23
C THR A 328 21.08 18.69 -23.83
N THR A 329 22.18 17.94 -23.90
CA THR A 329 23.43 18.53 -23.37
C THR A 329 23.79 19.83 -24.09
N LEU A 330 23.65 19.91 -25.42
CA LEU A 330 23.87 21.18 -26.16
C LEU A 330 22.82 22.21 -25.76
N SER A 331 21.60 21.76 -25.53
CA SER A 331 20.49 22.66 -25.14
C SER A 331 20.72 23.06 -23.71
N ASP A 332 21.80 22.58 -23.13
CA ASP A 332 22.13 22.87 -21.73
C ASP A 332 23.29 23.85 -21.63
N GLN A 333 24.31 23.67 -22.45
CA GLN A 333 25.47 24.55 -22.38
C GLN A 333 25.11 25.99 -22.73
N ILE A 334 24.34 26.18 -23.81
CA ILE A 334 23.93 27.51 -24.22
C ILE A 334 23.01 28.13 -23.17
N ASP A 335 22.10 27.33 -22.62
CA ASP A 335 21.21 27.84 -21.58
C ASP A 335 22.00 28.28 -20.36
N SER A 336 23.00 27.49 -19.96
CA SER A 336 23.83 27.86 -18.82
C SER A 336 24.59 29.16 -19.09
N ARG A 337 25.14 29.30 -20.30
CA ARG A 337 25.86 30.53 -20.63
C ARG A 337 24.93 31.75 -20.53
N ARG A 338 23.77 31.68 -21.18
CA ARG A 338 22.85 32.80 -21.14
C ARG A 338 22.38 33.09 -19.71
N ALA A 339 22.10 32.03 -18.95
CA ALA A 339 21.62 32.18 -17.59
C ALA A 339 22.67 32.84 -16.70
N CYS A 340 23.93 32.43 -16.84
CA CYS A 340 24.99 33.03 -16.04
C CYS A 340 25.21 34.49 -16.43
N SER A 341 25.10 34.81 -17.72
CA SER A 341 25.17 36.21 -18.12
C SER A 341 24.05 37.01 -17.46
N TYR A 342 22.82 36.47 -17.48
CA TYR A 342 21.70 37.16 -16.85
C TYR A 342 21.92 37.35 -15.36
N ILE A 343 22.44 36.32 -14.68
CA ILE A 343 22.62 36.41 -13.24
C ILE A 343 23.72 37.41 -12.89
N LEU A 344 24.85 37.36 -13.61
CA LEU A 344 25.91 38.31 -13.36
C LEU A 344 25.47 39.75 -13.65
N ASN A 345 24.54 39.94 -14.59
CA ASN A 345 24.00 41.27 -14.80
C ASN A 345 23.27 41.79 -13.57
N LEU A 346 22.68 40.90 -12.78
CA LEU A 346 21.87 41.30 -11.63
C LEU A 346 22.76 41.72 -10.46
N ILE A 347 22.13 42.23 -9.42
CA ILE A 347 22.78 42.72 -8.22
C ILE A 347 22.30 41.92 -7.02
N PRO A 348 23.17 41.26 -6.27
CA PRO A 348 22.71 40.45 -5.13
C PRO A 348 22.19 41.32 -3.99
N ASP A 349 21.24 40.76 -3.24
CA ASP A 349 20.65 41.43 -2.10
C ASP A 349 20.87 40.66 -0.81
N THR A 350 20.51 39.38 -0.78
CA THR A 350 20.55 38.53 0.40
C THR A 350 21.73 37.56 0.31
N PRO A 351 22.12 36.93 1.42
CA PRO A 351 23.23 35.96 1.35
C PRO A 351 23.01 34.85 0.35
N ALA A 352 21.76 34.38 0.19
CA ALA A 352 21.47 33.41 -0.86
C ALA A 352 21.75 34.00 -2.23
N SER A 353 21.36 35.27 -2.44
CA SER A 353 21.66 35.93 -3.70
C SER A 353 23.16 36.09 -3.90
N TYR A 354 23.89 36.36 -2.81
CA TYR A 354 25.34 36.45 -2.92
C TYR A 354 25.95 35.12 -3.33
N LEU A 355 25.46 34.03 -2.75
CA LEU A 355 25.96 32.70 -3.12
C LEU A 355 25.63 32.38 -4.58
N ILE A 356 24.43 32.74 -5.02
CA ILE A 356 24.05 32.53 -6.42
C ILE A 356 24.96 33.32 -7.34
N HIS A 357 25.21 34.59 -7.01
CA HIS A 357 26.07 35.42 -7.83
C HIS A 357 27.49 34.87 -7.89
N ASP A 358 28.01 34.41 -6.74
CA ASP A 358 29.35 33.83 -6.74
C ASP A 358 29.42 32.56 -7.55
N MET A 359 28.39 31.71 -7.47
CA MET A 359 28.34 30.51 -8.29
C MET A 359 28.34 30.85 -9.77
N ALA A 360 27.52 31.83 -10.16
CA ALA A 360 27.45 32.20 -11.57
C ALA A 360 28.78 32.78 -12.05
N TYR A 361 29.40 33.63 -11.24
CA TYR A 361 30.70 34.21 -11.62
C TYR A 361 31.76 33.14 -11.74
N ARG A 362 31.75 32.15 -10.84
CA ARG A 362 32.69 31.05 -10.95
C ARG A 362 32.44 30.23 -12.21
N TYR A 363 31.18 29.91 -12.50
CA TYR A 363 30.86 29.07 -13.64
C TYR A 363 31.24 29.74 -14.94
N ILE A 364 30.84 31.00 -15.13
CA ILE A 364 31.10 31.67 -16.39
C ILE A 364 32.59 31.89 -16.61
N ASN A 365 33.40 31.83 -15.56
CA ASN A 365 34.84 32.01 -15.67
C ASN A 365 35.61 30.69 -15.71
N LEU A 366 34.91 29.56 -15.74
CA LEU A 366 35.58 28.29 -16.02
C LEU A 366 36.23 28.34 -17.40
N THR A 367 37.44 27.81 -17.50
CA THR A 367 38.14 27.84 -18.77
C THR A 367 37.49 26.87 -19.75
N ARG A 368 37.95 26.93 -21.01
CA ARG A 368 37.35 26.11 -22.05
C ARG A 368 37.50 24.62 -21.76
N GLU A 369 38.68 24.21 -21.28
CA GLU A 369 38.97 22.79 -21.11
C GLU A 369 38.01 22.14 -20.11
N ASP A 370 37.70 22.82 -19.01
CA ASP A 370 36.72 22.23 -18.09
C ASP A 370 35.40 22.06 -18.83
N MET A 371 34.93 23.07 -19.55
CA MET A 371 33.62 22.96 -20.16
C MET A 371 33.59 21.90 -21.25
N ILE A 372 34.74 21.58 -21.86
CA ILE A 372 34.81 20.37 -22.66
C ILE A 372 34.66 19.13 -21.78
N ASN A 373 35.34 19.11 -20.64
CA ASN A 373 35.18 18.00 -19.70
C ASN A 373 33.81 18.05 -19.03
N TYR A 374 33.31 19.25 -18.76
CA TYR A 374 31.93 19.40 -18.32
C TYR A 374 30.98 18.98 -19.44
N TYR A 375 29.79 18.50 -19.05
CA TYR A 375 28.79 18.02 -19.98
C TYR A 375 29.28 16.83 -20.80
N ALA A 376 30.25 16.08 -20.29
CA ALA A 376 30.82 14.98 -21.04
C ALA A 376 30.71 13.67 -20.27
N PRO A 377 30.56 12.54 -20.97
CA PRO A 377 30.44 11.25 -20.27
C PRO A 377 31.71 10.86 -19.53
N ARG A 378 31.66 9.72 -18.84
CA ARG A 378 32.80 9.30 -18.03
C ARG A 378 34.04 9.04 -18.88
N ILE A 379 33.86 8.40 -20.04
CA ILE A 379 35.00 8.04 -20.88
C ILE A 379 35.71 9.29 -21.39
N GLN A 380 34.96 10.28 -21.83
CA GLN A 380 35.52 11.51 -22.39
C GLN A 380 35.80 12.57 -21.34
N PHE A 381 35.98 12.17 -20.08
CA PHE A 381 36.15 13.10 -18.98
C PHE A 381 37.54 12.95 -18.37
N LYS A 382 38.16 14.08 -18.04
CA LYS A 382 39.42 14.11 -17.32
C LYS A 382 39.35 15.19 -16.25
N GLN A 383 40.12 15.01 -15.18
CA GLN A 383 40.19 16.00 -14.12
C GLN A 383 41.01 17.20 -14.58
N THR A 384 40.47 18.40 -14.42
CA THR A 384 41.11 19.61 -14.94
C THR A 384 41.31 20.66 -13.86
N GLN A 385 41.57 20.22 -12.62
CA GLN A 385 41.94 21.09 -11.49
C GLN A 385 40.82 22.05 -11.12
N ASN A 386 39.73 22.03 -11.88
CA ASN A 386 38.55 22.83 -11.56
C ASN A 386 37.26 22.05 -11.72
N VAL A 387 37.27 20.90 -12.38
CA VAL A 387 36.09 20.06 -12.57
C VAL A 387 36.51 18.62 -12.35
N ARG A 388 36.22 18.08 -11.17
CA ARG A 388 36.67 16.75 -10.81
C ARG A 388 35.64 15.66 -11.08
N GLU A 389 34.45 16.03 -11.53
CA GLU A 389 33.41 15.08 -11.90
C GLU A 389 32.70 15.60 -13.14
N PRO A 390 32.04 14.72 -13.90
CA PRO A 390 31.50 15.15 -15.20
C PRO A 390 30.57 16.36 -15.15
N GLY A 391 29.74 16.48 -14.12
CA GLY A 391 28.78 17.57 -14.05
C GLY A 391 28.87 18.42 -12.81
N THR A 392 30.08 18.67 -12.32
CA THR A 392 30.27 19.47 -11.12
C THR A 392 31.42 20.45 -11.34
N PHE A 393 31.57 21.38 -10.39
CA PHE A 393 32.71 22.27 -10.37
C PHE A 393 32.97 22.68 -8.93
N LYS A 394 34.25 22.82 -8.59
CA LYS A 394 34.65 23.16 -7.23
C LYS A 394 34.55 24.66 -7.00
N LEU A 395 34.00 25.03 -5.84
CA LEU A 395 33.87 26.43 -5.43
C LEU A 395 34.48 26.55 -4.03
N THR A 396 35.76 26.91 -3.98
CA THR A 396 36.46 27.04 -2.72
C THR A 396 35.92 28.24 -1.93
N SER A 397 36.09 28.17 -0.60
CA SER A 397 35.65 29.26 0.26
C SER A 397 36.40 30.55 -0.05
N SER A 398 37.65 30.45 -0.51
CA SER A 398 38.40 31.63 -0.93
C SER A 398 37.78 32.29 -2.15
N MET A 399 36.97 31.56 -2.92
CA MET A 399 36.29 32.10 -4.08
C MET A 399 34.86 32.54 -3.74
N LEU A 400 34.63 32.95 -2.50
CA LEU A 400 33.33 33.37 -2.03
C LEU A 400 33.45 34.68 -1.28
N ARG A 401 32.36 35.45 -1.28
CA ARG A 401 32.31 36.72 -0.57
C ARG A 401 32.01 36.49 0.91
N ALA A 402 31.91 37.58 1.66
CA ALA A 402 31.60 37.47 3.08
C ALA A 402 30.18 36.94 3.30
N GLU A 403 29.21 37.45 2.55
CA GLU A 403 27.83 37.00 2.72
C GLU A 403 27.63 35.58 2.22
N SER A 404 28.37 35.19 1.17
CA SER A 404 28.27 33.81 0.68
C SER A 404 28.75 32.83 1.74
N LYS A 405 29.88 33.12 2.39
CA LYS A 405 30.35 32.25 3.44
C LYS A 405 29.50 32.36 4.70
N ALA A 406 28.82 33.49 4.90
CA ALA A 406 27.84 33.56 5.99
C ALA A 406 26.67 32.61 5.72
N MET A 407 26.19 32.56 4.48
CA MET A 407 25.16 31.60 4.12
C MET A 407 25.67 30.17 4.28
N LEU A 408 26.92 29.94 3.90
CA LEU A 408 27.51 28.61 4.07
C LEU A 408 27.57 28.21 5.55
N ASP A 409 27.92 29.15 6.42
CA ASP A 409 27.93 28.87 7.85
C ASP A 409 26.53 28.62 8.37
N LEU A 410 25.54 29.36 7.87
CA LEU A 410 24.15 29.10 8.24
C LEU A 410 23.76 27.68 7.87
N LEU A 411 24.16 27.23 6.68
CA LEU A 411 23.84 25.87 6.25
C LEU A 411 24.58 24.83 7.08
N ASN A 412 25.84 25.09 7.41
CA ASN A 412 26.67 24.09 8.08
C ASN A 412 26.88 24.46 9.54
N ASN A 413 25.88 25.06 10.16
CA ASN A 413 25.94 25.38 11.58
C ASN A 413 24.62 25.06 12.27
N GLN A 423 7.85 24.08 20.68
CA GLN A 423 8.20 25.23 19.86
C GLN A 423 7.35 25.31 18.60
N ILE A 424 6.63 24.23 18.31
CA ILE A 424 5.79 24.18 17.11
C ILE A 424 4.69 25.22 17.23
N GLU A 425 4.37 25.87 16.11
CA GLU A 425 3.42 26.97 16.08
C GLU A 425 2.42 26.76 14.97
N SER A 426 1.21 27.28 15.17
CA SER A 426 0.11 27.10 14.23
C SER A 426 -0.44 28.46 13.80
N LEU A 427 -0.78 28.56 12.53
CA LEU A 427 -1.44 29.77 12.05
C LEU A 427 -2.82 29.91 12.68
N ASN A 428 -3.24 31.15 12.87
CA ASN A 428 -4.52 31.44 13.51
C ASN A 428 -5.62 31.15 12.50
N ILE A 429 -6.03 29.87 12.40
CA ILE A 429 -7.06 29.48 11.46
C ILE A 429 -8.41 30.10 11.80
N ALA A 430 -8.63 30.42 13.07
CA ALA A 430 -9.89 31.06 13.47
C ALA A 430 -10.05 32.44 12.85
N SER A 431 -8.96 33.11 12.52
CA SER A 431 -9.03 34.43 11.91
C SER A 431 -9.51 34.33 10.47
N HIS A 432 -10.17 35.38 10.01
CA HIS A 432 -10.59 35.47 8.62
C HIS A 432 -9.48 35.98 7.72
N ILE A 433 -8.56 36.77 8.27
CA ILE A 433 -7.46 37.30 7.46
C ILE A 433 -6.56 36.18 6.97
N VAL A 434 -6.21 35.24 7.85
CA VAL A 434 -5.32 34.14 7.47
C VAL A 434 -5.97 33.29 6.39
N GLN A 435 -7.25 32.93 6.59
CA GLN A 435 -7.95 32.12 5.61
C GLN A 435 -8.05 32.84 4.27
N SER A 436 -8.38 34.12 4.28
CA SER A 436 -8.51 34.87 3.04
C SER A 436 -7.18 34.95 2.31
N GLU A 437 -6.09 35.21 3.04
CA GLU A 437 -4.78 35.28 2.41
C GLU A 437 -4.36 33.94 1.81
N SER A 438 -4.56 32.85 2.55
CA SER A 438 -4.17 31.54 2.05
C SER A 438 -4.97 31.17 0.81
N VAL A 439 -6.29 31.39 0.85
CA VAL A 439 -7.13 31.08 -0.30
C VAL A 439 -6.74 31.95 -1.50
N SER A 440 -6.47 33.24 -1.28
CA SER A 440 -6.07 34.11 -2.38
C SER A 440 -4.74 33.70 -2.99
N LEU A 441 -3.78 33.26 -2.17
CA LEU A 441 -2.49 32.85 -2.69
C LEU A 441 -2.59 31.55 -3.48
N ILE A 442 -3.27 30.55 -2.93
CA ILE A 442 -3.34 29.26 -3.61
C ILE A 442 -4.29 29.27 -4.81
N THR A 443 -5.34 30.10 -4.78
CA THR A 443 -6.13 30.31 -5.98
C THR A 443 -5.29 30.89 -7.10
N LYS A 444 -4.40 31.83 -6.76
CA LYS A 444 -3.50 32.39 -7.78
C LYS A 444 -2.53 31.35 -8.30
N ILE A 445 -1.99 30.51 -7.41
CA ILE A 445 -1.08 29.45 -7.87
C ILE A 445 -1.80 28.50 -8.83
N LEU A 446 -3.01 28.08 -8.46
CA LEU A 446 -3.77 27.18 -9.32
C LEU A 446 -4.12 27.86 -10.65
N SER A 447 -4.50 29.14 -10.62
CA SER A 447 -4.83 29.84 -11.85
C SER A 447 -3.62 29.94 -12.77
N ASP A 448 -2.45 30.21 -12.20
CA ASP A 448 -1.24 30.24 -13.01
C ASP A 448 -0.89 28.87 -13.56
N LEU A 449 -1.16 27.81 -12.79
CA LEU A 449 -0.92 26.46 -13.31
C LEU A 449 -1.93 26.05 -14.37
N GLU A 450 -3.09 26.69 -14.42
CA GLU A 450 -4.11 26.38 -15.41
C GLU A 450 -3.96 27.17 -16.70
N LEU A 451 -3.04 28.13 -16.76
CA LEU A 451 -2.93 29.00 -17.91
C LEU A 451 -2.44 28.24 -19.14
N ASN A 452 -2.74 28.79 -20.31
CA ASN A 452 -2.34 28.19 -21.58
C ASN A 452 -1.04 28.82 -22.06
N ILE A 453 -0.13 27.96 -22.52
CA ILE A 453 1.18 28.41 -23.00
C ILE A 453 1.08 28.68 -24.50
N THR A 454 1.59 29.83 -24.93
CA THR A 454 1.59 30.21 -26.33
C THR A 454 2.49 29.28 -27.15
N THR A 471 -4.86 0.42 -34.68
CA THR A 471 -5.87 -0.59 -34.43
C THR A 471 -7.10 0.02 -33.78
N VAL A 472 -7.97 -0.86 -33.24
CA VAL A 472 -9.15 -0.38 -32.52
C VAL A 472 -8.74 0.38 -31.26
N LEU A 473 -7.72 -0.13 -30.56
CA LEU A 473 -7.24 0.53 -29.34
C LEU A 473 -6.83 1.97 -29.62
N ASP A 474 -5.96 2.17 -30.61
CA ASP A 474 -5.47 3.51 -30.91
C ASP A 474 -6.59 4.40 -31.44
N LYS A 475 -7.48 3.84 -32.27
CA LYS A 475 -8.58 4.63 -32.80
C LYS A 475 -9.46 5.18 -31.68
N PHE A 476 -9.89 4.30 -30.76
CA PHE A 476 -10.75 4.75 -29.67
C PHE A 476 -9.99 5.67 -28.72
N PHE A 477 -8.71 5.41 -28.48
CA PHE A 477 -7.92 6.28 -27.63
C PHE A 477 -7.88 7.69 -28.19
N GLN A 478 -7.50 7.83 -29.47
CA GLN A 478 -7.42 9.15 -30.09
C GLN A 478 -8.79 9.79 -30.21
N ASN A 479 -9.85 9.00 -30.36
CA ASN A 479 -11.18 9.58 -30.51
C ASN A 479 -11.72 10.12 -29.18
N GLU A 480 -11.51 9.39 -28.08
CA GLU A 480 -12.15 9.72 -26.82
C GLU A 480 -11.20 10.38 -25.82
N THR A 481 -10.08 9.73 -25.50
CA THR A 481 -9.26 10.24 -24.40
C THR A 481 -8.22 11.26 -24.87
N GLN A 482 -7.52 10.96 -25.96
CA GLN A 482 -6.50 11.90 -26.44
C GLN A 482 -7.10 13.24 -26.82
N LYS A 483 -8.26 13.23 -27.49
CA LYS A 483 -8.87 14.47 -27.92
C LYS A 483 -9.40 15.29 -26.75
N TYR A 484 -9.95 14.62 -25.74
CA TYR A 484 -10.66 15.33 -24.67
C TYR A 484 -9.84 15.49 -23.40
N LEU A 485 -8.80 14.70 -23.20
CA LEU A 485 -7.95 14.85 -22.01
C LEU A 485 -6.54 15.29 -22.36
N ILE A 486 -5.82 14.52 -23.18
CA ILE A 486 -4.42 14.84 -23.46
C ILE A 486 -4.33 16.11 -24.32
N ASP A 487 -5.19 16.22 -25.33
CA ASP A 487 -5.18 17.42 -26.17
C ASP A 487 -5.50 18.67 -25.37
N VAL A 488 -6.36 18.56 -24.37
CA VAL A 488 -6.65 19.70 -23.51
C VAL A 488 -5.45 20.00 -22.62
N LEU A 489 -4.82 18.98 -22.07
CA LEU A 489 -3.75 19.19 -21.11
C LEU A 489 -2.41 19.53 -21.75
N LYS A 490 -2.27 19.40 -23.06
CA LYS A 490 -0.99 19.67 -23.70
C LYS A 490 -0.64 21.16 -23.73
N LYS A 491 -1.63 22.03 -23.51
CA LYS A 491 -1.40 23.47 -23.60
C LYS A 491 -1.33 24.15 -22.24
N THR A 492 -1.68 23.46 -21.16
CA THR A 492 -1.66 24.07 -19.84
C THR A 492 -0.23 24.27 -19.35
N THR A 493 -0.02 25.33 -18.56
CA THR A 493 1.28 25.56 -17.97
C THR A 493 1.68 24.46 -16.99
N ALA A 494 0.70 23.75 -16.41
CA ALA A 494 1.02 22.67 -15.49
C ALA A 494 1.75 21.54 -16.20
N TRP A 495 1.37 21.25 -17.44
CA TRP A 495 2.02 20.18 -18.20
C TRP A 495 3.50 20.48 -18.41
N HIS A 496 3.81 21.65 -18.93
CA HIS A 496 5.20 21.99 -19.21
C HIS A 496 5.98 22.25 -17.93
N ILE A 497 5.33 22.74 -16.89
CA ILE A 497 6.00 22.90 -15.60
C ILE A 497 6.33 21.54 -15.00
N GLY A 498 5.44 20.56 -15.16
CA GLY A 498 5.76 19.21 -14.73
C GLY A 498 6.94 18.64 -15.50
N HIS A 499 7.00 18.91 -16.81
CA HIS A 499 8.17 18.48 -17.58
C HIS A 499 9.44 19.15 -17.07
N LEU A 500 9.38 20.45 -16.80
CA LEU A 500 10.55 21.17 -16.29
C LEU A 500 10.98 20.64 -14.93
N ILE A 501 10.01 20.35 -14.06
CA ILE A 501 10.32 19.81 -12.75
C ILE A 501 10.92 18.41 -12.87
N ARG A 502 10.44 17.63 -13.83
CA ARG A 502 11.07 16.34 -14.11
C ARG A 502 12.53 16.52 -14.50
N ASP A 503 12.81 17.50 -15.36
CA ASP A 503 14.19 17.76 -15.76
C ASP A 503 15.04 18.20 -14.56
N ILE A 504 14.50 19.08 -13.72
CA ILE A 504 15.24 19.55 -12.55
C ILE A 504 15.53 18.41 -11.60
N THR A 505 14.54 17.55 -11.35
CA THR A 505 14.75 16.42 -10.47
C THR A 505 15.74 15.42 -11.06
N GLU A 506 15.74 15.25 -12.39
CA GLU A 506 16.75 14.39 -13.00
C GLU A 506 18.14 14.97 -12.83
N SER A 507 18.28 16.30 -12.96
CA SER A 507 19.58 16.92 -12.73
C SER A 507 20.02 16.75 -11.28
N LEU A 508 19.09 16.88 -10.34
CA LEU A 508 19.43 16.68 -8.93
C LEU A 508 19.81 15.22 -8.67
N ILE A 509 19.09 14.28 -9.28
CA ILE A 509 19.38 12.86 -9.10
C ILE A 509 20.77 12.53 -9.62
N ALA A 510 21.11 13.03 -10.80
CA ALA A 510 22.44 12.78 -11.35
C ALA A 510 23.52 13.37 -10.46
N HIS A 511 23.29 14.58 -9.93
CA HIS A 511 24.29 15.23 -9.10
C HIS A 511 24.39 14.58 -7.72
N SER A 512 23.32 13.95 -7.25
CA SER A 512 23.28 13.41 -5.90
C SER A 512 24.06 12.11 -5.75
N GLY A 513 24.89 11.77 -6.72
CA GLY A 513 25.65 10.53 -6.65
C GLY A 513 26.68 10.55 -5.53
N LEU A 514 27.25 9.37 -5.29
CA LEU A 514 28.20 9.22 -4.19
C LEU A 514 29.51 9.97 -4.45
N LYS A 515 29.82 10.31 -5.69
CA LYS A 515 31.06 10.99 -6.02
C LYS A 515 30.85 12.41 -6.54
N ARG A 516 29.61 12.82 -6.79
CA ARG A 516 29.33 14.16 -7.30
C ARG A 516 28.74 15.09 -6.26
N SER A 517 28.26 14.58 -5.13
CA SER A 517 27.62 15.42 -4.13
C SER A 517 28.64 16.29 -3.39
N LYS A 518 29.92 15.97 -3.46
CA LYS A 518 30.93 16.77 -2.78
C LYS A 518 31.01 18.18 -3.36
N TYR A 519 30.93 18.30 -4.68
CA TYR A 519 31.17 19.56 -5.36
C TYR A 519 29.87 20.25 -5.74
N TRP A 520 29.98 21.48 -6.22
CA TRP A 520 28.78 22.29 -6.52
C TRP A 520 28.36 21.99 -7.94
N SER A 521 27.35 22.69 -8.47
CA SER A 521 26.96 22.50 -9.89
C SER A 521 25.93 23.53 -10.30
N LEU A 522 25.99 23.96 -11.57
CA LEU A 522 24.95 24.86 -12.09
C LEU A 522 24.35 24.28 -13.36
N HIS A 523 23.04 24.26 -13.51
CA HIS A 523 22.32 23.82 -14.69
C HIS A 523 21.29 24.87 -15.06
N SER A 524 20.86 24.85 -16.33
CA SER A 524 19.88 25.81 -16.81
C SER A 524 18.89 25.13 -17.74
N TYR A 525 17.67 25.67 -17.77
CA TYR A 525 16.59 25.11 -18.57
C TYR A 525 15.70 26.25 -19.06
N ASN A 526 15.01 25.98 -20.17
CA ASN A 526 14.06 26.90 -20.79
C ASN A 526 14.76 28.19 -21.25
N ASN A 527 15.77 28.01 -22.10
CA ASN A 527 16.51 29.12 -22.71
C ASN A 527 17.08 30.06 -21.64
N GLY A 528 17.64 29.48 -20.58
CA GLY A 528 18.20 30.30 -19.52
C GLY A 528 17.19 30.99 -18.64
N ASN A 529 15.97 30.46 -18.55
CA ASN A 529 14.94 31.05 -17.70
C ASN A 529 14.86 30.43 -16.31
N VAL A 530 15.19 29.14 -16.18
CA VAL A 530 15.18 28.48 -14.87
C VAL A 530 16.57 27.93 -14.62
N ILE A 531 17.19 28.37 -13.53
CA ILE A 531 18.58 28.06 -13.25
C ILE A 531 18.62 27.31 -11.93
N LEU A 532 19.25 26.15 -11.93
CA LEU A 532 19.34 25.31 -10.74
C LEU A 532 20.78 25.30 -10.25
N PHE A 533 21.00 25.77 -9.03
CA PHE A 533 22.31 25.80 -8.39
C PHE A 533 22.32 24.74 -7.30
N ILE A 534 23.06 23.66 -7.52
CA ILE A 534 23.12 22.57 -6.56
C ILE A 534 24.35 22.76 -5.70
N LEU A 535 24.14 22.84 -4.39
CA LEU A 535 25.18 23.03 -3.39
C LEU A 535 25.74 21.69 -2.93
N PRO A 536 26.92 21.68 -2.32
CA PRO A 536 27.43 20.44 -1.74
C PRO A 536 26.49 19.91 -0.67
N SER A 537 26.35 18.59 -0.62
CA SER A 537 25.40 17.97 0.29
C SER A 537 25.79 16.52 0.50
N LYS A 538 25.19 15.91 1.51
CA LYS A 538 25.35 14.48 1.72
C LYS A 538 24.71 13.71 0.57
N SER A 539 25.41 12.69 0.08
CA SER A 539 24.88 11.89 -1.02
C SER A 539 23.63 11.14 -0.58
N LEU A 540 22.67 11.04 -1.49
CA LEU A 540 21.39 10.41 -1.16
C LEU A 540 21.51 8.90 -1.00
N GLU A 541 22.65 8.30 -1.35
CA GLU A 541 22.89 6.88 -1.10
C GLU A 541 23.32 6.61 0.34
N VAL A 542 23.17 7.60 1.21
CA VAL A 542 23.47 7.46 2.63
C VAL A 542 22.25 7.88 3.42
N ALA A 543 21.94 7.12 4.47
CA ALA A 543 20.74 7.40 5.24
C ALA A 543 20.83 8.77 5.91
N GLY A 544 19.67 9.42 6.03
CA GLY A 544 19.59 10.72 6.65
C GLY A 544 20.34 11.80 5.89
N SER A 545 20.15 11.85 4.57
CA SER A 545 20.83 12.81 3.72
C SER A 545 19.81 13.63 2.94
N PHE A 546 20.20 14.88 2.63
CA PHE A 546 19.36 15.79 1.88
C PHE A 546 20.17 16.39 0.74
N ILE A 547 19.49 16.66 -0.38
CA ILE A 547 20.10 17.39 -1.48
C ILE A 547 19.74 18.86 -1.33
N ARG A 548 20.76 19.71 -1.27
CA ARG A 548 20.57 21.14 -1.01
C ARG A 548 20.75 21.90 -2.32
N PHE A 549 19.75 22.69 -2.69
CA PHE A 549 19.77 23.38 -3.97
C PHE A 549 19.00 24.69 -3.87
N ILE A 550 19.28 25.57 -4.83
CA ILE A 550 18.58 26.82 -5.02
C ILE A 550 18.10 26.87 -6.46
N THR A 551 17.03 27.61 -6.71
CA THR A 551 16.48 27.74 -8.05
C THR A 551 16.11 29.20 -8.30
N VAL A 552 16.66 29.76 -9.37
CA VAL A 552 16.43 31.14 -9.76
C VAL A 552 15.59 31.14 -11.04
N PHE A 553 14.60 32.01 -11.10
CA PHE A 553 13.66 31.96 -12.21
C PHE A 553 13.02 33.34 -12.39
N ARG A 554 12.76 33.69 -13.64
CA ARG A 554 12.04 34.92 -13.93
C ARG A 554 10.63 34.83 -13.39
N ILE A 555 10.19 35.86 -12.68
CA ILE A 555 8.89 35.83 -12.04
C ILE A 555 7.80 35.83 -13.11
N GLY A 556 6.90 34.87 -13.03
CA GLY A 556 5.80 34.76 -13.95
C GLY A 556 4.80 33.73 -13.49
N PRO A 557 3.82 33.42 -14.33
CA PRO A 557 2.88 32.35 -13.99
C PRO A 557 3.60 31.04 -13.75
N GLY A 558 3.19 30.33 -12.70
CA GLY A 558 3.83 29.07 -12.37
C GLY A 558 3.74 28.80 -10.88
N LEU A 559 4.59 27.87 -10.44
CA LEU A 559 4.59 27.42 -9.05
C LEU A 559 5.44 28.37 -8.20
N VAL A 560 4.92 29.58 -8.04
CA VAL A 560 5.63 30.65 -7.35
C VAL A 560 4.88 31.00 -6.07
N ASP A 561 5.59 30.93 -4.95
CA ASP A 561 5.08 31.38 -3.65
C ASP A 561 5.92 32.59 -3.28
N LYS A 562 5.43 33.79 -3.65
CA LYS A 562 6.24 34.99 -3.52
C LYS A 562 6.58 35.29 -2.06
N ASP A 563 5.73 34.86 -1.13
CA ASP A 563 6.00 35.11 0.29
C ASP A 563 7.23 34.33 0.76
N ASN A 564 7.45 33.15 0.23
CA ASN A 564 8.53 32.26 0.74
C ASN A 564 9.71 32.26 -0.21
N LEU A 565 9.73 33.17 -1.16
CA LEU A 565 10.95 33.35 -1.94
C LEU A 565 12.02 34.02 -1.09
N ASP A 566 13.26 33.54 -1.23
CA ASP A 566 14.36 34.13 -0.47
C ASP A 566 14.59 35.58 -0.90
N THR A 567 14.60 35.85 -2.20
CA THR A 567 14.82 37.18 -2.72
C THR A 567 14.18 37.29 -4.08
N ILE A 568 13.80 38.51 -4.45
CA ILE A 568 13.27 38.82 -5.77
C ILE A 568 14.13 39.96 -6.32
N LEU A 569 15.19 39.62 -7.04
CA LEU A 569 16.05 40.63 -7.62
C LEU A 569 15.31 41.35 -8.76
N ILE A 570 15.61 42.63 -8.91
CA ILE A 570 14.90 43.49 -9.86
C ILE A 570 15.87 43.94 -10.93
N ASP A 571 15.49 43.76 -12.20
CA ASP A 571 16.22 44.28 -13.33
C ASP A 571 15.22 44.98 -14.25
N GLY A 572 15.75 45.62 -15.30
CA GLY A 572 14.92 46.39 -16.20
C GLY A 572 13.81 45.57 -16.83
N ASP A 573 12.58 45.79 -16.35
CA ASP A 573 11.41 45.03 -16.77
C ASP A 573 11.69 43.53 -16.60
N SER A 574 12.16 43.18 -15.40
CA SER A 574 12.47 41.79 -15.09
C SER A 574 12.49 41.62 -13.58
N GLN A 575 11.96 40.48 -13.11
CA GLN A 575 12.03 40.12 -11.71
C GLN A 575 12.52 38.67 -11.62
N TRP A 576 13.70 38.49 -11.05
CA TRP A 576 14.30 37.17 -10.90
C TRP A 576 14.08 36.70 -9.47
N GLY A 577 13.17 35.74 -9.30
CA GLY A 577 12.87 35.21 -7.99
C GLY A 577 13.81 34.09 -7.57
N VAL A 578 14.55 34.30 -6.49
CA VAL A 578 15.49 33.32 -5.96
C VAL A 578 14.83 32.61 -4.79
N SER A 579 14.65 31.30 -4.91
CA SER A 579 14.03 30.54 -3.82
C SER A 579 15.05 30.32 -2.70
N LYS A 580 14.54 29.83 -1.57
CA LYS A 580 15.39 29.56 -0.43
C LYS A 580 16.26 28.33 -0.69
N VAL A 581 17.12 28.01 0.27
CA VAL A 581 18.02 26.86 0.12
C VAL A 581 17.26 25.60 0.54
N MET A 582 16.58 24.99 -0.41
CA MET A 582 15.75 23.83 -0.10
C MET A 582 16.60 22.61 0.17
N SER A 583 16.14 21.78 1.12
CA SER A 583 16.77 20.50 1.44
C SER A 583 15.71 19.42 1.28
N ILE A 584 15.88 18.57 0.27
CA ILE A 584 14.89 17.59 -0.12
C ILE A 584 15.49 16.20 0.06
N ASP A 585 14.76 15.32 0.72
CA ASP A 585 15.23 13.96 0.94
C ASP A 585 15.07 13.15 -0.34
N LEU A 586 15.56 11.90 -0.31
CA LEU A 586 15.47 11.04 -1.48
C LEU A 586 14.03 10.72 -1.82
N ASN A 587 13.19 10.47 -0.80
CA ASN A 587 11.79 10.11 -1.05
C ASN A 587 11.05 11.24 -1.75
N ARG A 588 11.20 12.47 -1.24
CA ARG A 588 10.52 13.60 -1.86
C ARG A 588 11.08 13.90 -3.24
N LEU A 589 12.39 13.71 -3.44
CA LEU A 589 12.98 13.93 -4.76
C LEU A 589 12.42 12.96 -5.78
N LEU A 590 12.37 11.67 -5.42
CA LEU A 590 11.81 10.67 -6.33
C LEU A 590 10.32 10.89 -6.55
N ALA A 591 9.61 11.41 -5.54
CA ALA A 591 8.21 11.77 -5.73
C ALA A 591 8.08 12.91 -6.74
N LEU A 592 8.94 13.92 -6.64
CA LEU A 592 8.89 15.05 -7.57
C LEU A 592 9.29 14.64 -8.98
N ASN A 593 10.14 13.63 -9.10
CA ASN A 593 10.55 13.17 -10.43
C ASN A 593 9.35 12.63 -11.22
N ILE A 594 8.47 11.90 -10.57
CA ILE A 594 7.30 11.32 -11.22
C ILE A 594 6.05 12.15 -10.93
N ALA A 595 6.21 13.42 -10.55
CA ALA A 595 5.06 14.23 -10.18
C ALA A 595 4.11 14.44 -11.36
N PHE A 596 4.66 14.74 -12.54
CA PHE A 596 3.81 14.99 -13.70
C PHE A 596 3.04 13.73 -14.09
N GLU A 597 3.72 12.57 -14.08
CA GLU A 597 3.05 11.33 -14.44
C GLU A 597 1.97 10.96 -13.43
N LYS A 598 2.24 11.16 -12.13
CA LYS A 598 1.24 10.89 -11.11
C LYS A 598 0.04 11.81 -11.26
N ALA A 599 0.28 13.09 -11.54
CA ALA A 599 -0.82 14.02 -11.75
C ALA A 599 -1.64 13.63 -12.97
N LEU A 600 -0.96 13.21 -14.05
CA LEU A 600 -1.69 12.80 -15.25
C LEU A 600 -2.53 11.55 -14.99
N ILE A 601 -1.98 10.58 -14.24
CA ILE A 601 -2.73 9.37 -13.92
C ILE A 601 -3.95 9.71 -13.08
N ALA A 602 -3.77 10.57 -12.07
CA ALA A 602 -4.90 10.95 -11.23
C ALA A 602 -5.96 11.70 -12.04
N THR A 603 -5.52 12.59 -12.94
CA THR A 603 -6.47 13.33 -13.76
C THR A 603 -7.23 12.41 -14.70
N ALA A 604 -6.55 11.42 -15.28
CA ALA A 604 -7.22 10.46 -16.15
C ALA A 604 -8.24 9.64 -15.36
N THR A 605 -7.90 9.22 -14.15
CA THR A 605 -8.85 8.50 -13.32
C THR A 605 -10.06 9.35 -13.00
N TRP A 606 -9.89 10.61 -12.65
CA TRP A 606 -11.06 11.46 -12.41
C TRP A 606 -11.80 11.45 -13.71
N PHE A 607 -11.15 11.78 -14.80
CA PHE A 607 -11.87 11.91 -16.06
C PHE A 607 -12.78 10.72 -16.30
N GLN A 608 -12.26 9.51 -16.08
CA GLN A 608 -13.07 8.31 -16.23
C GLN A 608 -14.23 8.31 -15.25
N TYR A 609 -13.98 8.68 -14.00
CA TYR A 609 -15.04 8.70 -13.01
C TYR A 609 -16.12 9.72 -13.36
N TYR A 610 -15.72 10.89 -13.83
CA TYR A 610 -16.68 11.89 -14.25
C TYR A 610 -17.52 11.41 -15.43
N THR A 611 -16.88 10.74 -16.39
CA THR A 611 -17.63 10.19 -17.52
C THR A 611 -18.61 9.12 -17.05
N GLU A 612 -18.20 8.27 -16.12
CA GLU A 612 -19.10 7.26 -15.59
C GLU A 612 -20.27 7.88 -14.84
N ASP A 613 -20.02 8.97 -14.12
CA ASP A 613 -21.04 9.57 -13.28
C ASP A 613 -22.03 10.39 -14.11
N GLN A 614 -21.55 11.45 -14.75
CA GLN A 614 -22.44 12.36 -15.44
C GLN A 614 -22.79 11.92 -16.86
N GLY A 615 -22.08 10.93 -17.41
CA GLY A 615 -22.38 10.43 -18.73
C GLY A 615 -21.87 11.28 -19.88
N GLN A 616 -21.16 12.37 -19.59
CA GLN A 616 -20.62 13.24 -20.63
C GLN A 616 -19.19 13.60 -20.29
N PHE A 617 -18.43 13.94 -21.31
CA PHE A 617 -17.04 14.33 -21.11
C PHE A 617 -16.98 15.65 -20.33
N PRO A 618 -16.03 15.79 -19.41
CA PRO A 618 -15.94 17.04 -18.64
C PRO A 618 -15.55 18.22 -19.51
N LEU A 619 -15.96 19.40 -19.08
CA LEU A 619 -15.64 20.61 -19.81
C LEU A 619 -14.15 20.92 -19.69
N GLN A 620 -13.69 21.88 -20.50
CA GLN A 620 -12.27 22.22 -20.54
C GLN A 620 -11.81 22.77 -19.20
N TYR A 621 -12.58 23.69 -18.61
CA TYR A 621 -12.14 24.36 -17.39
C TYR A 621 -12.02 23.37 -16.23
N ALA A 622 -12.97 22.45 -16.10
CA ALA A 622 -12.92 21.49 -15.02
C ALA A 622 -11.73 20.55 -15.16
N ILE A 623 -11.50 20.03 -16.37
CA ILE A 623 -10.40 19.09 -16.58
C ILE A 623 -9.06 19.79 -16.49
N ARG A 624 -9.00 21.10 -16.69
CA ARG A 624 -7.74 21.81 -16.47
C ARG A 624 -7.52 22.09 -14.98
N SER A 625 -8.57 22.52 -14.28
CA SER A 625 -8.44 22.82 -12.86
C SER A 625 -8.12 21.57 -12.04
N VAL A 626 -8.73 20.43 -12.40
CA VAL A 626 -8.45 19.19 -11.68
C VAL A 626 -6.99 18.80 -11.86
N PHE A 627 -6.47 18.91 -13.10
CA PHE A 627 -5.07 18.59 -13.33
C PHE A 627 -4.16 19.52 -12.56
N ALA A 628 -4.50 20.81 -12.51
CA ALA A 628 -3.69 21.76 -11.74
C ALA A 628 -3.68 21.41 -10.26
N ASN A 629 -4.85 21.06 -9.70
CA ASN A 629 -4.91 20.68 -8.29
C ASN A 629 -4.09 19.43 -8.02
N HIS A 630 -4.22 18.43 -8.89
CA HIS A 630 -3.48 17.18 -8.68
C HIS A 630 -1.98 17.42 -8.80
N PHE A 631 -1.55 18.24 -9.76
CA PHE A 631 -0.13 18.54 -9.90
C PHE A 631 0.39 19.28 -8.68
N LEU A 632 -0.37 20.26 -8.18
CA LEU A 632 0.08 21.00 -7.00
C LEU A 632 0.18 20.08 -5.79
N LEU A 633 -0.77 19.16 -5.63
CA LEU A 633 -0.67 18.20 -4.53
C LEU A 633 0.53 17.28 -4.70
N ALA A 634 0.82 16.87 -5.93
CA ALA A 634 1.96 16.00 -6.18
C ALA A 634 3.28 16.70 -5.90
N ILE A 635 3.37 18.01 -6.17
CA ILE A 635 4.61 18.73 -5.92
C ILE A 635 4.84 18.89 -4.42
N CYS A 636 3.80 19.27 -3.67
CA CYS A 636 3.92 19.56 -2.24
C CYS A 636 3.84 18.25 -1.47
N GLN A 637 4.98 17.56 -1.39
CA GLN A 637 5.06 16.30 -0.66
C GLN A 637 5.45 16.58 0.79
N LYS A 638 4.44 16.98 1.57
CA LYS A 638 4.62 17.30 2.97
C LYS A 638 3.73 16.42 3.82
N MET A 639 4.24 16.06 5.01
CA MET A 639 3.50 15.14 5.87
C MET A 639 2.21 15.74 6.41
N LYS A 640 2.19 17.04 6.68
CA LYS A 640 0.99 17.65 7.26
C LYS A 640 -0.19 17.53 6.30
N LEU A 641 0.03 17.77 5.01
CA LEU A 641 -1.02 17.60 4.01
C LEU A 641 -1.46 16.14 3.92
N CYS A 642 -0.50 15.22 4.00
CA CYS A 642 -0.84 13.80 3.96
C CYS A 642 -1.74 13.43 5.13
N ALA A 643 -1.43 13.93 6.33
CA ALA A 643 -2.27 13.67 7.48
C ALA A 643 -3.65 14.28 7.32
N ILE A 644 -3.72 15.50 6.78
CA ILE A 644 -5.02 16.14 6.56
C ILE A 644 -5.88 15.31 5.62
N PHE A 645 -5.28 14.83 4.52
CA PHE A 645 -6.04 14.03 3.56
C PHE A 645 -6.40 12.66 4.12
N ASP A 646 -5.52 12.08 4.95
CA ASP A 646 -5.85 10.82 5.61
C ASP A 646 -7.06 10.99 6.53
N ASN A 647 -7.12 12.10 7.25
CA ASN A 647 -8.30 12.36 8.08
C ASN A 647 -9.53 12.62 7.22
N LEU A 648 -9.36 13.31 6.09
CA LEU A 648 -10.50 13.61 5.23
C LEU A 648 -11.12 12.34 4.63
N ARG A 649 -10.28 11.37 4.27
CA ARG A 649 -10.79 10.14 3.67
C ARG A 649 -11.68 9.36 4.63
N TYR A 650 -11.56 9.60 5.93
CA TYR A 650 -12.47 9.02 6.92
C TYR A 650 -13.57 9.98 7.34
N LEU A 651 -13.33 11.29 7.22
CA LEU A 651 -14.36 12.27 7.56
C LEU A 651 -15.51 12.24 6.58
N ILE A 652 -15.21 12.09 5.28
CA ILE A 652 -16.27 12.12 4.27
C ILE A 652 -17.30 11.01 4.46
N PRO A 653 -16.91 9.75 4.67
CA PRO A 653 -17.93 8.72 4.93
C PRO A 653 -18.75 8.99 6.19
N ALA A 654 -18.19 9.74 7.15
CA ALA A 654 -18.89 9.99 8.40
C ALA A 654 -20.09 10.92 8.19
N VAL A 655 -19.89 12.02 7.47
CA VAL A 655 -20.97 12.98 7.30
C VAL A 655 -22.02 12.51 6.30
N THR A 656 -21.64 11.66 5.34
CA THR A 656 -22.62 11.13 4.40
C THR A 656 -23.51 10.08 5.05
N SER A 657 -22.94 9.22 5.88
CA SER A 657 -23.71 8.17 6.54
C SER A 657 -24.70 8.77 7.53
N LEU A 658 -25.80 8.05 7.74
CA LEU A 658 -26.87 8.56 8.59
C LEU A 658 -26.40 8.78 10.02
N TYR A 659 -25.67 7.83 10.58
CA TYR A 659 -25.17 7.92 11.95
C TYR A 659 -23.69 7.59 11.95
N SER A 660 -22.90 8.46 12.58
CA SER A 660 -21.46 8.24 12.65
C SER A 660 -20.91 9.06 13.80
N GLY A 661 -19.68 8.74 14.19
CA GLY A 661 -19.00 9.49 15.23
C GLY A 661 -18.17 10.61 14.65
N PHE A 662 -18.81 11.55 13.96
CA PHE A 662 -18.10 12.64 13.30
C PHE A 662 -17.50 13.67 14.25
N PRO A 663 -18.06 13.95 15.44
CA PRO A 663 -17.37 14.91 16.33
C PRO A 663 -15.96 14.47 16.70
N SER A 664 -15.75 13.18 16.95
CA SER A 664 -14.40 12.71 17.26
C SER A 664 -13.47 12.87 16.07
N LEU A 665 -13.98 12.60 14.86
CA LEU A 665 -13.17 12.78 13.67
C LEU A 665 -12.80 14.25 13.45
N ILE A 666 -13.74 15.16 13.72
CA ILE A 666 -13.44 16.58 13.56
C ILE A 666 -12.42 17.04 14.61
N GLU A 667 -12.54 16.52 15.84
CA GLU A 667 -11.52 16.85 16.84
C GLU A 667 -10.15 16.36 16.42
N LYS A 668 -10.07 15.16 15.86
CA LYS A 668 -8.77 14.68 15.40
C LYS A 668 -8.31 15.58 14.28
N LEU A 669 -9.21 15.98 13.41
CA LEU A 669 -8.81 16.89 12.33
C LEU A 669 -8.20 18.16 12.88
N PHE A 670 -8.77 18.71 13.94
CA PHE A 670 -8.26 19.94 14.55
C PHE A 670 -7.08 19.70 15.47
N GLU A 671 -6.68 18.45 15.70
CA GLU A 671 -5.54 18.18 16.57
C GLU A 671 -4.26 18.83 16.06
N ARG A 672 -4.03 18.79 14.75
CA ARG A 672 -2.77 19.21 14.15
C ARG A 672 -2.65 20.73 14.07
N PRO A 673 -1.42 21.22 14.00
CA PRO A 673 -1.21 22.65 13.74
C PRO A 673 -1.17 22.94 12.25
N PHE A 674 -1.78 24.06 11.85
CA PHE A 674 -1.81 24.46 10.45
C PHE A 674 -0.73 25.49 10.15
N LYS A 675 0.53 25.04 10.18
CA LYS A 675 1.64 25.98 10.06
C LYS A 675 1.78 26.51 8.64
N SER A 676 1.49 25.69 7.64
CA SER A 676 1.66 26.10 6.26
C SER A 676 0.46 26.90 5.76
N SER A 677 0.60 27.47 4.57
CA SER A 677 -0.50 28.20 3.96
C SER A 677 -1.39 27.27 3.12
N LEU A 678 -0.81 26.20 2.57
CA LEU A 678 -1.62 25.22 1.85
C LEU A 678 -2.57 24.49 2.79
N GLU A 679 -2.12 24.20 4.01
CA GLU A 679 -2.97 23.47 4.95
C GLU A 679 -4.19 24.29 5.34
N VAL A 680 -4.07 25.62 5.40
CA VAL A 680 -5.23 26.44 5.71
C VAL A 680 -6.25 26.41 4.58
N TYR A 681 -5.78 26.46 3.33
CA TYR A 681 -6.67 26.37 2.19
C TYR A 681 -7.38 25.02 2.15
N ILE A 682 -6.63 23.93 2.39
CA ILE A 682 -7.23 22.61 2.42
C ILE A 682 -8.24 22.50 3.55
N TYR A 683 -7.92 23.09 4.71
CA TYR A 683 -8.85 23.04 5.84
C TYR A 683 -10.13 23.80 5.52
N TYR A 684 -10.00 24.98 4.90
CA TYR A 684 -11.19 25.73 4.52
C TYR A 684 -12.03 24.96 3.51
N ASN A 685 -11.38 24.35 2.52
CA ASN A 685 -12.09 23.57 1.52
C ASN A 685 -12.83 22.40 2.15
N ILE A 686 -12.17 21.66 3.04
CA ILE A 686 -12.82 20.51 3.64
C ILE A 686 -13.93 20.95 4.59
N LYS A 687 -13.77 22.08 5.27
CA LYS A 687 -14.84 22.57 6.12
C LYS A 687 -16.08 22.91 5.29
N SER A 688 -15.89 23.64 4.20
CA SER A 688 -17.03 23.95 3.34
C SER A 688 -17.65 22.70 2.76
N LEU A 689 -16.82 21.74 2.33
CA LEU A 689 -17.32 20.51 1.74
C LEU A 689 -18.11 19.70 2.74
N LEU A 690 -17.62 19.57 3.98
CA LEU A 690 -18.33 18.81 4.99
C LEU A 690 -19.64 19.47 5.37
N VAL A 691 -19.64 20.80 5.50
CA VAL A 691 -20.88 21.49 5.82
C VAL A 691 -21.90 21.31 4.70
N ALA A 692 -21.46 21.37 3.44
CA ALA A 692 -22.37 21.14 2.32
C ALA A 692 -22.87 19.70 2.29
N LEU A 693 -22.00 18.74 2.58
CA LEU A 693 -22.41 17.33 2.56
C LEU A 693 -23.44 17.04 3.64
N ALA A 694 -23.20 17.53 4.85
CA ALA A 694 -24.15 17.27 5.94
C ALA A 694 -25.49 17.94 5.70
N GLN A 695 -25.49 19.12 5.08
CA GLN A 695 -26.73 19.85 4.84
C GLN A 695 -27.60 19.24 3.76
N ASN A 696 -27.08 18.26 3.01
CA ASN A 696 -27.80 17.66 1.90
C ASN A 696 -28.09 16.18 2.14
N ASN A 697 -28.18 15.78 3.40
CA ASN A 697 -28.53 14.40 3.71
C ASN A 697 -30.01 14.18 3.44
N LYS A 698 -30.35 12.91 3.17
CA LYS A 698 -31.71 12.52 2.77
C LYS A 698 -32.14 13.30 1.53
N SER A 720 -28.78 8.47 -5.77
CA SER A 720 -28.82 9.47 -6.83
C SER A 720 -28.87 10.88 -6.25
N GLY A 721 -28.28 11.05 -5.06
CA GLY A 721 -28.23 12.34 -4.43
C GLY A 721 -27.10 13.20 -4.96
N VAL A 722 -27.01 14.40 -4.40
CA VAL A 722 -25.98 15.36 -4.79
C VAL A 722 -24.76 15.17 -3.90
N TYR A 723 -23.57 15.32 -4.48
CA TYR A 723 -22.31 15.21 -3.75
C TYR A 723 -21.34 16.18 -4.38
N PRO A 724 -21.04 17.39 -3.81
CA PRO A 724 -20.14 18.33 -4.50
C PRO A 724 -18.70 17.82 -4.61
N SER A 725 -17.99 18.19 -5.69
CA SER A 725 -16.59 17.74 -5.87
C SER A 725 -15.65 18.56 -4.98
N PHE A 726 -14.57 17.94 -4.51
CA PHE A 726 -13.65 18.63 -3.57
C PHE A 726 -12.78 19.63 -4.34
N MET A 727 -12.41 19.28 -5.58
CA MET A 727 -11.48 20.16 -6.36
C MET A 727 -12.26 20.97 -7.39
N SER A 728 -13.33 20.40 -7.96
CA SER A 728 -14.06 21.12 -9.04
C SER A 728 -15.37 21.70 -8.53
N ARG A 729 -16.02 22.55 -9.33
CA ARG A 729 -17.28 23.17 -8.95
C ARG A 729 -18.46 22.25 -9.29
N ILE A 730 -18.25 21.28 -10.17
CA ILE A 730 -19.31 20.38 -10.62
C ILE A 730 -19.67 19.43 -9.48
N VAL A 731 -20.95 19.06 -9.38
CA VAL A 731 -21.41 18.14 -8.35
C VAL A 731 -21.48 16.74 -8.93
N TYR A 732 -21.58 15.74 -8.06
CA TYR A 732 -21.63 14.34 -8.46
C TYR A 732 -22.99 13.76 -8.14
N LYS A 733 -23.35 12.68 -8.85
CA LYS A 733 -24.59 11.98 -8.60
C LYS A 733 -24.41 10.72 -7.76
N HIS A 734 -23.20 10.19 -7.67
CA HIS A 734 -22.93 8.99 -6.90
C HIS A 734 -21.83 9.26 -5.88
N TYR A 735 -22.03 8.75 -4.67
CA TYR A 735 -21.04 8.94 -3.60
C TYR A 735 -19.71 8.30 -3.95
N ARG A 736 -19.74 7.24 -4.76
CA ARG A 736 -18.50 6.57 -5.10
C ARG A 736 -17.55 7.50 -5.85
N SER A 737 -18.08 8.41 -6.66
CA SER A 737 -17.22 9.35 -7.36
C SER A 737 -16.49 10.27 -6.39
N LEU A 738 -17.21 10.80 -5.40
CA LEU A 738 -16.59 11.69 -4.42
C LEU A 738 -15.55 10.96 -3.58
N ILE A 739 -15.87 9.85 -2.93
CA ILE A 739 -14.88 9.25 -1.99
C ILE A 739 -13.74 8.80 -2.84
N SER A 740 -13.88 8.89 -4.17
CA SER A 740 -12.80 8.38 -5.06
C SER A 740 -11.97 9.54 -5.61
N GLU A 741 -12.34 10.78 -5.28
CA GLU A 741 -11.50 11.93 -5.70
C GLU A 741 -10.69 12.28 -4.46
N VAL A 742 -11.22 11.93 -3.28
CA VAL A 742 -10.52 12.18 -2.01
C VAL A 742 -9.66 10.97 -1.73
N THR A 743 -9.94 9.80 -2.36
CA THR A 743 -8.94 8.74 -2.24
C THR A 743 -7.79 8.96 -3.23
N THR A 744 -8.10 9.34 -4.46
CA THR A 744 -7.07 9.63 -5.45
C THR A 744 -6.21 10.82 -5.01
N CYS A 745 -6.83 11.83 -4.43
CA CYS A 745 -6.06 12.94 -3.87
C CYS A 745 -5.14 12.46 -2.75
N PHE A 746 -5.64 11.57 -1.89
CA PHE A 746 -4.82 11.03 -0.80
C PHE A 746 -3.63 10.25 -1.33
N PHE A 747 -3.82 9.48 -2.39
CA PHE A 747 -2.78 8.56 -2.84
C PHE A 747 -1.70 9.23 -3.67
N LEU A 748 -1.81 10.53 -3.92
CA LEU A 748 -0.72 11.25 -4.57
C LEU A 748 0.47 11.46 -3.66
N PHE A 749 0.30 11.28 -2.35
CA PHE A 749 1.37 11.47 -1.38
C PHE A 749 2.11 10.16 -1.17
N GLU A 750 3.44 10.22 -1.21
CA GLU A 750 4.24 9.02 -1.14
C GLU A 750 4.23 8.45 0.28
N LYS A 751 4.69 7.20 0.37
CA LYS A 751 4.74 6.48 1.64
C LYS A 751 6.04 6.83 2.36
N GLY A 752 5.93 7.14 3.65
CA GLY A 752 7.10 7.37 4.46
C GLY A 752 7.57 8.80 4.47
N LEU A 753 6.65 9.73 4.65
CA LEU A 753 6.99 11.14 4.82
C LEU A 753 7.19 11.52 6.27
N HIS A 754 7.10 10.56 7.20
CA HIS A 754 7.24 10.84 8.61
C HIS A 754 8.69 11.16 8.96
N GLY A 755 8.89 11.64 10.19
CA GLY A 755 10.24 11.82 10.68
C GLY A 755 10.91 10.48 10.96
N ASN A 756 12.19 10.40 10.59
CA ASN A 756 12.92 9.15 10.74
C ASN A 756 13.19 8.80 12.20
N MET A 757 13.10 9.76 13.10
CA MET A 757 13.31 9.52 14.52
C MET A 757 12.12 9.90 15.38
N ASN A 758 11.30 10.88 14.96
CA ASN A 758 10.10 11.19 15.71
C ASN A 758 9.09 10.06 15.65
N GLU A 759 8.95 9.43 14.48
CA GLU A 759 7.98 8.35 14.31
C GLU A 759 8.49 7.01 14.85
N GLU A 760 9.80 6.88 15.08
CA GLU A 760 10.31 5.67 15.71
C GLU A 760 9.83 5.56 17.15
N ALA A 761 9.67 6.69 17.84
CA ALA A 761 9.17 6.69 19.21
C ALA A 761 7.67 6.62 19.30
N LYS A 762 6.95 6.90 18.20
CA LYS A 762 5.50 6.88 18.26
C LYS A 762 4.94 5.47 18.22
N ILE A 763 5.59 4.56 17.48
CA ILE A 763 5.05 3.21 17.32
C ILE A 763 5.12 2.41 18.62
N HIS A 764 6.04 2.75 19.52
CA HIS A 764 6.13 2.05 20.79
C HIS A 764 5.05 2.50 21.78
N LEU A 765 4.55 3.72 21.62
CA LEU A 765 3.62 4.29 22.59
C LEU A 765 2.32 3.50 22.64
N GLU A 766 1.79 3.10 21.48
CA GLU A 766 0.53 2.38 21.46
C GLU A 766 0.62 1.07 22.22
N THR A 767 1.74 0.36 22.09
CA THR A 767 1.91 -0.88 22.82
C THR A 767 2.15 -0.63 24.31
N VAL A 768 3.00 0.34 24.63
CA VAL A 768 3.39 0.56 26.03
C VAL A 768 2.20 1.06 26.84
N GLU A 769 1.41 1.99 26.30
CA GLU A 769 0.28 2.53 27.03
C GLU A 769 -0.74 1.44 27.36
N TRP A 770 -1.04 0.57 26.39
CA TRP A 770 -2.01 -0.48 26.64
C TRP A 770 -1.45 -1.56 27.55
N ALA A 771 -0.15 -1.83 27.49
CA ALA A 771 0.46 -2.73 28.47
C ALA A 771 0.35 -2.17 29.88
N LEU A 772 0.57 -0.86 30.03
CA LEU A 772 0.41 -0.23 31.34
C LEU A 772 -1.04 -0.28 31.81
N LYS A 773 -1.98 -0.10 30.89
CA LYS A 773 -3.40 -0.22 31.26
C LYS A 773 -3.72 -1.63 31.71
N PHE A 774 -3.16 -2.64 31.04
CA PHE A 774 -3.34 -4.02 31.47
C PHE A 774 -2.76 -4.25 32.86
N ARG A 775 -1.58 -3.66 33.12
CA ARG A 775 -1.00 -3.77 34.46
C ARG A 775 -1.89 -3.13 35.51
N GLU A 776 -2.48 -1.97 35.18
CA GLU A 776 -3.38 -1.30 36.12
C GLU A 776 -4.60 -2.16 36.40
N LYS A 777 -5.18 -2.76 35.36
CA LYS A 777 -6.33 -3.64 35.58
C LYS A 777 -5.94 -4.86 36.40
N GLU A 778 -4.75 -5.40 36.17
CA GLU A 778 -4.29 -6.54 36.95
C GLU A 778 -4.14 -6.18 38.43
N GLU A 779 -3.57 -5.00 38.70
CA GLU A 779 -3.41 -4.58 40.10
C GLU A 779 -4.75 -4.26 40.75
N LYS A 780 -5.70 -3.73 39.99
CA LYS A 780 -6.98 -3.32 40.58
C LYS A 780 -7.91 -4.51 40.78
N TYR A 781 -8.30 -5.18 39.69
CA TYR A 781 -9.26 -6.27 39.78
C TYR A 781 -8.65 -7.56 40.31
N GLY A 782 -7.39 -7.82 39.99
CA GLY A 782 -6.74 -9.05 40.41
C GLY A 782 -6.18 -9.83 39.24
N GLU A 783 -5.00 -10.42 39.42
CA GLU A 783 -4.35 -11.13 38.33
C GLU A 783 -5.18 -12.33 37.86
N SER A 784 -5.75 -13.08 38.80
CA SER A 784 -6.52 -14.26 38.43
C SER A 784 -7.76 -13.87 37.63
N LEU A 785 -8.46 -12.82 38.06
CA LEU A 785 -9.69 -12.43 37.36
C LEU A 785 -9.39 -11.94 35.94
N VAL A 786 -8.31 -11.16 35.77
CA VAL A 786 -8.00 -10.63 34.46
C VAL A 786 -7.61 -11.74 33.50
N GLU A 787 -6.77 -12.68 33.94
CA GLU A 787 -6.32 -13.75 33.07
C GLU A 787 -7.42 -14.75 32.78
N ASN A 788 -8.15 -15.17 33.81
CA ASN A 788 -9.16 -16.22 33.62
C ASN A 788 -10.48 -15.66 33.11
N GLY A 789 -10.86 -14.48 33.57
CA GLY A 789 -12.11 -13.88 33.11
C GLY A 789 -13.11 -13.80 34.25
N TYR A 790 -13.99 -12.79 34.18
CA TYR A 790 -14.99 -12.60 35.22
C TYR A 790 -16.27 -13.35 34.88
N MET A 791 -16.88 -13.94 35.90
CA MET A 791 -18.12 -14.68 35.70
C MET A 791 -19.27 -13.72 35.41
N MET A 792 -20.41 -14.28 35.03
CA MET A 792 -21.58 -13.47 34.72
C MET A 792 -22.08 -12.73 35.96
N TRP A 793 -22.12 -13.42 37.11
CA TRP A 793 -22.61 -12.77 38.32
C TRP A 793 -21.69 -11.64 38.77
N GLU A 794 -20.37 -11.78 38.54
CA GLU A 794 -19.46 -10.68 38.84
C GLU A 794 -19.79 -9.46 37.99
N LEU A 795 -20.08 -9.66 36.71
CA LEU A 795 -20.45 -8.56 35.85
C LEU A 795 -21.76 -7.93 36.30
N ARG A 796 -22.74 -8.75 36.68
CA ARG A 796 -24.01 -8.23 37.14
C ARG A 796 -23.85 -7.40 38.41
N ALA A 797 -23.00 -7.86 39.34
CA ALA A 797 -22.76 -7.12 40.56
C ALA A 797 -22.00 -5.83 40.30
N ASN A 798 -21.04 -5.86 39.38
CA ASN A 798 -20.18 -4.70 39.14
C ASN A 798 -20.72 -3.78 38.05
N ALA A 799 -21.15 -4.35 36.92
CA ALA A 799 -21.69 -3.58 35.80
C ALA A 799 -20.66 -2.59 35.25
N GLU A 800 -19.40 -2.81 35.59
CA GLU A 800 -18.31 -1.97 35.11
C GLU A 800 -17.21 -2.86 34.56
N LEU A 801 -17.32 -4.17 34.84
CA LEU A 801 -16.34 -5.13 34.37
C LEU A 801 -16.37 -5.30 32.86
N ALA A 802 -17.46 -4.90 32.20
CA ALA A 802 -17.56 -5.01 30.75
C ALA A 802 -16.68 -3.97 30.08
N GLU A 803 -15.37 -4.15 30.17
CA GLU A 803 -14.39 -3.24 29.60
C GLU A 803 -13.52 -3.99 28.59
N GLN A 804 -12.67 -3.25 27.90
CA GLN A 804 -11.65 -3.89 27.09
C GLN A 804 -10.59 -4.51 27.99
N GLN A 805 -9.85 -5.47 27.43
CA GLN A 805 -8.85 -6.27 28.13
C GLN A 805 -9.44 -7.13 29.23
N LEU A 806 -10.77 -7.29 29.26
CA LEU A 806 -11.44 -8.18 30.20
C LEU A 806 -12.52 -8.93 29.45
N TYR A 807 -12.61 -10.24 29.68
CA TYR A 807 -13.58 -11.07 28.98
C TYR A 807 -14.38 -11.88 30.00
N CYS A 808 -15.60 -12.24 29.60
CA CYS A 808 -16.52 -12.97 30.47
C CYS A 808 -16.50 -14.44 30.09
N GLN A 809 -16.22 -15.31 31.06
CA GLN A 809 -16.08 -16.73 30.78
C GLN A 809 -17.36 -17.31 30.19
N ASP A 810 -18.52 -16.96 30.77
CA ASP A 810 -19.78 -17.47 30.27
C ASP A 810 -20.04 -17.01 28.84
N ALA A 811 -19.69 -15.76 28.53
CA ALA A 811 -19.86 -15.26 27.16
C ALA A 811 -18.99 -16.03 26.18
N ILE A 812 -17.74 -16.31 26.55
CA ILE A 812 -16.84 -17.04 25.67
C ILE A 812 -17.37 -18.45 25.43
N GLU A 813 -17.79 -19.12 26.51
CA GLU A 813 -18.33 -20.47 26.37
C GLU A 813 -19.58 -20.47 25.50
N LEU A 814 -20.47 -19.50 25.69
CA LEU A 814 -21.69 -19.44 24.90
C LEU A 814 -21.38 -19.18 23.43
N ALA A 815 -20.43 -18.29 23.14
CA ALA A 815 -20.06 -18.04 21.76
C ALA A 815 -19.49 -19.29 21.12
N ALA A 816 -18.64 -20.02 21.84
CA ALA A 816 -18.11 -21.27 21.32
C ALA A 816 -19.22 -22.29 21.08
N ILE A 817 -20.24 -22.29 21.94
CA ILE A 817 -21.36 -23.20 21.75
C ILE A 817 -22.14 -22.83 20.48
N GLU A 818 -22.38 -21.54 20.26
CA GLU A 818 -23.10 -21.13 19.06
C GLU A 818 -22.29 -21.42 17.80
N LEU A 819 -20.97 -21.36 17.88
CA LEU A 819 -20.15 -21.74 16.73
C LEU A 819 -20.17 -23.25 16.52
N ASN A 820 -20.19 -24.03 17.61
CA ASN A 820 -20.32 -25.47 17.49
C ASN A 820 -21.67 -25.85 16.89
N LYS A 821 -22.69 -25.01 17.09
CA LYS A 821 -23.99 -25.28 16.47
C LYS A 821 -23.89 -25.37 14.95
N VAL A 822 -22.90 -24.70 14.36
CA VAL A 822 -22.69 -24.74 12.91
C VAL A 822 -21.63 -25.79 12.58
N LEU A 823 -20.63 -25.92 13.46
CA LEU A 823 -19.56 -26.87 13.21
C LEU A 823 -19.99 -28.33 13.35
N ALA A 824 -21.14 -28.58 13.99
CA ALA A 824 -21.60 -29.95 14.15
C ALA A 824 -21.91 -30.59 12.80
N THR A 825 -22.49 -29.82 11.87
CA THR A 825 -22.82 -30.36 10.56
C THR A 825 -21.57 -30.78 9.80
N LYS A 826 -20.51 -29.97 9.86
CA LYS A 826 -19.29 -30.22 9.10
C LYS A 826 -18.13 -30.67 9.99
N SER A 827 -18.44 -31.36 11.08
CA SER A 827 -17.39 -31.96 11.92
C SER A 827 -16.41 -32.80 11.11
N SER A 828 -16.90 -33.59 10.14
CA SER A 828 -16.00 -34.41 9.35
C SER A 828 -15.05 -33.56 8.53
N VAL A 829 -15.57 -32.51 7.88
CA VAL A 829 -14.71 -31.63 7.09
C VAL A 829 -13.72 -30.90 8.00
N VAL A 830 -14.15 -30.55 9.21
CA VAL A 830 -13.27 -29.87 10.16
C VAL A 830 -12.11 -30.77 10.54
N ALA A 831 -12.41 -32.04 10.85
CA ALA A 831 -11.36 -32.99 11.18
C ALA A 831 -10.42 -33.20 10.00
N ASN A 832 -10.97 -33.32 8.79
CA ASN A 832 -10.14 -33.51 7.61
C ASN A 832 -9.21 -32.32 7.41
N SER A 833 -9.73 -31.10 7.53
CA SER A 833 -8.91 -29.92 7.33
C SER A 833 -7.85 -29.79 8.42
N ILE A 834 -8.20 -30.10 9.67
CA ILE A 834 -7.23 -30.03 10.76
C ILE A 834 -6.11 -31.02 10.53
N LEU A 835 -6.44 -32.26 10.15
CA LEU A 835 -5.41 -33.25 9.91
C LEU A 835 -4.62 -32.97 8.65
N SER A 836 -5.17 -32.13 7.75
CA SER A 836 -4.43 -31.73 6.52
C SER A 836 -3.31 -30.77 6.89
N LYS A 837 -3.36 -30.19 8.10
CA LYS A 837 -2.31 -29.24 8.55
C LYS A 837 -1.02 -30.00 8.86
N ASN A 838 0.14 -29.32 8.84
CA ASN A 838 1.45 -29.99 9.02
C ASN A 838 1.71 -30.41 10.48
N TRP A 839 0.73 -31.01 11.16
CA TRP A 839 1.01 -31.52 12.52
C TRP A 839 2.22 -32.45 12.59
N GLU A 840 2.39 -33.39 11.66
CA GLU A 840 3.45 -34.37 11.73
C GLU A 840 4.54 -34.17 10.69
N GLU A 841 4.31 -33.33 9.68
CA GLU A 841 5.35 -33.05 8.69
C GLU A 841 6.51 -32.33 9.37
N PRO A 842 7.75 -32.64 9.00
CA PRO A 842 8.89 -32.01 9.66
C PRO A 842 8.92 -30.50 9.44
N TYR A 843 9.39 -29.79 10.46
CA TYR A 843 9.56 -28.36 10.40
C TYR A 843 10.73 -28.00 9.48
N PHE A 844 10.81 -26.72 9.12
CA PHE A 844 11.85 -26.15 8.27
C PHE A 844 11.81 -26.68 6.84
N SER A 845 10.84 -27.54 6.51
CA SER A 845 10.67 -28.03 5.16
C SER A 845 9.61 -27.25 4.39
N GLN A 846 9.05 -26.20 4.97
CA GLN A 846 8.06 -25.37 4.32
C GLN A 846 8.69 -24.04 3.90
N THR A 847 8.01 -23.36 2.98
CA THR A 847 8.51 -22.07 2.50
C THR A 847 8.55 -21.04 3.61
N ARG A 848 7.55 -21.04 4.50
CA ARG A 848 7.49 -20.04 5.56
C ARG A 848 8.67 -20.18 6.51
N ASN A 849 9.02 -21.40 6.89
CA ASN A 849 10.04 -21.60 7.91
C ASN A 849 11.46 -21.38 7.40
N ILE A 850 11.66 -21.41 6.09
CA ILE A 850 12.95 -21.06 5.47
C ILE A 850 12.66 -20.04 4.38
N SER A 851 12.75 -18.77 4.72
CA SER A 851 12.45 -17.70 3.78
C SER A 851 13.39 -16.53 4.07
N LEU A 852 13.17 -15.42 3.36
CA LEU A 852 13.99 -14.23 3.53
C LEU A 852 13.40 -13.23 4.52
N LYS A 853 12.27 -13.58 5.14
CA LYS A 853 11.62 -12.69 6.08
C LYS A 853 12.47 -12.49 7.33
N GLY A 854 12.37 -11.30 7.91
CA GLY A 854 13.13 -11.00 9.11
C GLY A 854 12.61 -11.75 10.32
N MET A 855 13.50 -11.94 11.29
CA MET A 855 13.18 -12.66 12.51
C MET A 855 14.12 -12.21 13.61
N SER A 856 13.59 -12.09 14.82
CA SER A 856 14.43 -11.76 15.96
C SER A 856 15.38 -12.91 16.26
N GLY A 857 16.64 -12.57 16.52
CA GLY A 857 17.64 -13.58 16.79
C GLY A 857 17.77 -13.91 18.26
N GLN A 858 18.96 -13.67 18.81
CA GLN A 858 19.24 -13.93 20.21
C GLN A 858 19.56 -12.63 20.92
N VAL A 859 19.26 -12.59 22.22
CA VAL A 859 19.54 -11.40 23.01
C VAL A 859 21.05 -11.16 23.03
N GLN A 860 21.48 -10.04 22.45
CA GLN A 860 22.89 -9.74 22.33
C GLN A 860 23.50 -9.45 23.71
N GLU A 861 24.80 -9.25 23.72
CA GLU A 861 25.49 -8.88 24.96
C GLU A 861 25.03 -7.51 25.45
N ASP A 862 24.77 -6.59 24.50
CA ASP A 862 24.26 -5.27 24.88
C ASP A 862 22.90 -5.39 25.56
N GLY A 863 22.04 -6.27 25.06
CA GLY A 863 20.72 -6.46 25.62
C GLY A 863 19.63 -6.40 24.59
N HIS A 864 19.95 -5.84 23.42
CA HIS A 864 18.96 -5.71 22.35
C HIS A 864 18.72 -7.04 21.67
N LEU A 865 17.51 -7.20 21.14
CA LEU A 865 17.14 -8.40 20.41
C LEU A 865 17.73 -8.34 19.01
N SER A 866 18.65 -9.25 18.72
CA SER A 866 19.33 -9.24 17.43
C SER A 866 18.37 -9.55 16.29
N SER A 867 18.54 -8.87 15.17
CA SER A 867 17.74 -9.11 13.98
C SER A 867 18.52 -9.98 13.01
N SER A 868 17.83 -10.96 12.42
CA SER A 868 18.48 -11.91 11.47
C SER A 868 17.44 -12.45 10.48
N VAL A 869 17.90 -13.12 9.42
CA VAL A 869 16.96 -13.74 8.44
C VAL A 869 16.37 -15.02 9.05
N THR A 870 15.15 -15.40 8.63
CA THR A 870 14.51 -16.64 9.14
C THR A 870 15.39 -17.86 8.82
N ILE A 871 15.83 -17.97 7.56
CA ILE A 871 16.67 -19.09 7.13
C ILE A 871 17.93 -19.18 7.99
N ILE A 872 18.47 -18.04 8.42
CA ILE A 872 19.66 -18.07 9.28
C ILE A 872 19.36 -18.76 10.59
N GLU A 873 18.23 -18.43 11.21
CA GLU A 873 17.86 -19.08 12.46
C GLU A 873 17.53 -20.55 12.25
N ALA A 874 16.93 -20.88 11.11
CA ALA A 874 16.69 -22.28 10.79
C ALA A 874 17.99 -23.07 10.70
N ILE A 875 18.99 -22.49 10.02
CA ILE A 875 20.29 -23.15 9.88
C ILE A 875 20.96 -23.28 11.25
N ARG A 876 20.78 -22.29 12.10
CA ARG A 876 21.45 -22.37 13.40
C ARG A 876 20.81 -23.51 14.13
N TYR A 877 19.50 -23.50 14.24
CA TYR A 877 18.84 -24.53 15.02
C TYR A 877 19.18 -25.92 14.48
N LEU A 878 19.21 -26.08 13.16
CA LEU A 878 19.53 -27.39 12.58
C LEU A 878 20.96 -27.79 12.92
N SER A 879 21.89 -26.84 12.89
CA SER A 879 23.26 -27.14 13.28
C SER A 879 23.37 -27.49 14.74
N ASN A 880 22.51 -26.91 15.59
CA ASN A 880 22.48 -27.21 17.01
C ASN A 880 21.43 -28.26 17.37
N SER A 881 21.13 -29.17 16.45
CA SER A 881 20.15 -30.23 16.69
C SER A 881 20.63 -31.52 16.07
N ARG A 882 20.03 -32.62 16.52
CA ARG A 882 20.38 -33.96 16.04
C ARG A 882 19.56 -34.37 14.82
N HIS A 883 18.31 -33.92 14.73
CA HIS A 883 17.44 -34.32 13.63
C HIS A 883 16.44 -33.20 13.37
N ASN A 884 15.87 -33.23 12.17
CA ASN A 884 14.82 -32.29 11.82
C ASN A 884 13.57 -32.61 12.63
N PRO A 885 13.06 -31.67 13.42
CA PRO A 885 11.90 -31.97 14.28
C PRO A 885 10.57 -31.62 13.62
N SER A 886 9.53 -32.27 14.10
CA SER A 886 8.18 -31.93 13.70
C SER A 886 7.74 -30.63 14.38
N LEU A 887 6.59 -30.11 13.96
CA LEU A 887 6.06 -28.90 14.57
C LEU A 887 5.79 -29.12 16.05
N LEU A 888 5.18 -30.25 16.39
CA LEU A 888 4.86 -30.52 17.79
C LEU A 888 6.12 -30.82 18.60
N LYS A 889 7.08 -31.55 18.01
CA LYS A 889 8.34 -31.80 18.71
C LYS A 889 9.10 -30.50 18.93
N LEU A 890 9.12 -29.63 17.92
CA LEU A 890 9.78 -28.34 18.10
C LEU A 890 9.08 -27.52 19.18
N TYR A 891 7.75 -27.59 19.24
CA TYR A 891 7.04 -26.90 20.32
C TYR A 891 7.40 -27.48 21.68
N GLU A 892 7.55 -28.80 21.77
CA GLU A 892 7.99 -29.41 23.03
C GLU A 892 9.36 -28.90 23.42
N GLU A 893 10.29 -28.80 22.50
CA GLU A 893 11.64 -28.36 22.94
C GLU A 893 11.60 -26.88 23.28
N THR A 894 10.90 -26.07 22.50
CA THR A 894 10.92 -24.63 22.73
C THR A 894 9.71 -24.16 23.54
N ARG A 895 9.14 -24.92 24.42
CA ARG A 895 7.93 -24.45 25.10
C ARG A 895 8.36 -23.46 26.16
N GLU A 896 9.36 -23.78 26.95
CA GLU A 896 9.76 -22.93 28.10
C GLU A 896 10.27 -21.55 27.72
N GLN A 897 10.85 -21.36 26.53
CA GLN A 897 11.49 -20.08 26.14
C GLN A 897 10.42 -18.98 26.07
N LYS A 898 10.77 -17.72 26.30
CA LYS A 898 9.71 -16.70 26.40
C LYS A 898 9.51 -16.08 25.06
N ALA A 899 8.30 -15.69 24.77
CA ALA A 899 8.13 -14.98 23.52
C ALA A 899 8.77 -13.60 23.58
N MET A 900 9.51 -13.24 22.53
CA MET A 900 10.16 -11.95 22.44
C MET A 900 9.85 -11.32 21.08
N ALA A 901 9.85 -10.00 21.04
CA ALA A 901 9.49 -9.32 19.80
C ALA A 901 10.09 -7.92 19.78
N ARG A 902 10.22 -7.38 18.56
CA ARG A 902 10.59 -6.00 18.33
C ARG A 902 9.57 -5.41 17.36
N ILE A 903 9.39 -4.09 17.44
CA ILE A 903 8.44 -3.38 16.60
C ILE A 903 9.22 -2.52 15.61
N VAL A 904 8.82 -2.54 14.34
CA VAL A 904 9.48 -1.75 13.31
C VAL A 904 8.42 -1.15 12.40
N ARG A 905 8.77 -0.02 11.79
CA ARG A 905 7.80 0.77 11.03
C ARG A 905 7.39 0.06 9.74
N LYS A 906 6.11 0.19 9.40
CA LYS A 906 5.60 -0.28 8.12
C LYS A 906 5.80 0.71 6.99
N TYR A 907 6.17 1.96 7.31
CA TYR A 907 6.31 3.02 6.31
C TYR A 907 5.01 3.19 5.51
N GLN A 908 3.96 3.57 6.22
CA GLN A 908 2.67 3.81 5.61
C GLN A 908 2.48 5.29 5.31
N ARG A 909 1.42 5.59 4.57
CA ARG A 909 1.06 6.96 4.25
C ARG A 909 -0.07 7.49 5.14
N THR A 910 -0.43 6.78 6.20
CA THR A 910 -1.48 7.22 7.09
C THR A 910 -0.95 8.34 7.98
N GLU A 911 -1.85 8.92 8.78
CA GLU A 911 -1.45 10.00 9.68
C GLU A 911 -0.42 9.53 10.70
N ALA A 912 -0.64 8.37 11.30
CA ALA A 912 0.27 7.78 12.26
C ALA A 912 0.76 6.45 11.73
N ASP A 913 2.08 6.28 11.71
CA ASP A 913 2.66 5.05 11.19
C ASP A 913 2.40 3.89 12.16
N ARG A 914 1.91 2.78 11.62
CA ARG A 914 1.75 1.56 12.39
C ARG A 914 3.04 0.76 12.35
N GLY A 915 3.26 -0.03 13.40
CA GLY A 915 4.45 -0.86 13.50
C GLY A 915 4.09 -2.32 13.52
N PHE A 916 4.92 -3.14 12.89
CA PHE A 916 4.73 -4.58 12.88
C PHE A 916 5.83 -5.25 13.71
N PHE A 917 5.49 -6.42 14.24
CA PHE A 917 6.30 -7.06 15.29
C PHE A 917 7.14 -8.19 14.70
N ILE A 918 8.43 -8.15 14.97
CA ILE A 918 9.36 -9.19 14.54
C ILE A 918 9.53 -10.17 15.69
N THR A 919 8.97 -11.38 15.53
CA THR A 919 8.95 -12.37 16.59
C THR A 919 10.06 -13.41 16.38
N THR A 920 10.53 -13.97 17.49
CA THR A 920 11.64 -14.91 17.47
C THR A 920 11.15 -16.29 17.02
N LEU A 921 12.02 -17.30 17.11
CA LEU A 921 11.68 -18.61 16.56
C LEU A 921 10.65 -19.36 17.39
N PRO A 922 10.81 -19.53 18.71
CA PRO A 922 9.75 -20.21 19.48
C PRO A 922 8.41 -19.51 19.39
N THR A 923 8.41 -18.17 19.37
CA THR A 923 7.16 -17.44 19.17
C THR A 923 6.56 -17.76 17.82
N ARG A 924 7.39 -17.85 16.78
CA ARG A 924 6.88 -18.23 15.47
C ARG A 924 6.28 -19.64 15.50
N CYS A 925 6.92 -20.56 16.22
CA CYS A 925 6.39 -21.92 16.32
C CYS A 925 5.02 -21.94 16.98
N ARG A 926 4.87 -21.30 18.12
CA ARG A 926 3.58 -21.24 18.81
C ARG A 926 2.60 -20.60 17.85
N LEU A 927 2.86 -19.44 17.32
CA LEU A 927 1.89 -18.75 16.48
C LEU A 927 1.50 -19.60 15.28
N GLU A 928 2.46 -20.35 14.72
CA GLU A 928 2.14 -21.25 13.62
C GLU A 928 1.17 -22.33 14.07
N ILE A 929 1.40 -22.91 15.25
CA ILE A 929 0.49 -23.93 15.75
C ILE A 929 -0.92 -23.38 15.89
N ILE A 930 -1.04 -22.23 16.57
CA ILE A 930 -2.37 -21.67 16.84
C ILE A 930 -3.05 -21.26 15.53
N GLU A 931 -2.30 -20.60 14.64
CA GLU A 931 -2.88 -20.11 13.41
C GLU A 931 -3.27 -21.25 12.48
N ASP A 932 -2.50 -22.34 12.45
CA ASP A 932 -2.89 -23.49 11.65
C ASP A 932 -4.15 -24.14 12.20
N TYR A 933 -4.21 -24.35 13.52
CA TYR A 933 -5.38 -24.97 14.10
C TYR A 933 -6.63 -24.13 13.91
N TYR A 934 -6.49 -22.81 13.89
CA TYR A 934 -7.66 -21.95 13.73
C TYR A 934 -7.95 -21.61 12.27
N ASP A 935 -6.97 -21.77 11.38
CA ASP A 935 -7.21 -21.63 9.95
C ASP A 935 -7.91 -22.86 9.39
N ALA A 936 -7.63 -24.03 9.94
CA ALA A 936 -8.35 -25.23 9.51
C ALA A 936 -9.84 -25.10 9.80
N ILE A 937 -10.19 -24.56 10.97
CA ILE A 937 -11.60 -24.39 11.32
C ILE A 937 -12.20 -23.21 10.55
N ALA A 938 -11.43 -22.13 10.39
CA ALA A 938 -11.98 -20.90 9.84
C ALA A 938 -12.48 -21.09 8.41
N LYS A 939 -11.74 -21.85 7.59
CA LYS A 939 -12.12 -22.03 6.20
C LYS A 939 -13.43 -22.79 6.04
N ASN A 940 -13.89 -23.46 7.10
CA ASN A 940 -15.04 -24.35 7.01
C ASN A 940 -16.35 -23.71 7.43
N ILE A 941 -16.35 -22.42 7.75
CA ILE A 941 -17.58 -21.70 8.09
C ILE A 941 -17.67 -20.44 7.25
N SER A 942 -18.90 -19.95 7.10
CA SER A 942 -19.12 -18.69 6.41
C SER A 942 -18.92 -17.53 7.39
N GLU A 943 -19.12 -16.31 6.88
CA GLU A 943 -18.96 -15.05 7.60
C GLU A 943 -17.51 -14.82 8.03
N GLU A 944 -16.59 -15.73 7.70
CA GLU A 944 -15.17 -15.55 7.96
C GLU A 944 -14.47 -15.20 6.66
N TYR A 945 -13.89 -14.01 6.60
CA TYR A 945 -13.38 -13.48 5.34
C TYR A 945 -11.86 -13.37 5.29
N ILE A 946 -11.18 -13.40 6.43
CA ILE A 946 -9.72 -13.45 6.39
C ILE A 946 -9.24 -14.82 5.92
N SER A 947 -9.99 -15.88 6.23
CA SER A 947 -9.63 -17.22 5.78
C SER A 947 -9.77 -17.37 4.29
N TYR A 948 -10.71 -16.64 3.68
CA TYR A 948 -10.96 -16.73 2.22
C TYR A 948 -9.75 -16.19 1.47
N GLY A 949 -9.77 -16.27 0.16
CA GLY A 949 -8.61 -15.88 -0.66
C GLY A 949 -8.52 -14.39 -0.76
N GLY A 950 -7.43 -13.87 -1.32
CA GLY A 950 -7.23 -12.41 -1.40
C GLY A 950 -8.13 -11.82 -2.46
N GLU A 951 -8.77 -12.67 -3.25
CA GLU A 951 -9.63 -12.24 -4.32
C GLU A 951 -11.08 -12.68 -4.17
N LYS A 952 -11.33 -13.78 -3.46
CA LYS A 952 -12.69 -14.28 -3.26
C LYS A 952 -13.48 -13.47 -2.24
N LYS A 953 -12.82 -12.59 -1.48
CA LYS A 953 -13.50 -11.80 -0.46
C LYS A 953 -14.58 -10.92 -1.07
N ILE A 954 -14.28 -10.27 -2.19
CA ILE A 954 -15.26 -9.40 -2.83
C ILE A 954 -16.45 -10.20 -3.31
N LEU A 955 -16.21 -11.37 -3.90
CA LEU A 955 -17.31 -12.22 -4.35
C LEU A 955 -18.20 -12.64 -3.19
N ALA A 956 -17.58 -13.06 -2.09
CA ALA A 956 -18.35 -13.54 -0.94
C ALA A 956 -19.15 -12.41 -0.31
N ILE A 957 -18.54 -11.24 -0.14
CA ILE A 957 -19.26 -10.12 0.47
C ILE A 957 -20.37 -9.61 -0.44
N GLN A 958 -20.16 -9.64 -1.76
CA GLN A 958 -21.25 -9.26 -2.66
C GLN A 958 -22.39 -10.27 -2.60
N GLY A 959 -22.06 -11.57 -2.46
CA GLY A 959 -23.11 -12.55 -2.28
C GLY A 959 -23.89 -12.34 -1.00
N ALA A 960 -23.18 -11.99 0.08
CA ALA A 960 -23.85 -11.72 1.35
C ALA A 960 -24.78 -10.51 1.23
N LEU A 961 -24.31 -9.44 0.58
CA LEU A 961 -25.14 -8.26 0.40
C LEU A 961 -26.35 -8.57 -0.48
N GLU A 962 -26.16 -9.41 -1.50
CA GLU A 962 -27.27 -9.81 -2.35
C GLU A 962 -28.29 -10.63 -1.56
N LYS A 963 -27.83 -11.51 -0.69
CA LYS A 963 -28.74 -12.26 0.17
C LYS A 963 -29.53 -11.33 1.09
N ALA A 964 -28.85 -10.34 1.67
CA ALA A 964 -29.53 -9.37 2.52
C ALA A 964 -30.59 -8.61 1.73
N LEU A 965 -30.26 -8.19 0.50
CA LEU A 965 -31.22 -7.50 -0.33
C LEU A 965 -32.40 -8.41 -0.69
N ARG A 966 -32.12 -9.70 -0.90
CA ARG A 966 -33.20 -10.65 -1.17
C ARG A 966 -34.15 -10.75 0.02
N TRP A 967 -33.61 -10.74 1.24
CA TRP A 967 -34.48 -10.74 2.41
C TRP A 967 -35.33 -9.48 2.49
N ALA A 968 -34.81 -8.35 1.99
CA ALA A 968 -35.54 -7.09 2.06
C ALA A 968 -36.83 -7.14 1.25
N SER A 969 -36.88 -7.97 0.22
CA SER A 969 -38.09 -8.11 -0.58
C SER A 969 -39.19 -8.74 0.26
N GLY A 970 -40.42 -8.26 0.06
CA GLY A 970 -41.56 -8.78 0.79
C GLY A 970 -41.81 -8.05 2.09
N GLU A 971 -42.88 -8.46 2.75
CA GLU A 971 -43.31 -7.88 4.02
C GLU A 971 -43.46 -8.98 5.05
N SER A 972 -43.29 -8.61 6.32
CA SER A 972 -43.34 -9.56 7.43
C SER A 972 -44.66 -9.41 8.18
N PHE A 973 -45.34 -10.52 8.42
CA PHE A 973 -46.60 -10.51 9.14
C PHE A 973 -46.35 -10.99 10.57
N ILE A 974 -46.75 -10.17 11.54
CA ILE A 974 -46.54 -10.48 12.95
C ILE A 974 -47.89 -10.70 13.62
N GLU A 975 -47.95 -11.72 14.47
CA GLU A 975 -49.24 -12.17 15.01
C GLU A 975 -49.67 -11.30 16.19
N LEU A 976 -50.92 -10.84 16.15
CA LEU A 976 -51.47 -10.17 17.32
C LEU A 976 -51.64 -11.14 18.48
N SER A 977 -52.11 -12.35 18.20
CA SER A 977 -52.37 -13.37 19.22
C SER A 977 -53.33 -12.85 20.29
N LYS A 980 -54.55 -13.53 12.57
CA LYS A 980 -54.60 -12.09 12.81
C LYS A 980 -53.20 -11.50 12.82
N PHE A 981 -52.87 -10.80 11.73
CA PHE A 981 -51.50 -10.37 11.47
C PHE A 981 -51.43 -8.87 11.23
N ILE A 982 -50.27 -8.31 11.56
CA ILE A 982 -49.90 -6.94 11.23
C ILE A 982 -48.83 -7.00 10.14
N ARG A 983 -49.03 -6.22 9.08
CA ARG A 983 -48.03 -6.09 8.04
C ARG A 983 -46.94 -5.12 8.45
N MET A 984 -45.69 -5.51 8.21
CA MET A 984 -44.54 -4.69 8.55
C MET A 984 -43.58 -4.69 7.36
N LYS A 985 -42.96 -3.53 7.13
CA LYS A 985 -42.06 -3.37 5.99
C LYS A 985 -40.63 -3.71 6.43
N ARG A 986 -39.99 -4.59 5.66
CA ARG A 986 -38.61 -4.96 5.95
C ARG A 986 -37.67 -3.89 5.45
N LYS A 987 -36.76 -3.44 6.32
CA LYS A 987 -35.77 -2.44 5.96
C LYS A 987 -34.40 -2.90 6.44
N LEU A 988 -33.37 -2.48 5.72
CA LEU A 988 -32.00 -2.89 6.00
C LEU A 988 -31.18 -1.69 6.44
N MET A 989 -30.20 -1.95 7.31
CA MET A 989 -29.26 -0.92 7.73
C MET A 989 -27.87 -1.53 7.85
N TYR A 990 -26.89 -0.89 7.21
CA TYR A 990 -25.52 -1.38 7.15
C TYR A 990 -24.65 -0.60 8.11
N VAL A 991 -23.94 -1.31 8.97
CA VAL A 991 -22.99 -0.73 9.91
C VAL A 991 -21.61 -1.15 9.45
N SER A 992 -20.87 -0.21 8.85
CA SER A 992 -19.48 -0.42 8.51
C SER A 992 -18.67 -0.13 9.78
N ALA A 993 -18.21 -1.19 10.43
CA ALA A 993 -17.57 -1.09 11.74
C ALA A 993 -16.06 -1.22 11.62
N ASP A 994 -15.39 -0.81 12.68
CA ASP A 994 -13.94 -0.97 12.80
C ASP A 994 -13.61 -0.95 14.28
N ALA A 995 -12.98 -2.00 14.78
CA ALA A 995 -12.69 -2.08 16.21
C ALA A 995 -11.70 -1.01 16.62
N THR A 996 -11.88 -0.47 17.83
CA THR A 996 -10.97 0.54 18.36
C THR A 996 -9.54 0.03 18.37
N LYS A 997 -9.29 -1.01 19.16
CA LYS A 997 -7.99 -1.66 19.22
C LYS A 997 -8.21 -3.14 19.03
N TRP A 998 -7.51 -3.73 18.06
CA TRP A 998 -7.59 -5.17 17.85
C TRP A 998 -6.49 -5.89 18.65
N SER A 999 -5.24 -5.54 18.39
CA SER A 999 -4.14 -6.12 19.13
C SER A 999 -4.04 -5.51 20.53
N PRO A 1000 -3.85 -4.17 20.67
CA PRO A 1000 -3.55 -3.61 22.01
C PRO A 1000 -4.63 -3.86 23.04
N GLY A 1001 -5.84 -3.39 22.77
CA GLY A 1001 -6.93 -3.53 23.71
C GLY A 1001 -7.60 -4.88 23.67
N ASP A 1002 -6.83 -5.93 23.92
CA ASP A 1002 -7.34 -7.29 23.81
C ASP A 1002 -6.68 -8.16 24.86
N ASN A 1003 -7.36 -9.25 25.19
CA ASN A 1003 -6.87 -10.25 26.13
C ASN A 1003 -6.70 -11.56 25.36
N SER A 1004 -5.44 -11.97 25.16
CA SER A 1004 -5.19 -13.18 24.39
C SER A 1004 -5.63 -14.44 25.11
N ALA A 1005 -5.95 -14.36 26.40
CA ALA A 1005 -6.40 -15.54 27.14
C ALA A 1005 -7.81 -15.96 26.75
N LYS A 1006 -8.62 -15.05 26.22
CA LYS A 1006 -10.01 -15.37 25.90
C LYS A 1006 -10.13 -16.48 24.86
N PHE A 1007 -9.09 -16.70 24.07
CA PHE A 1007 -9.12 -17.80 23.11
C PHE A 1007 -8.98 -19.15 23.80
N ARG A 1008 -8.22 -19.20 24.89
CA ARG A 1008 -7.95 -20.48 25.56
C ARG A 1008 -9.24 -21.22 25.89
N ARG A 1009 -10.07 -20.62 26.75
CA ARG A 1009 -11.38 -21.20 27.02
C ARG A 1009 -12.15 -21.44 25.73
N PHE A 1010 -12.09 -20.47 24.80
CA PHE A 1010 -12.69 -20.66 23.49
C PHE A 1010 -12.17 -21.93 22.83
N THR A 1011 -10.85 -22.08 22.78
CA THR A 1011 -10.28 -23.29 22.21
C THR A 1011 -10.71 -24.53 22.98
N SER A 1012 -10.91 -24.41 24.29
CA SER A 1012 -11.33 -25.55 25.07
C SER A 1012 -12.76 -25.97 24.79
N MET A 1013 -13.54 -25.12 24.12
CA MET A 1013 -14.94 -25.42 23.85
C MET A 1013 -15.25 -25.57 22.37
N LEU A 1014 -14.34 -25.16 21.48
CA LEU A 1014 -14.58 -25.31 20.05
C LEU A 1014 -14.51 -26.79 19.68
N HIS A 1015 -15.55 -27.27 18.98
CA HIS A 1015 -15.70 -28.68 18.67
C HIS A 1015 -15.13 -28.98 17.30
N ASN A 1016 -14.23 -29.95 17.24
CA ASN A 1016 -13.69 -30.48 16.00
C ASN A 1016 -14.02 -31.96 15.90
N GLY A 1017 -13.79 -32.52 14.72
CA GLY A 1017 -14.10 -33.91 14.48
C GLY A 1017 -13.05 -34.89 14.95
N LEU A 1018 -11.99 -34.42 15.59
CA LEU A 1018 -10.94 -35.31 16.06
C LEU A 1018 -11.46 -36.21 17.18
N PRO A 1019 -10.96 -37.44 17.26
CA PRO A 1019 -11.45 -38.37 18.30
C PRO A 1019 -11.08 -37.94 19.71
N ASN A 1020 -9.81 -37.60 19.94
CA ASN A 1020 -9.33 -37.22 21.25
C ASN A 1020 -8.90 -35.76 21.26
N ASN A 1021 -9.09 -35.10 22.40
CA ASN A 1021 -8.75 -33.69 22.55
C ASN A 1021 -7.29 -33.54 22.96
N LYS A 1022 -6.40 -34.01 22.08
CA LYS A 1022 -4.96 -33.90 22.27
C LYS A 1022 -4.39 -32.71 21.50
N LEU A 1023 -4.76 -32.57 20.23
CA LEU A 1023 -4.37 -31.39 19.47
C LEU A 1023 -4.96 -30.12 20.09
N LYS A 1024 -6.20 -30.22 20.57
CA LYS A 1024 -6.82 -29.08 21.24
C LYS A 1024 -6.03 -28.69 22.48
N ASN A 1025 -5.58 -29.69 23.26
CA ASN A 1025 -4.77 -29.40 24.44
C ASN A 1025 -3.44 -28.76 24.05
N CYS A 1026 -2.82 -29.24 22.96
CA CYS A 1026 -1.58 -28.64 22.51
C CYS A 1026 -1.77 -27.18 22.11
N VAL A 1027 -2.87 -26.89 21.40
CA VAL A 1027 -3.15 -25.51 21.00
C VAL A 1027 -3.41 -24.64 22.23
N ILE A 1028 -4.13 -25.18 23.22
CA ILE A 1028 -4.37 -24.42 24.45
C ILE A 1028 -3.07 -24.10 25.16
N ASP A 1029 -2.17 -25.08 25.23
CA ASP A 1029 -0.87 -24.83 25.84
C ASP A 1029 -0.08 -23.78 25.07
N ALA A 1030 -0.13 -23.84 23.74
CA ALA A 1030 0.55 -22.83 22.94
C ALA A 1030 -0.01 -21.45 23.21
N LEU A 1031 -1.33 -21.34 23.32
CA LEU A 1031 -1.95 -20.06 23.67
C LEU A 1031 -1.51 -19.60 25.05
N LYS A 1032 -1.35 -20.53 25.99
CA LYS A 1032 -0.87 -20.17 27.31
C LYS A 1032 0.54 -19.61 27.26
N GLN A 1033 1.40 -20.20 26.43
CA GLN A 1033 2.79 -19.75 26.36
C GLN A 1033 2.98 -18.45 25.59
N VAL A 1034 1.97 -17.99 24.85
CA VAL A 1034 2.06 -16.74 24.10
C VAL A 1034 1.41 -15.59 24.86
N TYR A 1035 0.95 -15.83 26.08
CA TYR A 1035 0.29 -14.78 26.87
C TYR A 1035 1.26 -13.65 27.20
N LYS A 1036 2.49 -13.99 27.59
CA LYS A 1036 3.47 -13.00 28.01
C LYS A 1036 4.57 -12.89 26.95
N THR A 1037 4.91 -11.67 26.59
CA THR A 1037 5.88 -11.40 25.54
C THR A 1037 6.93 -10.41 26.05
N ASP A 1038 8.17 -10.60 25.64
CA ASP A 1038 9.25 -9.67 25.99
C ASP A 1038 9.36 -8.64 24.88
N PHE A 1039 8.62 -7.54 25.02
CA PHE A 1039 8.65 -6.48 24.02
C PHE A 1039 9.94 -5.69 24.15
N PHE A 1040 10.72 -5.64 23.07
CA PHE A 1040 12.04 -5.03 23.09
C PHE A 1040 12.01 -3.67 22.40
N MET A 1041 12.59 -2.67 23.05
CA MET A 1041 12.73 -1.36 22.44
C MET A 1041 13.74 -1.42 21.30
N SER A 1042 13.45 -0.71 20.23
CA SER A 1042 14.32 -0.73 19.06
C SER A 1042 15.64 -0.01 19.36
N ARG A 1043 16.66 -0.37 18.58
CA ARG A 1043 17.97 0.25 18.77
C ARG A 1043 17.93 1.75 18.49
N LYS A 1044 17.19 2.15 17.45
CA LYS A 1044 17.07 3.57 17.13
C LYS A 1044 16.50 4.35 18.30
N LEU A 1045 15.39 3.86 18.86
CA LEU A 1045 14.76 4.54 19.98
C LEU A 1045 15.67 4.55 21.21
N ARG A 1046 16.47 3.51 21.43
CA ARG A 1046 17.27 3.50 22.67
C ARG A 1046 18.43 4.44 22.48
N ASN A 1047 18.98 4.54 21.28
CA ASN A 1047 20.02 5.55 21.06
C ASN A 1047 19.45 6.95 21.17
N TYR A 1048 18.26 7.18 20.61
CA TYR A 1048 17.64 8.50 20.67
C TYR A 1048 17.39 8.92 22.11
N ILE A 1049 16.87 8.01 22.94
CA ILE A 1049 16.61 8.32 24.34
C ILE A 1049 17.92 8.47 25.11
N ASP A 1050 18.96 7.70 24.73
CA ASP A 1050 20.25 7.85 25.38
C ASP A 1050 20.87 9.22 25.11
N SER A 1051 20.69 9.75 23.90
CA SER A 1051 21.20 11.06 23.54
C SER A 1051 20.24 12.18 23.87
N MET A 1052 19.25 11.93 24.71
CA MET A 1052 18.22 12.93 24.99
C MET A 1052 18.76 14.08 25.84
N GLU A 1053 19.53 13.75 26.88
CA GLU A 1053 20.22 14.71 27.73
C GLU A 1053 19.27 15.46 28.65
N SER A 1054 17.96 15.28 28.46
CA SER A 1054 16.96 15.90 29.34
C SER A 1054 15.68 15.08 29.23
N LEU A 1055 15.43 14.23 30.22
CA LEU A 1055 14.28 13.33 30.20
C LEU A 1055 13.07 14.08 30.75
N ASP A 1056 12.39 14.82 29.88
CA ASP A 1056 11.18 15.52 30.26
C ASP A 1056 10.03 14.53 30.45
N PRO A 1057 8.96 14.94 31.14
CA PRO A 1057 7.81 14.05 31.30
C PRO A 1057 7.26 13.56 29.98
N HIS A 1058 6.44 12.51 30.08
CA HIS A 1058 5.86 11.78 28.95
C HIS A 1058 6.92 10.92 28.26
N ILE A 1059 8.17 11.05 28.70
CA ILE A 1059 9.26 10.17 28.27
C ILE A 1059 9.77 9.34 29.42
N LYS A 1060 9.83 9.90 30.63
CA LYS A 1060 10.17 9.11 31.81
C LYS A 1060 9.11 8.03 32.05
N GLN A 1061 7.84 8.39 31.87
CA GLN A 1061 6.78 7.40 32.04
C GLN A 1061 6.89 6.27 31.02
N PHE A 1062 7.23 6.60 29.78
CA PHE A 1062 7.44 5.58 28.77
C PHE A 1062 8.64 4.71 29.11
N LEU A 1063 9.72 5.32 29.61
CA LEU A 1063 10.92 4.57 29.96
C LEU A 1063 10.73 3.73 31.21
N ASP A 1064 9.72 4.03 32.02
CA ASP A 1064 9.45 3.21 33.20
C ASP A 1064 8.95 1.83 32.83
N PHE A 1065 8.40 1.65 31.63
CA PHE A 1065 7.91 0.34 31.23
C PHE A 1065 9.06 -0.66 31.06
N PHE A 1066 10.23 -0.20 30.62
CA PHE A 1066 11.40 -1.05 30.46
C PHE A 1066 12.26 -0.90 31.72
N PRO A 1067 12.26 -1.89 32.63
CA PRO A 1067 13.01 -1.74 33.88
C PRO A 1067 14.51 -1.71 33.67
N ASP A 1068 15.03 -2.69 32.92
CA ASP A 1068 16.46 -2.72 32.65
C ASP A 1068 16.85 -1.73 31.56
N GLY A 1069 15.88 -1.18 30.85
CA GLY A 1069 16.13 -0.22 29.81
C GLY A 1069 16.16 -0.76 28.40
N HIS A 1070 15.90 -2.05 28.22
CA HIS A 1070 15.95 -2.66 26.89
C HIS A 1070 14.70 -3.44 26.52
N HIS A 1071 13.99 -4.01 27.48
CA HIS A 1071 12.78 -4.78 27.18
C HIS A 1071 11.84 -4.69 28.37
N GLY A 1072 10.57 -4.99 28.09
CA GLY A 1072 9.54 -4.98 29.11
C GLY A 1072 8.53 -6.06 28.83
N GLU A 1073 7.85 -6.49 29.90
CA GLU A 1073 6.91 -7.59 29.80
C GLU A 1073 5.54 -7.06 29.37
N VAL A 1074 5.04 -7.57 28.25
CA VAL A 1074 3.70 -7.26 27.76
C VAL A 1074 2.83 -8.47 27.99
N LYS A 1075 1.70 -8.27 28.66
CA LYS A 1075 0.79 -9.34 29.01
C LYS A 1075 -0.57 -9.11 28.37
N GLY A 1076 -1.20 -10.20 27.98
CA GLY A 1076 -2.55 -10.15 27.45
C GLY A 1076 -2.62 -9.75 25.99
N ASN A 1077 -1.71 -8.88 25.57
CA ASN A 1077 -1.68 -8.40 24.20
C ASN A 1077 -0.97 -9.41 23.31
N TRP A 1078 -1.68 -9.91 22.31
CA TRP A 1078 -1.06 -10.69 21.24
C TRP A 1078 -0.66 -9.71 20.14
N LEU A 1079 0.59 -9.78 19.71
CA LEU A 1079 1.13 -8.78 18.81
C LEU A 1079 0.35 -8.74 17.50
N GLN A 1080 0.22 -7.55 16.93
CA GLN A 1080 -0.61 -7.36 15.76
C GLN A 1080 -0.07 -8.16 14.58
N GLY A 1081 -0.97 -8.56 13.71
CA GLY A 1081 -0.63 -9.46 12.61
C GLY A 1081 -0.75 -10.91 12.98
N ASN A 1082 -0.13 -11.30 14.09
CA ASN A 1082 -0.29 -12.65 14.60
C ASN A 1082 -1.72 -12.89 15.05
N LEU A 1083 -2.13 -14.16 15.05
CA LEU A 1083 -3.45 -14.55 15.51
C LEU A 1083 -4.56 -13.81 14.77
N ASN A 1084 -4.34 -13.52 13.49
CA ASN A 1084 -5.30 -12.74 12.72
C ASN A 1084 -6.52 -13.54 12.31
N LYS A 1085 -6.43 -14.87 12.30
CA LYS A 1085 -7.59 -15.71 11.99
C LYS A 1085 -8.33 -16.17 13.22
N CYS A 1086 -7.63 -16.44 14.32
CA CYS A 1086 -8.30 -16.79 15.57
C CYS A 1086 -9.18 -15.63 16.04
N SER A 1087 -8.70 -14.40 15.94
CA SER A 1087 -9.47 -13.25 16.36
C SER A 1087 -10.73 -13.07 15.52
N SER A 1088 -10.62 -13.25 14.20
CA SER A 1088 -11.80 -13.13 13.35
C SER A 1088 -12.80 -14.25 13.62
N LEU A 1089 -12.31 -15.47 13.87
CA LEU A 1089 -13.20 -16.55 14.26
C LEU A 1089 -13.92 -16.22 15.56
N PHE A 1090 -13.19 -15.65 16.53
CA PHE A 1090 -13.81 -15.26 17.79
C PHE A 1090 -14.87 -14.18 17.57
N GLY A 1091 -14.58 -13.20 16.70
CA GLY A 1091 -15.56 -12.17 16.41
C GLY A 1091 -16.82 -12.73 15.77
N VAL A 1092 -16.66 -13.68 14.85
CA VAL A 1092 -17.81 -14.33 14.24
C VAL A 1092 -18.60 -15.09 15.30
N ALA A 1093 -17.90 -15.77 16.22
CA ALA A 1093 -18.58 -16.50 17.28
C ALA A 1093 -19.40 -15.55 18.16
N MET A 1094 -18.82 -14.40 18.50
CA MET A 1094 -19.55 -13.44 19.34
C MET A 1094 -20.75 -12.86 18.59
N SER A 1095 -20.60 -12.62 17.28
CA SER A 1095 -21.73 -12.13 16.50
C SER A 1095 -22.85 -13.16 16.44
N LEU A 1096 -22.51 -14.44 16.29
CA LEU A 1096 -23.54 -15.47 16.30
C LEU A 1096 -24.17 -15.61 17.68
N LEU A 1097 -23.39 -15.43 18.74
CA LEU A 1097 -23.96 -15.40 20.08
C LEU A 1097 -24.97 -14.27 20.24
N PHE A 1098 -24.63 -13.08 19.72
CA PHE A 1098 -25.59 -11.98 19.76
C PHE A 1098 -26.83 -12.31 18.95
N LYS A 1099 -26.67 -12.95 17.80
CA LYS A 1099 -27.83 -13.32 16.99
C LYS A 1099 -28.74 -14.27 17.75
N GLN A 1100 -28.16 -15.27 18.42
CA GLN A 1100 -28.97 -16.19 19.21
C GLN A 1100 -29.66 -15.48 20.37
N VAL A 1101 -28.94 -14.58 21.03
CA VAL A 1101 -29.53 -13.85 22.15
C VAL A 1101 -30.70 -13.00 21.68
N TRP A 1102 -30.54 -12.32 20.55
CA TRP A 1102 -31.63 -11.50 20.02
C TRP A 1102 -32.81 -12.34 19.59
N THR A 1103 -32.56 -13.50 18.98
CA THR A 1103 -33.65 -14.38 18.60
C THR A 1103 -34.41 -14.88 19.83
N ASN A 1104 -33.69 -15.21 20.89
CA ASN A 1104 -34.36 -15.61 22.13
C ASN A 1104 -35.15 -14.46 22.74
N LEU A 1105 -34.61 -13.24 22.69
CA LEU A 1105 -35.24 -12.11 23.34
C LEU A 1105 -36.58 -11.77 22.70
N PHE A 1106 -36.65 -11.78 21.38
CA PHE A 1106 -37.84 -11.36 20.64
C PHE A 1106 -38.22 -12.45 19.64
N PRO A 1107 -38.76 -13.57 20.12
CA PRO A 1107 -39.17 -14.63 19.19
C PRO A 1107 -40.26 -14.20 18.22
N GLU A 1108 -41.13 -13.29 18.62
CA GLU A 1108 -42.24 -12.88 17.77
C GLU A 1108 -41.74 -12.20 16.50
N LEU A 1109 -40.76 -11.32 16.63
CA LEU A 1109 -40.24 -10.59 15.48
C LEU A 1109 -39.26 -11.44 14.69
N ASP A 1110 -39.36 -11.36 13.37
CA ASP A 1110 -38.43 -12.01 12.47
C ASP A 1110 -37.46 -10.96 11.95
N CYS A 1111 -36.18 -11.14 12.23
CA CYS A 1111 -35.15 -10.18 11.86
C CYS A 1111 -34.02 -10.88 11.13
N PHE A 1112 -33.31 -10.12 10.30
CA PHE A 1112 -32.23 -10.64 9.47
C PHE A 1112 -30.91 -10.09 9.98
N PHE A 1113 -29.91 -10.96 10.07
CA PHE A 1113 -28.58 -10.57 10.53
C PHE A 1113 -27.55 -11.15 9.57
N GLU A 1114 -26.75 -10.29 8.96
CA GLU A 1114 -25.62 -10.71 8.15
C GLU A 1114 -24.35 -10.10 8.73
N PHE A 1115 -23.32 -10.91 8.89
CA PHE A 1115 -22.09 -10.45 9.52
C PHE A 1115 -20.90 -10.82 8.66
N ALA A 1116 -19.95 -9.91 8.56
CA ALA A 1116 -18.68 -10.18 7.89
C ALA A 1116 -17.56 -9.66 8.78
N HIS A 1117 -16.66 -10.55 9.18
CA HIS A 1117 -15.57 -10.22 10.09
C HIS A 1117 -14.24 -10.52 9.41
N HIS A 1118 -13.51 -9.46 9.06
CA HIS A 1118 -12.16 -9.57 8.53
C HIS A 1118 -11.24 -8.86 9.51
N SER A 1119 -10.80 -9.60 10.53
CA SER A 1119 -9.92 -9.09 11.59
C SER A 1119 -10.64 -7.91 12.25
N ASP A 1120 -10.01 -6.75 12.41
CA ASP A 1120 -10.69 -5.62 13.03
C ASP A 1120 -11.83 -5.09 12.16
N ASP A 1121 -11.63 -5.07 10.85
CA ASP A 1121 -12.68 -4.62 9.95
C ASP A 1121 -13.88 -5.56 10.03
N ALA A 1122 -15.08 -4.98 10.00
CA ALA A 1122 -16.30 -5.77 10.10
C ALA A 1122 -17.46 -4.99 9.49
N LEU A 1123 -18.43 -5.73 8.97
CA LEU A 1123 -19.64 -5.15 8.40
C LEU A 1123 -20.85 -5.92 8.93
N PHE A 1124 -21.84 -5.18 9.44
CA PHE A 1124 -23.04 -5.80 10.02
C PHE A 1124 -24.27 -5.27 9.29
N ILE A 1125 -25.03 -6.18 8.68
CA ILE A 1125 -26.28 -5.84 8.02
C ILE A 1125 -27.41 -6.27 8.94
N TYR A 1126 -28.13 -5.34 9.52
CA TYR A 1126 -29.27 -5.71 10.37
C TYR A 1126 -30.55 -5.42 9.63
N GLY A 1127 -31.60 -6.18 9.81
CA GLY A 1127 -32.92 -6.02 9.22
C GLY A 1127 -33.97 -5.75 10.27
N TYR A 1128 -34.80 -4.72 10.06
CA TYR A 1128 -35.81 -4.35 11.04
C TYR A 1128 -37.14 -4.13 10.35
N LEU A 1129 -38.21 -4.31 11.12
CA LEU A 1129 -39.58 -4.18 10.62
C LEU A 1129 -40.12 -2.81 10.99
N GLU A 1130 -40.18 -1.91 10.01
CA GLU A 1130 -40.79 -0.61 10.19
C GLU A 1130 -42.29 -0.71 9.93
N PRO A 1131 -43.12 -0.26 10.87
CA PRO A 1131 -44.57 -0.38 10.70
C PRO A 1131 -45.11 0.59 9.66
N VAL A 1132 -46.18 0.17 8.99
CA VAL A 1132 -46.82 1.00 7.97
C VAL A 1132 -48.00 1.76 8.57
N ASP A 1133 -48.38 2.85 7.91
CA ASP A 1133 -49.51 3.68 8.32
C ASP A 1133 -49.34 4.18 9.75
N ASP A 1134 -48.13 4.53 10.18
CA ASP A 1134 -47.89 5.07 11.55
C ASP A 1134 -47.89 3.95 12.60
N GLY A 1135 -48.15 2.70 12.17
CA GLY A 1135 -48.03 1.57 13.08
C GLY A 1135 -48.67 1.78 14.43
N THR A 1136 -49.85 2.40 14.48
CA THR A 1136 -50.56 2.53 15.74
C THR A 1136 -50.89 1.17 16.33
N ASP A 1137 -51.19 0.19 15.48
CA ASP A 1137 -51.35 -1.18 15.95
C ASP A 1137 -50.03 -1.72 16.52
N TRP A 1138 -48.90 -1.36 15.90
CA TRP A 1138 -47.61 -1.77 16.41
C TRP A 1138 -47.35 -1.15 17.79
N PHE A 1139 -47.68 0.13 17.96
CA PHE A 1139 -47.53 0.76 19.27
C PHE A 1139 -48.43 0.09 20.30
N LEU A 1140 -49.67 -0.25 19.90
CA LEU A 1140 -50.57 -0.95 20.81
C LEU A 1140 -50.00 -2.31 21.21
N PHE A 1141 -49.43 -3.03 20.25
CA PHE A 1141 -48.85 -4.34 20.53
C PHE A 1141 -47.68 -4.19 21.50
N VAL A 1142 -46.83 -3.19 21.28
CA VAL A 1142 -45.69 -2.97 22.17
C VAL A 1142 -46.19 -2.63 23.57
N SER A 1143 -47.20 -1.78 23.68
CA SER A 1143 -47.73 -1.42 24.99
C SER A 1143 -48.31 -2.64 25.70
N GLN A 1144 -49.02 -3.50 24.96
CA GLN A 1144 -49.55 -4.72 25.56
C GLN A 1144 -48.43 -5.63 26.03
N GLN A 1145 -47.36 -5.74 25.23
CA GLN A 1145 -46.24 -6.58 25.64
C GLN A 1145 -45.58 -6.05 26.90
N ILE A 1146 -45.40 -4.74 27.01
CA ILE A 1146 -44.84 -4.17 28.23
C ILE A 1146 -45.76 -4.41 29.41
N GLN A 1147 -47.08 -4.26 29.20
CA GLN A 1147 -48.02 -4.51 30.28
C GLN A 1147 -48.03 -5.97 30.69
N ALA A 1148 -47.68 -6.89 29.78
CA ALA A 1148 -47.65 -8.31 30.12
C ALA A 1148 -46.55 -8.63 31.11
N GLY A 1149 -45.44 -7.89 31.07
CA GLY A 1149 -44.34 -8.13 32.00
C GLY A 1149 -42.98 -8.13 31.33
N HIS A 1150 -42.96 -7.83 30.03
CA HIS A 1150 -41.71 -7.80 29.26
C HIS A 1150 -41.18 -6.37 29.29
N LEU A 1151 -40.37 -6.06 30.29
CA LEU A 1151 -39.84 -4.71 30.45
C LEU A 1151 -38.79 -4.36 29.40
N HIS A 1152 -38.29 -5.34 28.66
CA HIS A 1152 -37.25 -5.11 27.67
C HIS A 1152 -37.79 -4.70 26.30
N TRP A 1153 -39.11 -4.54 26.16
CA TRP A 1153 -39.65 -4.23 24.81
C TRP A 1153 -39.61 -2.72 24.65
N PHE A 1154 -39.02 -2.04 25.61
CA PHE A 1154 -38.91 -0.56 25.56
C PHE A 1154 -37.90 -0.20 24.49
N SER A 1155 -37.21 -1.20 23.99
CA SER A 1155 -36.16 -0.97 22.98
C SER A 1155 -36.61 -1.54 21.63
N VAL A 1156 -37.90 -1.64 21.37
CA VAL A 1156 -38.28 -2.06 20.00
C VAL A 1156 -39.44 -1.22 19.47
N ASN A 1157 -39.95 -0.21 20.19
CA ASN A 1157 -41.10 0.50 19.63
C ASN A 1157 -40.70 1.38 18.45
N THR A 1158 -39.58 2.08 18.56
CA THR A 1158 -39.09 2.94 17.49
C THR A 1158 -37.61 2.68 17.25
N GLU A 1159 -37.24 2.54 15.98
CA GLU A 1159 -35.85 2.37 15.56
C GLU A 1159 -35.23 1.14 16.23
N MET A 1160 -35.77 -0.03 15.85
CA MET A 1160 -35.28 -1.29 16.38
C MET A 1160 -33.80 -1.48 16.11
N TRP A 1161 -33.28 -0.93 15.01
CA TRP A 1161 -31.89 -1.12 14.67
C TRP A 1161 -30.96 -0.51 15.71
N LYS A 1162 -31.39 0.57 16.37
CA LYS A 1162 -30.59 1.16 17.43
C LYS A 1162 -30.41 0.18 18.58
N SER A 1163 -31.51 -0.46 18.99
CA SER A 1163 -31.40 -1.47 20.07
C SER A 1163 -30.56 -2.65 19.61
N MET A 1164 -30.77 -3.10 18.36
CA MET A 1164 -29.97 -4.21 17.85
C MET A 1164 -28.49 -3.90 17.93
N PHE A 1165 -28.10 -2.71 17.48
CA PHE A 1165 -26.69 -2.34 17.51
C PHE A 1165 -26.19 -2.18 18.94
N ASN A 1166 -27.02 -1.62 19.83
CA ASN A 1166 -26.61 -1.47 21.23
C ASN A 1166 -26.32 -2.82 21.86
N LEU A 1167 -27.23 -3.79 21.66
CA LEU A 1167 -27.02 -5.12 22.21
C LEU A 1167 -25.81 -5.79 21.58
N HIS A 1168 -25.64 -5.63 20.26
CA HIS A 1168 -24.51 -6.25 19.58
C HIS A 1168 -23.19 -5.69 20.11
N GLU A 1169 -23.12 -4.36 20.28
CA GLU A 1169 -21.91 -3.74 20.79
C GLU A 1169 -21.63 -4.20 22.22
N HIS A 1170 -22.65 -4.27 23.06
CA HIS A 1170 -22.42 -4.71 24.43
C HIS A 1170 -21.96 -6.16 24.49
N ILE A 1171 -22.58 -7.03 23.69
CA ILE A 1171 -22.18 -8.45 23.72
C ILE A 1171 -20.78 -8.62 23.18
N LEU A 1172 -20.42 -7.88 22.13
CA LEU A 1172 -19.03 -7.87 21.68
C LEU A 1172 -18.10 -7.34 22.76
N LEU A 1173 -18.59 -6.40 23.58
CA LEU A 1173 -17.79 -5.87 24.68
C LEU A 1173 -17.68 -6.86 25.84
N LEU A 1174 -18.55 -7.88 25.88
CA LEU A 1174 -18.33 -8.95 26.85
C LEU A 1174 -17.01 -9.65 26.59
N GLY A 1175 -16.63 -9.80 25.32
CA GLY A 1175 -15.25 -10.08 24.95
C GLY A 1175 -14.49 -8.78 24.77
N SER A 1176 -13.19 -8.91 24.48
CA SER A 1176 -12.34 -7.73 24.33
C SER A 1176 -12.42 -7.18 22.89
N ILE A 1177 -13.65 -6.90 22.47
CA ILE A 1177 -13.93 -6.37 21.14
C ILE A 1177 -14.78 -5.12 21.33
N LYS A 1178 -14.19 -3.95 21.14
CA LYS A 1178 -14.90 -2.69 21.24
C LYS A 1178 -15.04 -2.08 19.86
N ILE A 1179 -16.27 -1.76 19.47
CA ILE A 1179 -16.52 -1.11 18.19
C ILE A 1179 -16.25 0.38 18.33
N SER A 1180 -15.38 0.90 17.48
CA SER A 1180 -14.90 2.27 17.64
C SER A 1180 -16.03 3.26 17.36
N PRO A 1181 -16.30 4.18 18.28
CA PRO A 1181 -17.26 5.26 17.96
C PRO A 1181 -16.76 6.15 16.83
N LYS A 1182 -15.45 6.13 16.58
CA LYS A 1182 -14.85 7.09 15.65
C LYS A 1182 -15.08 6.67 14.21
N LYS A 1183 -14.65 5.46 13.84
CA LYS A 1183 -14.58 5.03 12.44
C LYS A 1183 -15.65 3.99 12.13
N THR A 1184 -16.83 4.14 12.70
CA THR A 1184 -17.97 3.27 12.41
C THR A 1184 -19.10 4.11 11.84
N THR A 1185 -19.64 3.68 10.70
CA THR A 1185 -20.67 4.44 10.00
C THR A 1185 -21.92 3.60 9.83
N VAL A 1186 -23.07 4.20 10.14
CA VAL A 1186 -24.37 3.54 10.02
C VAL A 1186 -25.12 4.20 8.87
N SER A 1187 -25.45 3.43 7.85
CA SER A 1187 -26.08 3.99 6.66
C SER A 1187 -27.21 3.08 6.19
N PRO A 1188 -28.26 3.65 5.61
CA PRO A 1188 -29.36 2.80 5.10
C PRO A 1188 -29.04 2.18 3.75
N THR A 1189 -28.21 2.85 2.95
CA THR A 1189 -27.91 2.38 1.60
C THR A 1189 -26.43 2.03 1.41
N ASN A 1190 -25.52 2.95 1.71
CA ASN A 1190 -24.12 2.72 1.42
C ASN A 1190 -23.47 1.85 2.49
N ALA A 1191 -22.32 1.28 2.15
CA ALA A 1191 -21.55 0.49 3.10
C ALA A 1191 -20.10 0.45 2.63
N GLU A 1192 -19.21 0.04 3.53
CA GLU A 1192 -17.81 -0.13 3.20
C GLU A 1192 -17.25 -1.33 3.94
N PHE A 1193 -16.47 -2.14 3.21
CA PHE A 1193 -15.83 -3.30 3.80
C PHE A 1193 -14.57 -3.61 3.01
N LEU A 1194 -13.49 -3.92 3.75
CA LEU A 1194 -12.20 -4.29 3.16
C LEU A 1194 -11.69 -3.19 2.22
N SER A 1195 -11.89 -1.93 2.62
CA SER A 1195 -11.50 -0.77 1.83
C SER A 1195 -12.18 -0.75 0.46
N THR A 1196 -13.39 -1.30 0.39
CA THR A 1196 -14.20 -1.27 -0.81
C THR A 1196 -15.56 -0.66 -0.46
N PHE A 1197 -16.14 0.05 -1.42
CA PHE A 1197 -17.39 0.77 -1.22
C PHE A 1197 -18.52 0.06 -1.94
N PHE A 1198 -19.63 -0.17 -1.23
CA PHE A 1198 -20.79 -0.86 -1.76
C PHE A 1198 -21.99 0.07 -1.74
N GLU A 1199 -22.66 0.18 -2.88
CA GLU A 1199 -23.94 0.87 -3.01
C GLU A 1199 -24.94 -0.17 -3.48
N GLY A 1200 -25.72 -0.71 -2.55
CA GLY A 1200 -26.58 -1.83 -2.88
C GLY A 1200 -25.73 -3.03 -3.25
N CYS A 1201 -25.86 -3.47 -4.50
CA CYS A 1201 -25.02 -4.55 -5.01
C CYS A 1201 -23.80 -4.03 -5.77
N ALA A 1202 -23.71 -2.73 -6.01
CA ALA A 1202 -22.59 -2.19 -6.77
C ALA A 1202 -21.35 -2.08 -5.89
N VAL A 1203 -20.20 -2.44 -6.46
CA VAL A 1203 -18.93 -2.42 -5.76
C VAL A 1203 -17.97 -1.51 -6.51
N SER A 1204 -17.26 -0.65 -5.77
CA SER A 1204 -16.34 0.33 -6.35
C SER A 1204 -14.92 0.06 -5.82
N ILE A 1205 -14.19 -0.81 -6.52
CA ILE A 1205 -12.78 -1.10 -6.11
C ILE A 1205 -11.90 0.05 -6.60
N PRO A 1206 -11.22 0.80 -5.70
CA PRO A 1206 -10.31 1.86 -6.14
C PRO A 1206 -9.16 1.20 -6.92
N PHE A 1207 -8.80 1.77 -8.06
CA PHE A 1207 -7.72 1.20 -8.90
C PHE A 1207 -6.53 2.17 -8.92
N VAL A 1208 -6.70 3.34 -8.29
CA VAL A 1208 -5.58 4.29 -8.22
C VAL A 1208 -4.49 3.75 -7.33
N LYS A 1209 -4.83 2.95 -6.32
CA LYS A 1209 -3.81 2.32 -5.49
C LYS A 1209 -2.89 1.45 -6.33
N ILE A 1210 -3.39 0.91 -7.44
CA ILE A 1210 -2.62 0.02 -8.29
C ILE A 1210 -1.94 0.77 -9.42
N LEU A 1211 -2.65 1.70 -10.06
CA LEU A 1211 -2.06 2.45 -11.17
C LEU A 1211 -0.88 3.29 -10.69
N LEU A 1212 -1.08 4.07 -9.62
CA LEU A 1212 -0.01 4.91 -9.09
C LEU A 1212 1.10 4.07 -8.46
N GLY A 1213 0.79 2.86 -7.99
CA GLY A 1213 1.83 1.99 -7.48
C GLY A 1213 2.73 1.40 -8.53
N SER A 1214 2.33 1.56 -9.79
CA SER A 1214 3.07 0.90 -10.88
C SER A 1214 4.14 1.84 -11.35
N LEU A 1215 4.16 3.00 -10.77
CA LEU A 1215 5.05 4.05 -11.22
C LEU A 1215 6.10 4.44 -10.18
N SER A 1216 5.93 4.05 -8.92
CA SER A 1216 6.79 4.49 -7.84
C SER A 1216 7.73 3.42 -7.33
N ASP A 1217 7.85 2.29 -8.04
CA ASP A 1217 8.67 1.19 -7.54
C ASP A 1217 9.08 0.30 -8.71
N LEU A 1218 10.01 -0.62 -8.42
CA LEU A 1218 10.51 -1.59 -9.38
C LEU A 1218 11.29 -2.69 -8.67
N PRO A 1219 11.06 -3.95 -9.01
CA PRO A 1219 11.90 -5.03 -8.45
C PRO A 1219 13.39 -4.84 -8.71
N GLY A 1220 13.76 -4.37 -9.90
CA GLY A 1220 15.15 -4.13 -10.23
C GLY A 1220 15.93 -5.35 -10.65
N LEU A 1221 15.29 -6.52 -10.76
CA LEU A 1221 16.02 -7.72 -11.16
C LEU A 1221 16.59 -7.59 -12.56
N GLY A 1222 15.81 -7.01 -13.48
CA GLY A 1222 16.29 -6.80 -14.84
C GLY A 1222 15.32 -5.91 -15.59
N TYR A 1223 15.76 -5.49 -16.78
CA TYR A 1223 14.90 -4.65 -17.62
C TYR A 1223 13.60 -5.36 -17.96
N PHE A 1224 13.69 -6.65 -18.33
CA PHE A 1224 12.48 -7.42 -18.59
C PHE A 1224 11.65 -7.56 -17.32
N ASP A 1225 12.35 -7.70 -16.19
CA ASP A 1225 11.68 -7.96 -14.87
C ASP A 1225 11.08 -6.68 -14.31
N ASP A 1226 11.60 -5.53 -14.67
CA ASP A 1226 11.01 -4.24 -14.35
C ASP A 1226 9.84 -3.91 -15.28
N LEU A 1227 10.00 -4.18 -16.57
CA LEU A 1227 8.92 -3.91 -17.52
C LEU A 1227 7.71 -4.79 -17.22
N ALA A 1228 7.94 -6.06 -16.89
CA ALA A 1228 6.84 -6.94 -16.53
C ALA A 1228 6.12 -6.45 -15.28
N ALA A 1229 6.88 -6.04 -14.26
CA ALA A 1229 6.26 -5.55 -13.04
C ALA A 1229 5.45 -4.30 -13.29
N ALA A 1230 5.99 -3.37 -14.09
CA ALA A 1230 5.26 -2.15 -14.40
C ALA A 1230 4.00 -2.44 -15.20
N GLN A 1231 4.07 -3.36 -16.17
CA GLN A 1231 2.91 -3.68 -16.98
C GLN A 1231 1.92 -4.58 -16.25
N SER A 1232 2.41 -5.48 -15.40
CA SER A 1232 1.50 -6.39 -14.70
C SER A 1232 0.57 -5.65 -13.75
N ARG A 1233 1.06 -4.57 -13.14
CA ARG A 1233 0.19 -3.78 -12.26
C ARG A 1233 -0.96 -3.15 -13.04
N CYS A 1234 -0.69 -2.68 -14.26
CA CYS A 1234 -1.74 -2.05 -15.05
C CYS A 1234 -2.79 -3.06 -15.51
N VAL A 1235 -2.41 -4.33 -15.65
CA VAL A 1235 -3.41 -5.37 -15.90
C VAL A 1235 -4.27 -5.57 -14.66
N LYS A 1236 -3.66 -5.53 -13.48
CA LYS A 1236 -4.43 -5.66 -12.24
C LYS A 1236 -5.45 -4.54 -12.11
N ALA A 1237 -5.05 -3.31 -12.46
CA ALA A 1237 -5.99 -2.20 -12.45
C ALA A 1237 -7.11 -2.42 -13.44
N LEU A 1238 -6.79 -2.95 -14.63
CA LEU A 1238 -7.82 -3.23 -15.61
C LEU A 1238 -8.81 -4.25 -15.09
N ASP A 1239 -8.34 -5.27 -14.37
CA ASP A 1239 -9.25 -6.19 -13.71
C ASP A 1239 -10.09 -5.48 -12.65
N LEU A 1240 -9.48 -4.55 -11.92
CA LEU A 1240 -10.15 -3.90 -10.80
C LEU A 1240 -11.14 -2.82 -11.23
N GLY A 1241 -11.21 -2.50 -12.52
CA GLY A 1241 -12.23 -1.57 -12.97
C GLY A 1241 -11.71 -0.42 -13.82
N ALA A 1242 -10.40 -0.36 -14.02
CA ALA A 1242 -9.83 0.70 -14.83
C ALA A 1242 -10.29 0.57 -16.28
N SER A 1243 -10.63 1.71 -16.87
CA SER A 1243 -11.06 1.70 -18.26
C SER A 1243 -9.88 1.36 -19.17
N PRO A 1244 -10.14 0.68 -20.29
CA PRO A 1244 -9.03 0.32 -21.19
C PRO A 1244 -8.22 1.50 -21.69
N GLN A 1245 -8.85 2.65 -21.91
CA GLN A 1245 -8.08 3.83 -22.35
C GLN A 1245 -7.20 4.36 -21.23
N VAL A 1246 -7.73 4.45 -20.01
CA VAL A 1246 -6.93 4.89 -18.87
C VAL A 1246 -5.81 3.90 -18.61
N ALA A 1247 -6.11 2.61 -18.69
CA ALA A 1247 -5.07 1.60 -18.52
C ALA A 1247 -4.00 1.71 -19.61
N GLN A 1248 -4.41 1.99 -20.85
CA GLN A 1248 -3.45 2.15 -21.93
C GLN A 1248 -2.56 3.37 -21.70
N LEU A 1249 -3.15 4.48 -21.24
CA LEU A 1249 -2.35 5.67 -20.96
C LEU A 1249 -1.37 5.43 -19.82
N ALA A 1250 -1.81 4.73 -18.77
CA ALA A 1250 -0.91 4.40 -17.67
C ALA A 1250 0.19 3.46 -18.15
N VAL A 1251 -0.15 2.52 -19.03
CA VAL A 1251 0.86 1.62 -19.59
C VAL A 1251 1.90 2.42 -20.37
N ALA A 1252 1.46 3.39 -21.16
CA ALA A 1252 2.39 4.23 -21.91
C ALA A 1252 3.29 5.02 -20.96
N LEU A 1253 2.72 5.59 -19.91
CA LEU A 1253 3.52 6.35 -18.96
C LEU A 1253 4.55 5.47 -18.26
N CYS A 1254 4.13 4.28 -17.83
CA CYS A 1254 5.06 3.35 -17.18
C CYS A 1254 6.16 2.91 -18.13
N THR A 1255 5.81 2.63 -19.38
CA THR A 1255 6.80 2.22 -20.36
C THR A 1255 7.82 3.33 -20.61
N SER A 1256 7.35 4.56 -20.76
CA SER A 1256 8.26 5.68 -20.95
C SER A 1256 9.16 5.88 -19.74
N LYS A 1257 8.59 5.76 -18.54
CA LYS A 1257 9.40 5.91 -17.32
C LYS A 1257 10.48 4.83 -17.23
N VAL A 1258 10.12 3.59 -17.54
CA VAL A 1258 11.10 2.50 -17.49
C VAL A 1258 12.18 2.72 -18.54
N GLU A 1259 11.79 3.16 -19.75
CA GLU A 1259 12.78 3.41 -20.79
C GLU A 1259 13.74 4.53 -20.41
N ARG A 1260 13.22 5.60 -19.79
CA ARG A 1260 14.09 6.66 -19.30
C ARG A 1260 14.98 6.18 -18.17
N LEU A 1261 14.48 5.27 -17.33
CA LEU A 1261 15.26 4.79 -16.19
C LEU A 1261 16.48 4.02 -16.65
N TYR A 1262 16.28 3.04 -17.53
CA TYR A 1262 17.35 2.16 -17.98
C TYR A 1262 18.06 2.66 -19.22
N GLY A 1263 17.62 3.77 -19.80
CA GLY A 1263 18.25 4.32 -20.99
C GLY A 1263 17.86 3.64 -22.29
N THR A 1264 16.90 2.72 -22.26
CA THR A 1264 16.49 2.02 -23.47
C THR A 1264 15.89 2.96 -24.52
N ALA A 1265 15.34 4.09 -24.08
CA ALA A 1265 14.63 4.98 -24.99
C ALA A 1265 15.56 5.50 -26.08
N PRO A 1266 15.02 5.82 -27.26
CA PRO A 1266 15.87 6.31 -28.35
C PRO A 1266 16.57 7.62 -27.97
N GLY A 1267 17.80 7.76 -28.45
CA GLY A 1267 18.60 8.92 -28.17
C GLY A 1267 19.37 8.88 -26.86
N MET A 1268 19.33 7.77 -26.14
CA MET A 1268 20.03 7.63 -24.88
C MET A 1268 21.24 6.71 -25.06
N VAL A 1269 21.93 6.43 -23.95
CA VAL A 1269 23.18 5.68 -24.02
C VAL A 1269 22.91 4.22 -24.40
N ASN A 1270 21.83 3.63 -23.89
CA ASN A 1270 21.56 2.21 -24.05
C ASN A 1270 20.51 1.93 -25.12
N HIS A 1271 20.45 2.76 -26.16
CA HIS A 1271 19.48 2.55 -27.23
C HIS A 1271 19.87 1.32 -28.03
N PRO A 1272 18.98 0.32 -28.15
CA PRO A 1272 19.36 -0.90 -28.88
C PRO A 1272 19.72 -0.66 -30.33
N ALA A 1273 18.93 0.17 -31.03
CA ALA A 1273 19.13 0.35 -32.50
C ALA A 1273 20.59 0.64 -32.87
N ALA A 1274 21.29 1.43 -32.05
CA ALA A 1274 22.67 1.84 -32.41
C ALA A 1274 23.62 0.63 -32.51
N TYR A 1275 23.50 -0.34 -31.59
CA TYR A 1275 24.48 -1.46 -31.56
C TYR A 1275 23.85 -2.80 -31.94
N LEU A 1276 22.67 -2.83 -32.56
CA LEU A 1276 22.04 -4.16 -32.79
C LEU A 1276 21.55 -4.39 -34.23
N GLN A 1277 21.67 -3.42 -35.14
CA GLN A 1277 21.23 -3.59 -36.52
C GLN A 1277 19.75 -4.03 -36.53
N VAL A 1278 18.91 -3.20 -35.93
CA VAL A 1278 17.48 -3.41 -35.81
C VAL A 1278 16.77 -2.07 -35.96
N LYS A 1279 15.44 -2.12 -35.93
CA LYS A 1279 14.61 -0.91 -35.96
C LYS A 1279 14.09 -0.53 -34.58
N HIS A 1280 14.63 -1.13 -33.52
CA HIS A 1280 14.27 -0.90 -32.12
C HIS A 1280 12.90 -1.50 -31.82
N THR A 1281 12.23 -2.03 -32.84
CA THR A 1281 10.97 -2.73 -32.67
C THR A 1281 11.13 -4.24 -32.68
N ASP A 1282 12.12 -4.76 -33.40
CA ASP A 1282 12.37 -6.19 -33.50
C ASP A 1282 13.56 -6.62 -32.65
N THR A 1283 13.72 -6.01 -31.48
CA THR A 1283 14.72 -6.30 -30.46
C THR A 1283 14.12 -7.19 -29.37
N PRO A 1284 14.84 -8.22 -28.92
CA PRO A 1284 14.35 -8.99 -27.77
C PRO A 1284 14.13 -8.09 -26.57
N ILE A 1285 13.02 -8.34 -25.87
CA ILE A 1285 12.67 -7.49 -24.72
C ILE A 1285 13.75 -7.48 -23.65
N PRO A 1286 14.36 -8.62 -23.28
CA PRO A 1286 15.44 -8.55 -22.27
C PRO A 1286 16.60 -7.67 -22.68
N LEU A 1287 16.88 -7.55 -23.97
CA LEU A 1287 17.97 -6.70 -24.45
C LEU A 1287 17.52 -5.26 -24.73
N GLY A 1288 16.24 -4.95 -24.51
CA GLY A 1288 15.71 -3.63 -24.80
C GLY A 1288 14.53 -3.71 -25.76
N GLY A 1289 14.46 -2.76 -26.67
CA GLY A 1289 13.42 -2.74 -27.67
C GLY A 1289 12.13 -2.13 -27.17
N ASN A 1290 11.22 -1.91 -28.12
CA ASN A 1290 9.96 -1.23 -27.83
C ASN A 1290 9.08 -2.15 -26.98
N GLY A 1291 8.95 -1.81 -25.70
CA GLY A 1291 8.07 -2.51 -24.79
C GLY A 1291 6.64 -2.01 -24.80
N ALA A 1292 6.32 -1.04 -25.65
CA ALA A 1292 4.96 -0.49 -25.72
C ALA A 1292 4.07 -1.49 -26.42
N MET A 1293 3.07 -2.01 -25.71
CA MET A 1293 2.16 -3.01 -26.23
C MET A 1293 0.72 -2.55 -26.05
N SER A 1294 -0.17 -3.18 -26.81
CA SER A 1294 -1.59 -2.99 -26.59
C SER A 1294 -1.96 -3.50 -25.20
N ILE A 1295 -2.82 -2.74 -24.51
CA ILE A 1295 -3.24 -3.16 -23.17
C ILE A 1295 -4.01 -4.47 -23.23
N MET A 1296 -4.78 -4.68 -24.31
CA MET A 1296 -5.54 -5.92 -24.43
C MET A 1296 -4.61 -7.12 -24.56
N GLU A 1297 -3.49 -6.95 -25.26
CA GLU A 1297 -2.53 -8.05 -25.41
C GLU A 1297 -1.98 -8.48 -24.05
N LEU A 1298 -1.61 -7.50 -23.21
CA LEU A 1298 -1.13 -7.84 -21.87
C LEU A 1298 -2.24 -8.43 -21.02
N ALA A 1299 -3.47 -7.92 -21.17
CA ALA A 1299 -4.58 -8.42 -20.36
C ALA A 1299 -4.89 -9.88 -20.67
N THR A 1300 -4.88 -10.25 -21.95
CA THR A 1300 -5.29 -11.60 -22.32
C THR A 1300 -4.10 -12.52 -22.56
N ALA A 1301 -3.24 -12.16 -23.52
CA ALA A 1301 -2.18 -13.07 -23.95
C ALA A 1301 -1.10 -13.24 -22.88
N GLY A 1302 -0.61 -12.14 -22.34
CA GLY A 1302 0.50 -12.20 -21.40
C GLY A 1302 1.39 -10.97 -21.47
N ILE A 1303 2.42 -10.92 -20.63
CA ILE A 1303 3.24 -9.72 -20.54
C ILE A 1303 4.44 -9.75 -21.49
N GLY A 1304 5.08 -10.90 -21.65
CA GLY A 1304 6.18 -11.05 -22.59
C GLY A 1304 5.74 -11.31 -24.01
N MET A 1305 4.44 -11.15 -24.31
CA MET A 1305 3.87 -11.57 -25.58
C MET A 1305 4.66 -11.05 -26.77
N SER A 1306 4.94 -9.73 -26.77
CA SER A 1306 5.68 -9.13 -27.88
C SER A 1306 6.97 -9.90 -28.14
N ASP A 1307 7.74 -10.15 -27.08
CA ASP A 1307 8.96 -10.93 -27.23
C ASP A 1307 8.67 -12.25 -27.92
N LYS A 1308 7.70 -13.02 -27.39
CA LYS A 1308 7.33 -14.28 -28.02
C LYS A 1308 6.92 -14.04 -29.47
N ASN A 1309 6.10 -13.01 -29.69
CA ASN A 1309 5.68 -12.70 -31.05
C ASN A 1309 6.89 -12.53 -31.94
N LEU A 1310 7.89 -11.77 -31.48
CA LEU A 1310 9.12 -11.60 -32.23
C LEU A 1310 9.63 -12.95 -32.72
N LEU A 1311 9.83 -13.89 -31.79
CA LEU A 1311 10.35 -15.20 -32.16
C LEU A 1311 9.51 -15.82 -33.27
N LYS A 1312 8.18 -15.87 -33.06
CA LYS A 1312 7.30 -16.43 -34.07
C LYS A 1312 7.53 -15.74 -35.40
N ARG A 1313 7.47 -14.41 -35.40
CA ARG A 1313 7.68 -13.67 -36.64
C ARG A 1313 9.02 -14.05 -37.25
N ALA A 1314 10.08 -14.03 -36.44
CA ALA A 1314 11.39 -14.38 -36.95
C ALA A 1314 11.37 -15.78 -37.55
N LEU A 1315 10.79 -16.74 -36.82
CA LEU A 1315 10.73 -18.10 -37.33
C LEU A 1315 9.97 -18.13 -38.65
N LEU A 1316 8.85 -17.40 -38.71
CA LEU A 1316 8.08 -17.33 -39.95
C LEU A 1316 8.97 -16.86 -41.09
N GLY A 1317 9.77 -15.82 -40.84
CA GLY A 1317 10.69 -15.36 -41.87
C GLY A 1317 11.64 -16.46 -42.30
N TYR A 1318 12.21 -17.17 -41.33
CA TYR A 1318 13.15 -18.23 -41.67
C TYR A 1318 12.45 -19.41 -42.33
N SER A 1319 11.12 -19.47 -42.26
CA SER A 1319 10.37 -20.50 -42.96
C SER A 1319 9.80 -20.01 -44.28
N HIS A 1320 9.94 -18.72 -44.59
CA HIS A 1320 9.35 -18.17 -45.81
C HIS A 1320 10.41 -17.65 -46.79
N LYS A 1321 11.28 -16.77 -46.35
CA LYS A 1321 12.23 -16.11 -47.24
C LYS A 1321 13.69 -16.42 -46.90
N ARG A 1322 13.92 -17.13 -45.79
CA ARG A 1322 15.31 -17.45 -45.34
C ARG A 1322 16.11 -16.15 -45.22
N GLN A 1323 15.49 -15.07 -44.74
CA GLN A 1323 16.12 -13.77 -44.65
C GLN A 1323 17.20 -13.77 -43.58
N LYS A 1324 18.28 -13.02 -43.83
CA LYS A 1324 19.36 -12.92 -42.86
C LYS A 1324 18.93 -12.17 -41.60
N SER A 1325 18.12 -11.14 -41.78
CA SER A 1325 17.62 -10.43 -40.59
C SER A 1325 16.92 -11.44 -39.69
N MET A 1326 15.98 -12.21 -40.19
CA MET A 1326 15.29 -13.11 -39.25
C MET A 1326 16.36 -14.01 -38.63
N LEU A 1327 17.24 -14.59 -39.43
CA LEU A 1327 18.31 -15.37 -38.82
C LEU A 1327 19.04 -14.55 -37.76
N TYR A 1328 19.22 -13.25 -38.02
CA TYR A 1328 19.91 -12.39 -37.07
C TYR A 1328 19.16 -12.31 -35.75
N ILE A 1329 17.83 -12.19 -35.80
CA ILE A 1329 17.04 -12.16 -34.58
C ILE A 1329 17.14 -13.51 -33.87
N LEU A 1330 17.21 -14.60 -34.64
CA LEU A 1330 17.35 -15.93 -34.05
C LEU A 1330 18.61 -16.03 -33.20
N GLY A 1331 19.70 -15.40 -33.64
CA GLY A 1331 20.94 -15.47 -32.89
C GLY A 1331 20.84 -14.81 -31.53
N LEU A 1332 20.08 -13.71 -31.44
CA LEU A 1332 19.91 -13.04 -30.16
C LEU A 1332 19.22 -13.93 -29.14
N PHE A 1333 18.18 -14.64 -29.58
CA PHE A 1333 17.45 -15.52 -28.66
C PHE A 1333 18.34 -16.64 -28.13
N LYS A 1334 19.17 -17.23 -29.00
CA LYS A 1334 20.14 -18.21 -28.55
C LYS A 1334 21.14 -17.57 -27.59
N PHE A 1335 21.54 -16.33 -27.87
CA PHE A 1335 22.50 -15.64 -27.01
C PHE A 1335 21.93 -15.44 -25.61
N LEU A 1336 20.64 -15.10 -25.50
CA LEU A 1336 20.03 -14.91 -24.20
C LEU A 1336 20.02 -16.21 -23.40
N MET A 1337 19.69 -17.32 -24.05
CA MET A 1337 19.64 -18.60 -23.35
C MET A 1337 21.01 -19.01 -22.83
N LYS A 1338 22.06 -18.76 -23.62
CA LYS A 1338 23.41 -19.07 -23.18
C LYS A 1338 23.78 -18.25 -21.95
N LEU A 1339 23.41 -16.97 -21.93
CA LEU A 1339 23.69 -16.11 -20.79
C LEU A 1339 22.90 -16.54 -19.56
N GLY A 1350 10.35 -12.25 -10.66
CA GLY A 1350 10.36 -12.01 -12.10
C GLY A 1350 9.80 -13.17 -12.89
N GLN A 1351 9.43 -12.90 -14.14
CA GLN A 1351 8.87 -13.92 -15.00
C GLN A 1351 9.94 -14.95 -15.38
N PHE A 1352 9.48 -16.13 -15.79
CA PHE A 1352 10.37 -17.20 -16.23
C PHE A 1352 10.30 -17.32 -17.74
N SER A 1353 11.39 -16.98 -18.41
CA SER A 1353 11.52 -17.07 -19.86
C SER A 1353 13.01 -16.95 -20.17
N PHE A 1354 13.34 -16.83 -21.45
CA PHE A 1354 14.74 -16.59 -21.85
C PHE A 1354 15.05 -15.11 -21.69
N ILE A 1355 15.78 -14.79 -20.62
CA ILE A 1355 16.04 -13.41 -20.22
C ILE A 1355 17.55 -13.22 -20.09
N GLY A 1356 17.99 -11.98 -20.29
CA GLY A 1356 19.39 -11.63 -20.17
C GLY A 1356 19.66 -10.80 -18.93
N VAL A 1358 22.19 -12.50 -16.50
CA VAL A 1358 21.33 -13.10 -15.48
C VAL A 1358 20.87 -12.03 -14.49
N GLN A 1359 21.58 -10.91 -14.45
CA GLN A 1359 21.32 -9.86 -13.48
C GLN A 1359 21.45 -8.50 -14.13
N TRP A 1360 20.62 -7.57 -13.65
CA TRP A 1360 20.80 -6.14 -13.90
C TRP A 1360 20.79 -5.47 -12.53
N LYS A 1361 20.27 -6.18 -11.53
CA LYS A 1361 20.36 -5.72 -10.15
C LYS A 1361 21.82 -5.70 -9.70
N ILE A 1362 22.19 -4.66 -8.97
CA ILE A 1362 23.56 -4.49 -8.53
C ILE A 1362 23.71 -4.68 -7.02
N PHE A 1363 22.61 -4.89 -6.30
CA PHE A 1363 22.66 -4.98 -4.85
C PHE A 1363 23.25 -6.33 -4.43
N THR A 1364 24.57 -6.37 -4.40
CA THR A 1364 25.43 -7.42 -3.88
C THR A 1364 25.76 -7.12 -2.42
N PRO A 1365 26.00 -8.14 -1.59
CA PRO A 1365 26.21 -7.89 -0.17
C PRO A 1365 27.57 -7.27 0.12
N LYS A 1366 27.65 -6.59 1.25
CA LYS A 1366 28.90 -6.01 1.73
C LYS A 1366 29.65 -6.95 2.66
N SER A 1367 29.07 -8.09 3.00
CA SER A 1367 29.71 -9.05 3.89
C SER A 1367 29.11 -10.43 3.67
N GLU A 1368 29.83 -11.45 4.11
CA GLU A 1368 29.36 -12.82 4.05
C GLU A 1368 28.44 -13.11 5.23
N PHE A 1369 27.41 -13.91 4.99
CA PHE A 1369 26.46 -14.23 6.04
C PHE A 1369 27.07 -15.22 7.03
N GLU A 1370 26.34 -15.45 8.12
CA GLU A 1370 26.90 -16.21 9.24
C GLU A 1370 27.24 -17.64 8.85
N PHE A 1371 26.34 -18.31 8.12
CA PHE A 1371 26.51 -19.72 7.81
C PHE A 1371 26.72 -19.98 6.32
N ALA A 1372 27.10 -18.95 5.56
CA ALA A 1372 27.37 -19.14 4.14
C ALA A 1372 28.64 -19.96 3.90
N ASP A 1373 29.55 -20.01 4.88
CA ASP A 1373 30.82 -20.70 4.75
C ASP A 1373 30.90 -21.95 5.60
N MET A 1374 29.75 -22.54 5.97
CA MET A 1374 29.78 -23.74 6.78
C MET A 1374 30.43 -24.91 6.04
N TYR A 1375 30.14 -25.04 4.75
CA TYR A 1375 30.73 -26.07 3.91
C TYR A 1375 31.54 -25.43 2.80
N THR A 1376 32.63 -26.10 2.42
CA THR A 1376 33.44 -25.62 1.31
C THR A 1376 32.66 -25.71 0.00
N SER A 1377 33.02 -24.83 -0.94
CA SER A 1377 32.31 -24.80 -2.22
C SER A 1377 32.45 -26.12 -2.97
N LYS A 1378 33.57 -26.81 -2.80
CA LYS A 1378 33.75 -28.11 -3.44
C LYS A 1378 32.72 -29.12 -2.94
N PHE A 1379 32.47 -29.12 -1.62
CA PHE A 1379 31.49 -30.04 -1.04
C PHE A 1379 30.12 -29.81 -1.66
N LEU A 1380 29.68 -28.55 -1.70
CA LEU A 1380 28.37 -28.24 -2.26
C LEU A 1380 28.32 -28.56 -3.75
N GLU A 1381 29.39 -28.27 -4.48
CA GLU A 1381 29.41 -28.55 -5.92
C GLU A 1381 29.29 -30.04 -6.19
N LEU A 1382 30.00 -30.87 -5.43
CA LEU A 1382 29.89 -32.31 -5.61
C LEU A 1382 28.52 -32.82 -5.18
N TRP A 1383 28.01 -32.30 -4.06
CA TRP A 1383 26.76 -32.78 -3.50
C TRP A 1383 25.56 -32.42 -4.38
N SER A 1384 25.60 -31.27 -5.04
CA SER A 1384 24.52 -30.90 -5.94
C SER A 1384 24.41 -31.87 -7.10
N SER A 1385 25.55 -32.26 -7.67
CA SER A 1385 25.53 -33.27 -8.73
C SER A 1385 25.11 -34.63 -8.19
N GLN A 1386 25.55 -34.97 -6.98
CA GLN A 1386 25.19 -36.27 -6.41
C GLN A 1386 23.69 -36.38 -6.17
N HIS A 1387 23.06 -35.32 -5.68
CA HIS A 1387 21.63 -35.28 -5.40
C HIS A 1387 20.99 -34.27 -6.35
N VAL A 1388 20.62 -34.72 -7.55
CA VAL A 1388 20.11 -33.78 -8.59
C VAL A 1388 18.73 -33.25 -8.21
N THR A 1389 17.84 -34.10 -7.67
CA THR A 1389 16.43 -33.68 -7.40
C THR A 1389 16.34 -32.54 -6.38
N TYR A 1390 17.25 -32.47 -5.40
CA TYR A 1390 17.14 -31.47 -4.31
C TYR A 1390 16.97 -30.02 -4.80
N ASP A 1391 17.13 -29.73 -6.10
CA ASP A 1391 16.84 -28.38 -6.57
C ASP A 1391 15.37 -28.17 -6.88
N TYR A 1392 14.56 -29.22 -6.82
CA TYR A 1392 13.12 -29.11 -7.04
C TYR A 1392 12.28 -29.33 -5.80
N ILE A 1393 12.79 -30.09 -4.83
CA ILE A 1393 12.07 -30.35 -3.59
C ILE A 1393 12.98 -30.08 -2.41
N ILE A 1394 12.38 -29.88 -1.24
CA ILE A 1394 13.10 -29.53 -0.03
C ILE A 1394 13.41 -30.81 0.73
N PRO A 1395 14.68 -31.11 1.04
CA PRO A 1395 15.00 -32.34 1.76
C PRO A 1395 14.42 -32.36 3.16
N LYS A 1396 14.14 -33.56 3.65
CA LYS A 1396 13.53 -33.74 4.97
C LYS A 1396 14.46 -34.42 5.96
N GLY A 1397 15.76 -34.46 5.67
CA GLY A 1397 16.76 -34.98 6.58
C GLY A 1397 17.66 -33.86 7.05
N ARG A 1398 18.06 -33.89 8.32
CA ARG A 1398 18.84 -32.74 8.84
C ARG A 1398 20.03 -32.52 7.92
N ASP A 1399 20.90 -33.52 7.75
CA ASP A 1399 22.12 -33.27 7.01
C ASP A 1399 21.83 -32.72 5.62
N ASN A 1400 20.91 -33.38 4.90
CA ASN A 1400 20.57 -32.92 3.56
C ASN A 1400 19.92 -31.54 3.58
N LEU A 1401 19.03 -31.31 4.54
CA LEU A 1401 18.40 -29.99 4.64
C LEU A 1401 19.42 -28.92 4.99
N LEU A 1402 20.37 -29.23 5.88
CA LEU A 1402 21.41 -28.26 6.22
C LEU A 1402 22.28 -27.93 5.01
N ILE A 1403 22.66 -28.94 4.24
CA ILE A 1403 23.46 -28.70 3.04
C ILE A 1403 22.68 -27.88 2.03
N TYR A 1404 21.39 -28.20 1.86
CA TYR A 1404 20.56 -27.45 0.92
C TYR A 1404 20.42 -26.00 1.35
N LEU A 1405 20.24 -25.76 2.64
CA LEU A 1405 20.12 -24.39 3.14
C LEU A 1405 21.42 -23.62 2.98
N VAL A 1406 22.56 -24.27 3.26
CA VAL A 1406 23.84 -23.60 3.10
C VAL A 1406 24.09 -23.27 1.64
N ARG A 1407 23.74 -24.18 0.73
CA ARG A 1407 23.82 -23.87 -0.69
C ARG A 1407 22.91 -22.71 -1.05
N LYS A 1408 21.71 -22.67 -0.45
CA LYS A 1408 20.82 -21.53 -0.65
C LYS A 1408 21.44 -20.25 -0.13
N LEU A 1409 22.29 -20.34 0.89
CA LEU A 1409 22.96 -19.16 1.41
C LEU A 1409 24.08 -18.68 0.50
N ASN A 1410 24.68 -19.59 -0.28
CA ASN A 1410 25.74 -19.23 -1.21
C ASN A 1410 25.24 -18.94 -2.61
N ASP A 1411 23.96 -19.19 -2.88
CA ASP A 1411 23.42 -18.91 -4.21
C ASP A 1411 23.32 -17.41 -4.42
N PRO A 1412 23.90 -16.86 -5.49
CA PRO A 1412 23.84 -15.40 -5.69
C PRO A 1412 22.42 -14.86 -5.79
N SER A 1413 21.49 -15.62 -6.38
CA SER A 1413 20.13 -15.13 -6.55
C SER A 1413 19.46 -14.87 -5.20
N ILE A 1414 19.62 -15.81 -4.25
CA ILE A 1414 19.10 -15.60 -2.91
C ILE A 1414 19.83 -14.45 -2.22
N VAL A 1415 21.14 -14.38 -2.41
CA VAL A 1415 21.96 -13.42 -1.67
C VAL A 1415 21.59 -12.00 -2.05
N THR A 1416 21.44 -11.72 -3.34
CA THR A 1416 21.13 -10.35 -3.75
C THR A 1416 19.76 -9.90 -3.28
N ALA A 1417 18.85 -10.85 -3.02
CA ALA A 1417 17.52 -10.49 -2.53
C ALA A 1417 17.54 -10.10 -1.07
N MET A 1418 18.42 -10.70 -0.27
CA MET A 1418 18.53 -10.33 1.14
C MET A 1418 18.99 -8.89 1.28
N THR A 1419 19.98 -8.48 0.49
CA THR A 1419 20.58 -7.16 0.67
C THR A 1419 19.58 -6.04 0.36
N MET A 1420 18.77 -6.22 -0.67
CA MET A 1420 17.80 -5.20 -1.06
C MET A 1420 16.68 -5.10 -0.03
N GLN A 1421 16.74 -4.09 0.84
CA GLN A 1421 15.74 -3.92 1.87
C GLN A 1421 14.95 -2.63 1.75
N SER A 1422 15.55 -1.56 1.25
CA SER A 1422 14.86 -0.28 1.10
C SER A 1422 14.50 -0.06 -0.36
N PRO A 1423 13.22 0.02 -0.71
CA PRO A 1423 12.86 0.30 -2.10
C PRO A 1423 13.19 1.72 -2.50
N LEU A 1424 13.22 1.95 -3.81
CA LEU A 1424 13.47 3.21 -4.50
C LEU A 1424 14.95 3.60 -4.46
N GLN A 1425 15.76 2.91 -3.65
CA GLN A 1425 17.22 3.14 -3.72
C GLN A 1425 17.72 2.53 -5.03
N LEU A 1426 17.17 1.41 -5.49
CA LEU A 1426 17.48 0.88 -6.81
C LEU A 1426 17.06 1.86 -7.90
N ARG A 1427 15.90 2.50 -7.74
CA ARG A 1427 15.46 3.51 -8.70
C ARG A 1427 16.48 4.63 -8.80
N PHE A 1428 16.90 5.18 -7.66
CA PHE A 1428 17.87 6.27 -7.67
C PHE A 1428 19.18 5.83 -8.30
N ARG A 1429 19.70 4.66 -7.92
CA ARG A 1429 20.99 4.12 -8.45
C ARG A 1429 20.92 3.83 -9.95
N MET A 1430 19.79 3.33 -10.45
CA MET A 1430 19.63 3.11 -11.89
C MET A 1430 19.58 4.42 -12.64
N GLN A 1431 18.80 5.38 -12.14
CA GLN A 1431 18.72 6.67 -12.84
C GLN A 1431 20.06 7.39 -12.81
N ALA A 1432 20.84 7.21 -11.74
CA ALA A 1432 22.12 7.89 -11.66
C ALA A 1432 23.15 7.26 -12.59
N LYS A 1433 23.16 5.93 -12.70
CA LYS A 1433 24.22 5.23 -13.40
C LYS A 1433 23.70 4.38 -14.57
N GLN A 1434 22.67 4.78 -15.30
CA GLN A 1434 22.31 3.97 -16.49
C GLN A 1434 23.48 4.12 -17.47
N HIS A 1435 24.22 5.23 -17.38
CA HIS A 1435 25.32 5.51 -18.34
C HIS A 1435 26.45 4.48 -18.25
N MET A 1436 26.78 3.97 -17.06
CA MET A 1436 27.82 2.88 -17.03
C MET A 1436 27.77 2.01 -15.76
N LYS A 1437 28.63 0.98 -15.66
CA LYS A 1437 28.81 0.15 -14.43
C LYS A 1437 27.92 -1.10 -14.25
N VAL A 1438 27.09 -1.53 -15.21
CA VAL A 1438 26.27 -2.76 -14.91
C VAL A 1438 25.71 -3.48 -16.15
N CYS A 1439 26.06 -4.77 -16.34
CA CYS A 1439 25.44 -5.55 -17.40
C CYS A 1439 25.50 -7.04 -17.14
N ARG A 1440 26.32 -7.50 -16.21
CA ARG A 1440 26.54 -8.92 -15.94
C ARG A 1440 26.97 -9.65 -17.21
N LEU A 1441 28.14 -9.29 -17.73
CA LEU A 1441 28.67 -9.93 -18.97
C LEU A 1441 29.77 -10.92 -18.61
N ASP A 1442 29.52 -12.21 -18.80
CA ASP A 1442 30.55 -13.26 -18.51
C ASP A 1442 31.03 -13.08 -17.06
N GLY A 1443 30.09 -12.86 -16.12
CA GLY A 1443 30.47 -12.64 -14.71
C GLY A 1443 31.37 -11.42 -14.55
N GLU A 1444 31.09 -10.33 -15.27
CA GLU A 1444 31.89 -9.08 -15.13
C GLU A 1444 30.96 -7.87 -15.18
N TRP A 1445 31.22 -6.86 -14.32
CA TRP A 1445 30.42 -5.64 -14.30
C TRP A 1445 30.93 -4.70 -15.39
N VAL A 1446 30.23 -4.67 -16.52
CA VAL A 1446 30.59 -3.81 -17.64
C VAL A 1446 29.33 -3.04 -18.03
N THR A 1447 29.47 -2.11 -18.97
CA THR A 1447 28.30 -1.39 -19.47
C THR A 1447 27.45 -2.29 -20.34
N PHE A 1448 26.17 -1.95 -20.47
CA PHE A 1448 25.25 -2.75 -21.28
C PHE A 1448 25.60 -2.70 -22.75
N ARG A 1449 26.29 -1.64 -23.19
CA ARG A 1449 26.67 -1.53 -24.59
C ARG A 1449 27.58 -2.66 -25.02
N GLU A 1450 28.43 -3.15 -24.11
CA GLU A 1450 29.28 -4.29 -24.44
C GLU A 1450 28.46 -5.57 -24.56
N VAL A 1451 27.40 -5.72 -23.76
CA VAL A 1451 26.52 -6.88 -23.93
C VAL A 1451 25.81 -6.80 -25.28
N LEU A 1452 25.37 -5.60 -25.67
CA LEU A 1452 24.76 -5.44 -26.98
C LEU A 1452 25.74 -5.79 -28.10
N ALA A 1453 26.99 -5.34 -27.98
CA ALA A 1453 28.00 -5.65 -28.98
C ALA A 1453 28.30 -7.15 -29.03
N ALA A 1454 28.37 -7.80 -27.86
CA ALA A 1454 28.60 -9.24 -27.83
C ALA A 1454 27.45 -10.00 -28.45
N ALA A 1455 26.21 -9.57 -28.19
CA ALA A 1455 25.06 -10.18 -28.84
C ALA A 1455 25.10 -9.99 -30.34
N ASN A 1456 25.50 -8.79 -30.79
CA ASN A 1456 25.64 -8.54 -32.21
C ASN A 1456 26.65 -9.50 -32.84
N SER A 1457 27.82 -9.64 -32.21
CA SER A 1457 28.84 -10.53 -32.75
C SER A 1457 28.37 -11.97 -32.77
N PHE A 1458 27.74 -12.42 -31.68
CA PHE A 1458 27.30 -13.81 -31.61
C PHE A 1458 26.23 -14.11 -32.66
N ALA A 1459 25.27 -13.20 -32.83
CA ALA A 1459 24.21 -13.42 -33.80
C ALA A 1459 24.68 -13.24 -35.23
N GLU A 1460 25.76 -12.48 -35.45
CA GLU A 1460 26.34 -12.38 -36.78
C GLU A 1460 27.14 -13.62 -37.14
N ASN A 1461 27.74 -14.28 -36.16
CA ASN A 1461 28.58 -15.47 -36.44
C ASN A 1461 27.78 -16.71 -36.08
N TYR A 1462 26.45 -16.62 -36.03
CA TYR A 1462 25.60 -17.75 -35.71
C TYR A 1462 25.03 -18.34 -36.98
N SER A 1463 24.95 -19.68 -37.02
CA SER A 1463 24.38 -20.40 -38.14
C SER A 1463 23.30 -21.35 -37.62
N ALA A 1464 22.31 -21.60 -38.48
CA ALA A 1464 21.19 -22.44 -38.09
C ALA A 1464 21.61 -23.90 -38.01
N THR A 1465 21.21 -24.57 -36.93
CA THR A 1465 21.46 -25.98 -36.73
C THR A 1465 20.15 -26.71 -36.47
N SER A 1466 20.16 -28.02 -36.68
CA SER A 1466 18.93 -28.80 -36.55
C SER A 1466 18.37 -28.76 -35.13
N GLN A 1467 19.26 -28.85 -34.13
CA GLN A 1467 18.80 -28.90 -32.75
C GLN A 1467 18.14 -27.59 -32.33
N ASP A 1468 18.83 -26.46 -32.58
CA ASP A 1468 18.30 -25.17 -32.13
C ASP A 1468 17.01 -24.82 -32.85
N MET A 1469 16.97 -25.01 -34.17
CA MET A 1469 15.78 -24.66 -34.93
C MET A 1469 14.59 -25.52 -34.53
N ASP A 1470 14.81 -26.83 -34.35
CA ASP A 1470 13.73 -27.70 -33.90
C ASP A 1470 13.26 -27.34 -32.50
N LEU A 1471 14.19 -26.98 -31.61
CA LEU A 1471 13.81 -26.53 -30.28
C LEU A 1471 12.96 -25.27 -30.36
N PHE A 1472 13.36 -24.30 -31.19
CA PHE A 1472 12.59 -23.07 -31.33
C PHE A 1472 11.20 -23.35 -31.88
N GLN A 1473 11.10 -24.21 -32.90
CA GLN A 1473 9.79 -24.53 -33.46
C GLN A 1473 8.89 -25.19 -32.43
N THR A 1474 9.43 -26.12 -31.64
CA THR A 1474 8.65 -26.73 -30.57
C THR A 1474 8.32 -25.71 -29.48
N LEU A 1475 9.27 -24.82 -29.17
CA LEU A 1475 9.06 -23.84 -28.11
C LEU A 1475 7.94 -22.88 -28.46
N THR A 1476 7.89 -22.42 -29.71
CA THR A 1476 6.89 -21.43 -30.08
C THR A 1476 5.50 -22.07 -30.25
N SER A 1477 5.46 -23.30 -30.76
CA SER A 1477 4.17 -23.91 -31.08
C SER A 1477 3.52 -24.52 -29.83
N CYS A 1478 4.31 -25.19 -29.00
CA CYS A 1478 3.75 -25.97 -27.91
C CYS A 1478 3.37 -25.08 -26.73
N THR A 1479 4.37 -24.42 -26.13
CA THR A 1479 4.13 -23.67 -24.90
C THR A 1479 3.17 -22.51 -25.12
N PHE A 1480 3.33 -21.79 -26.23
CA PHE A 1480 2.50 -20.63 -26.52
C PHE A 1480 1.27 -20.96 -27.36
N SER A 1481 0.80 -22.20 -27.31
CA SER A 1481 -0.36 -22.62 -28.11
C SER A 1481 -1.62 -21.91 -27.62
N LYS A 1482 -1.63 -21.49 -26.37
CA LYS A 1482 -2.76 -20.76 -25.79
C LYS A 1482 -2.64 -19.26 -25.91
N GLU A 1483 -1.44 -18.71 -25.72
CA GLU A 1483 -1.27 -17.26 -25.80
C GLU A 1483 -1.39 -16.76 -27.23
N TYR A 1484 -0.86 -17.50 -28.20
CA TYR A 1484 -1.00 -17.11 -29.59
C TYR A 1484 -2.46 -17.12 -30.01
N ALA A 1485 -3.24 -18.07 -29.49
CA ALA A 1485 -4.68 -18.09 -29.76
C ALA A 1485 -5.36 -16.88 -29.15
N TRP A 1486 -4.85 -16.40 -28.00
CA TRP A 1486 -5.44 -15.23 -27.35
C TRP A 1486 -5.30 -13.99 -28.23
N LYS A 1487 -4.10 -13.77 -28.79
CA LYS A 1487 -3.90 -12.62 -29.66
C LYS A 1487 -4.64 -12.81 -30.99
N ASP A 1488 -4.69 -14.05 -31.50
CA ASP A 1488 -5.41 -14.30 -32.74
C ASP A 1488 -6.90 -13.99 -32.58
N PHE A 1489 -7.46 -14.31 -31.42
CA PHE A 1489 -8.84 -13.92 -31.13
C PHE A 1489 -8.97 -12.40 -31.10
N LEU A 1490 -7.99 -11.71 -30.51
CA LEU A 1490 -8.02 -10.25 -30.48
C LEU A 1490 -7.94 -9.67 -31.89
N ASN A 1491 -7.08 -10.24 -32.73
CA ASN A 1491 -6.95 -9.79 -34.11
C ASN A 1491 -8.10 -10.27 -35.00
N GLY A 1492 -8.87 -11.25 -34.55
CA GLY A 1492 -10.00 -11.74 -35.32
C GLY A 1492 -11.31 -11.13 -34.89
N ILE A 1493 -11.24 -9.99 -34.21
CA ILE A 1493 -12.41 -9.31 -33.68
C ILE A 1493 -12.60 -8.01 -34.43
N HIS A 1494 -13.84 -7.51 -34.41
CA HIS A 1494 -14.19 -6.24 -35.02
C HIS A 1494 -15.07 -5.45 -34.07
N CYS A 1495 -15.01 -4.12 -34.19
CA CYS A 1495 -15.79 -3.24 -33.34
C CYS A 1495 -16.46 -2.16 -34.18
N ASP A 1496 -17.68 -1.80 -33.79
CA ASP A 1496 -18.43 -0.74 -34.44
C ASP A 1496 -19.27 -0.02 -33.40
N VAL A 1497 -19.41 1.28 -33.57
CA VAL A 1497 -20.12 2.14 -32.61
C VAL A 1497 -21.56 2.29 -33.06
N ILE A 1498 -22.49 2.10 -32.12
CA ILE A 1498 -23.92 2.29 -32.38
C ILE A 1498 -24.40 3.46 -31.54
N PRO A 1499 -25.37 4.24 -32.01
CA PRO A 1499 -25.76 5.45 -31.27
C PRO A 1499 -26.58 5.13 -30.02
N THR A 1500 -25.92 5.22 -28.86
CA THR A 1500 -26.57 5.12 -27.56
C THR A 1500 -25.58 5.53 -26.47
N LYS A 1501 -25.98 6.44 -25.58
CA LYS A 1501 -25.10 6.84 -24.50
C LYS A 1501 -24.96 5.72 -23.48
N GLN A 1502 -23.77 5.60 -22.90
CA GLN A 1502 -23.45 4.50 -22.00
C GLN A 1502 -23.86 4.87 -20.58
N VAL A 1503 -24.94 4.26 -20.10
CA VAL A 1503 -25.39 4.41 -18.72
C VAL A 1503 -24.89 3.18 -17.96
N GLN A 1504 -23.88 3.40 -17.10
CA GLN A 1504 -23.28 2.29 -16.38
C GLN A 1504 -24.26 1.69 -15.39
N ARG A 1505 -24.28 0.37 -15.30
CA ARG A 1505 -25.13 -0.36 -14.39
C ARG A 1505 -24.34 -0.74 -13.14
N ALA A 1506 -24.95 -1.53 -12.27
CA ALA A 1506 -24.28 -1.97 -11.05
C ALA A 1506 -23.12 -2.90 -11.41
N LYS A 1507 -21.98 -2.69 -10.77
CA LYS A 1507 -20.79 -3.50 -11.02
C LYS A 1507 -20.82 -4.76 -10.17
N VAL A 1508 -20.26 -5.84 -10.73
CA VAL A 1508 -20.13 -7.11 -10.04
C VAL A 1508 -18.69 -7.59 -10.20
N ALA A 1509 -18.36 -8.65 -9.45
CA ALA A 1509 -17.04 -9.25 -9.48
C ALA A 1509 -17.14 -10.68 -10.01
N ARG A 1510 -16.27 -11.02 -10.95
CA ARG A 1510 -16.23 -12.34 -11.57
C ARG A 1510 -14.80 -12.88 -11.52
N THR A 1511 -14.62 -14.10 -12.02
CA THR A 1511 -13.34 -14.79 -11.96
C THR A 1511 -12.86 -15.12 -13.36
N PHE A 1512 -11.53 -15.13 -13.52
CA PHE A 1512 -10.89 -15.47 -14.79
C PHE A 1512 -10.35 -16.89 -14.73
N THR A 1513 -10.72 -17.71 -15.71
CA THR A 1513 -10.24 -19.08 -15.78
C THR A 1513 -9.52 -19.34 -17.10
N ALA A 1527 7.23 -31.76 -7.95
CA ALA A 1527 6.70 -32.96 -7.33
C ALA A 1527 7.19 -34.21 -8.04
N VAL A 1528 6.51 -34.56 -9.14
CA VAL A 1528 6.90 -35.72 -9.92
C VAL A 1528 8.25 -35.51 -10.61
N ILE A 1529 8.66 -34.26 -10.81
CA ILE A 1529 9.95 -33.98 -11.41
C ILE A 1529 11.07 -34.50 -10.53
N GLY A 1530 10.90 -34.41 -9.21
CA GLY A 1530 11.85 -35.03 -8.31
C GLY A 1530 11.93 -36.54 -8.49
N TYR A 1531 10.78 -37.17 -8.74
CA TYR A 1531 10.77 -38.60 -9.03
C TYR A 1531 11.53 -38.90 -10.32
N LYS A 1532 11.39 -38.03 -11.32
CA LYS A 1532 12.00 -38.29 -12.63
C LYS A 1532 13.51 -38.49 -12.51
N PHE A 1533 14.18 -37.74 -11.63
CA PHE A 1533 15.61 -37.86 -11.45
C PHE A 1533 15.99 -38.56 -10.14
N ALA A 1534 15.02 -39.13 -9.44
CA ALA A 1534 15.27 -39.71 -8.13
C ALA A 1534 16.18 -40.93 -8.23
N VAL A 1535 17.09 -41.06 -7.27
CA VAL A 1535 18.06 -42.15 -7.27
C VAL A 1535 17.99 -42.94 -5.96
N THR A 1536 18.26 -42.27 -4.85
CA THR A 1536 18.43 -42.95 -3.58
C THR A 1536 17.08 -43.16 -2.88
N VAL A 1537 17.11 -44.01 -1.85
CA VAL A 1537 15.90 -44.31 -1.10
C VAL A 1537 15.45 -43.08 -0.29
N GLU A 1538 16.40 -42.32 0.26
CA GLU A 1538 16.04 -41.12 0.98
C GLU A 1538 15.37 -40.11 0.07
N GLU A 1539 15.87 -39.95 -1.16
CA GLU A 1539 15.21 -39.08 -2.12
C GLU A 1539 13.82 -39.60 -2.47
N MET A 1540 13.66 -40.93 -2.56
CA MET A 1540 12.35 -41.52 -2.80
C MET A 1540 11.37 -41.13 -1.68
N SER A 1541 11.82 -41.26 -0.44
CA SER A 1541 10.95 -40.88 0.68
C SER A 1541 10.63 -39.40 0.64
N ASP A 1542 11.61 -38.56 0.30
CA ASP A 1542 11.39 -37.13 0.23
C ASP A 1542 10.32 -36.78 -0.81
N VAL A 1543 10.43 -37.35 -2.01
CA VAL A 1543 9.47 -37.00 -3.05
C VAL A 1543 8.10 -37.57 -2.73
N LEU A 1544 8.06 -38.79 -2.18
CA LEU A 1544 6.77 -39.39 -1.82
C LEU A 1544 6.06 -38.57 -0.75
N ASP A 1545 6.80 -38.09 0.25
CA ASP A 1545 6.19 -37.27 1.29
C ASP A 1545 5.79 -35.89 0.76
N THR A 1546 6.57 -35.35 -0.19
CA THR A 1546 6.26 -34.03 -0.73
C THR A 1546 4.93 -34.03 -1.48
N ALA A 1547 4.68 -35.08 -2.25
CA ALA A 1547 3.46 -35.17 -3.06
C ALA A 1547 2.22 -35.29 -2.18
N ARG A 1592 -7.67 -14.84 -10.45
CA ARG A 1592 -7.74 -13.50 -11.02
C ARG A 1592 -9.18 -12.98 -11.02
N VAL A 1593 -9.51 -12.17 -10.03
CA VAL A 1593 -10.86 -11.63 -9.90
C VAL A 1593 -10.92 -10.28 -10.58
N VAL A 1594 -11.93 -10.10 -11.44
CA VAL A 1594 -12.12 -8.88 -12.21
C VAL A 1594 -13.45 -8.25 -11.81
N ILE A 1595 -13.59 -6.97 -12.15
CA ILE A 1595 -14.81 -6.21 -11.90
C ILE A 1595 -15.42 -5.85 -13.24
N VAL A 1596 -16.67 -6.25 -13.46
CA VAL A 1596 -17.36 -6.05 -14.72
C VAL A 1596 -18.74 -5.47 -14.43
N GLN A 1597 -19.52 -5.29 -15.49
CA GLN A 1597 -20.88 -4.80 -15.35
C GLN A 1597 -21.81 -5.96 -14.96
N GLY A 1598 -23.08 -5.62 -14.71
CA GLY A 1598 -24.04 -6.63 -14.28
C GLY A 1598 -24.33 -7.65 -15.38
N ASN A 1599 -24.50 -7.18 -16.62
CA ASN A 1599 -24.89 -8.08 -17.69
C ASN A 1599 -23.77 -9.03 -18.11
N VAL A 1600 -22.54 -8.76 -17.71
CA VAL A 1600 -21.40 -9.57 -18.13
C VAL A 1600 -21.35 -10.85 -17.31
N GLU A 1601 -21.30 -11.99 -17.99
CA GLU A 1601 -21.23 -13.28 -17.31
C GLU A 1601 -19.79 -13.61 -16.95
N GLY A 1602 -19.59 -14.79 -16.38
CA GLY A 1602 -18.29 -15.19 -15.88
C GLY A 1602 -17.48 -16.05 -16.83
N THR A 1603 -17.84 -16.03 -18.11
CA THR A 1603 -17.09 -16.79 -19.10
C THR A 1603 -15.71 -16.19 -19.30
N ALA A 1604 -14.73 -17.05 -19.59
CA ALA A 1604 -13.36 -16.61 -19.78
C ALA A 1604 -13.20 -15.65 -20.95
N GLU A 1605 -14.09 -15.73 -21.94
CA GLU A 1605 -14.05 -14.83 -23.09
C GLU A 1605 -15.05 -13.69 -23.01
N ALA A 1606 -16.10 -13.84 -22.20
CA ALA A 1606 -17.08 -12.75 -22.04
C ALA A 1606 -16.44 -11.54 -21.39
N ILE A 1607 -15.49 -11.74 -20.47
CA ILE A 1607 -14.81 -10.61 -19.84
C ILE A 1607 -13.95 -9.87 -20.85
N CYS A 1608 -13.26 -10.60 -21.73
CA CYS A 1608 -12.50 -9.94 -22.79
C CYS A 1608 -13.42 -9.19 -23.74
N ARG A 1609 -14.57 -9.79 -24.06
CA ARG A 1609 -15.55 -9.10 -24.91
C ARG A 1609 -16.03 -7.82 -24.24
N TYR A 1610 -16.26 -7.86 -22.92
CA TYR A 1610 -16.66 -6.66 -22.19
C TYR A 1610 -15.55 -5.62 -22.20
N TRP A 1611 -14.30 -6.05 -22.04
CA TRP A 1611 -13.19 -5.10 -22.08
C TRP A 1611 -13.10 -4.41 -23.44
N LEU A 1612 -13.30 -5.17 -24.52
CA LEU A 1612 -13.38 -4.56 -25.84
C LEU A 1612 -14.59 -3.63 -25.97
N LYS A 1613 -15.73 -4.02 -25.41
CA LYS A 1613 -16.94 -3.22 -25.52
C LYS A 1613 -16.82 -1.89 -24.77
N SER A 1614 -16.08 -1.88 -23.67
CA SER A 1614 -15.89 -0.68 -22.85
C SER A 1614 -14.79 0.21 -23.38
N MET A 1615 -14.41 0.06 -24.65
CA MET A 1615 -13.35 0.89 -25.22
C MET A 1615 -13.72 2.37 -25.19
N SER A 1616 -14.95 2.70 -25.55
CA SER A 1616 -15.43 4.08 -25.55
C SER A 1616 -16.18 4.34 -24.26
N LEU A 1617 -15.82 5.43 -23.57
CA LEU A 1617 -16.41 5.74 -22.29
C LEU A 1617 -17.82 6.30 -22.40
N VAL A 1618 -18.22 6.79 -23.58
CA VAL A 1618 -19.51 7.43 -23.77
C VAL A 1618 -20.38 6.66 -24.75
N LYS A 1619 -19.85 6.32 -25.92
CA LYS A 1619 -20.63 5.69 -26.97
C LYS A 1619 -20.48 4.17 -26.89
N THR A 1620 -21.62 3.48 -26.82
CA THR A 1620 -21.59 2.03 -26.78
C THR A 1620 -21.16 1.45 -28.12
N ILE A 1621 -20.51 0.28 -28.07
CA ILE A 1621 -20.07 -0.42 -29.26
C ILE A 1621 -20.51 -1.88 -29.16
N ARG A 1622 -20.52 -2.55 -30.31
CA ARG A 1622 -20.92 -3.95 -30.40
C ARG A 1622 -19.77 -4.75 -30.99
N VAL A 1623 -19.48 -5.90 -30.40
CA VAL A 1623 -18.41 -6.77 -30.88
C VAL A 1623 -18.89 -7.57 -32.08
MG MG D . -14.41 -1.12 7.62
#